data_6G7E
#
_entry.id   6G7E
#
_cell.length_a   93.134
_cell.length_b   96.850
_cell.length_c   129.640
_cell.angle_alpha   90.00
_cell.angle_beta   97.55
_cell.angle_gamma   90.00
#
_symmetry.space_group_name_H-M   'P 1 21 1'
#
_entity_poly.entity_id   1
_entity_poly.type   'polypeptide(L)'
_entity_poly.pdbx_seq_one_letter_code
;(MSE)ATRLDRLVTILETGSTRLIRDTAVNQLADWQKQHPEELFNLLSRVVPYLRHKDWETRTTAAKAIGKIIENAPLYD
PNAGQDEAAPEPTNGSFEVKKEEEKDVLEQDNFFRLESLDVATIVKYGRPLLRGGPVDYNLAALDPQKRLAHLKKTLNGR
LGLLGRVFEDEE(MSE)PVEQIASPITPNDAAGANGVGRQDGASNDNQSQAIDESK(MSE)SARQLNVLKRKRKREAQKA
AQGKSGFGDLSLRRSTTAGSDAFGEDTP(MSE)PDADSKKNKLAEYFSLDRPENTEEDTKIVSEFKGPVLPIKSEIEADD
SLEGAEWPFERLCEFLKVDLFDPQWETRHGAA(MSE)GLREVIRVHGAGAGRRRGKTRKENNDLNRQWLDDLAYRLLCVL
(MSE)LDKFTDYSSDTSVAPIRETVGQTLGAVLRHISVESVHAIYRLLYC(MSE)VTQEDLPSEQN(MSE)WAVCHGG
(MSE)VGLRYVVAVRKDLLLQDGD(MSE)IDGVVRCV(MSE)QGLGDIDDDVRSVSAATLIP(MSE)AKEFV(MSE)
(MSE)RRSALDSLINIVWESLSNLGDDLSASTGKI(MSE)DLLATLCSFPEVLEA(MSE)KVSASQDEERSFTLLVPRLY
PFLRHTITSVRLAVLKAL(MSE)TFANLGGETSQGWLNGRILRLIFQNIIVERDQDTLN(MSE)SLELWTTLVRRLAARD
PAILADEFEAHAEP(MSE)(MSE)QLALHPIGVPRHPIP(MSE)NPALFQKPSGGTYSLPGASQTNSRRSSPPEGERATK
RRRKSTKAEDVAPSTHTHDVDGH(MSE)IQGEVDLVGVDVLIRSRISAAKA(MSE)GLI(MSE)SFIPTPRLASYDTAVL
QALSSPYASTQLAAA(MSE)VIDEYAKNCSTPEVASRFIEPLQKIIDLERPSHYRDLVTYVQRVRSASQQLINLFRDHGK
VSQGKLPTLAVVVQGEPEAGPGAFSIANAEKVVNEDFERLKRL(MSE)APGQRLIALPQLNEAREQTVEVIEEAKAAKEA
RDARIKAAAACALVA(MSE)KVLPKKPSPLIKAI(MSE)DSIKTEENQELQSRSAATIARLVQLFTESGRRGPAEKVVAN
LVKFSCVEVAETPEFPIHAHKTNVILS(MSE)QKEEDRVDHPDAVKYAREAKAARITRRGAKEALEILSKNFGAELLERV
PTLRTF(MSE)EEPLVRAFSGDLPPEARDPENAFGQEIVDA(MSE)SVIRT(MSE)TPTLHPALHPFV(MSE)QQVPLVI
KALRSDLSVFRY(MSE)AAKC(MSE)ATICSVITVDG(MSE)TALVEKVLPSINNPLDLSFRQGAIEVIYHLIAV(MSE)
GDAILPYVIFLIVPVLGR(MSE)SDSDNQIRLIATTSFATLVKLVPLEAGIPDPPGLSEELLKGRDRERTFIAQLLDPKK
IEPFKIPVAIKAELRSYQQEGVNWLAFLNKYHLHGILCDD(MSE)GLGKTLQTICIVASDHHQRAEEFARTGAPEVRKLP
SLIICPPTLSGHWQQEIKTYAPFLTVTAYVGSPAERRA(MSE)KDSLDKTDIVITSYDVCRNDIDVIEKYNWNYCVLDQG
HLIKNPKAKITLAVKRLTSNHRLILTGTPIQNNVLELWSLFDFL(MSE)PGFLGAEKVFLDRFAKPIANSRYSKASSKEQ
EAGALAIEALHKQVLPFLLRRLKEEVLNDLPPKILQNYYCDLSDLQRKLFEDFTKREGKKITETAGRDDKEAKQHIFQAL
QY(MSE)RKLCNSPALV(MSE)KPGHKAYEDTQKYLAKHGTTLEDPIHAPKLGALRDLLVDCGIGVEGQESSDPLYTPIK
PHRALIFCQ(MSE)KE(MSE)LD(MSE)VQNTVLKQ(MSE)LPSVSYLRLDGSVEANKRQDIVNKFNSDPSYDVLLLTTS
VGGLGLNLTGADTVIFVEHDWNPQKDLQA(MSE)DRAHRIGQKKVVNVYRIITRGTLEEKILSLQRFKIDVASTVVNQQN
AGLAT(MSE)DTDQILDLFNLGESGPSLITDNKESIELEVLFQGPHHHHHHHH
;
_entity_poly.pdbx_strand_id   B
#
# COMPACT_ATOMS: atom_id res chain seq x y z
N ALA A 2 7.36 -28.78 -6.00
CA ALA A 2 6.63 -28.94 -7.25
C ALA A 2 6.85 -27.74 -8.17
N THR A 3 6.04 -27.65 -9.22
CA THR A 3 6.18 -26.57 -10.19
C THR A 3 5.73 -25.24 -9.58
N ARG A 4 5.90 -24.16 -10.35
CA ARG A 4 5.51 -22.84 -9.87
C ARG A 4 4.00 -22.76 -9.65
N LEU A 5 3.22 -23.26 -10.61
CA LEU A 5 1.76 -23.12 -10.52
C LEU A 5 1.20 -23.88 -9.33
N ASP A 6 1.73 -25.06 -9.05
CA ASP A 6 1.25 -25.82 -7.89
C ASP A 6 1.59 -25.11 -6.59
N ARG A 7 2.81 -24.58 -6.48
CA ARG A 7 3.18 -23.82 -5.29
C ARG A 7 2.42 -22.50 -5.23
N LEU A 8 2.04 -21.95 -6.38
CA LEU A 8 1.31 -20.69 -6.38
C LEU A 8 -0.14 -20.87 -5.92
N VAL A 9 -0.77 -21.98 -6.33
CA VAL A 9 -2.15 -22.23 -5.95
C VAL A 9 -2.23 -22.67 -4.48
N THR A 10 -1.25 -23.44 -4.01
CA THR A 10 -1.27 -23.91 -2.63
C THR A 10 -1.14 -22.79 -1.62
N ILE A 11 -0.76 -21.58 -2.05
CA ILE A 11 -0.71 -20.45 -1.13
C ILE A 11 -2.12 -19.98 -0.77
N LEU A 12 -3.10 -20.22 -1.65
CA LEU A 12 -4.49 -19.89 -1.34
C LEU A 12 -4.95 -20.62 -0.09
N GLU A 13 -4.40 -21.80 0.19
CA GLU A 13 -4.77 -22.53 1.39
C GLU A 13 -3.94 -22.09 2.60
N THR A 14 -2.64 -21.88 2.41
CA THR A 14 -1.72 -21.64 3.52
C THR A 14 -1.14 -20.23 3.52
N GLY A 15 -1.89 -19.25 3.03
CA GLY A 15 -1.47 -17.87 3.12
C GLY A 15 -1.65 -17.32 4.52
N SER A 16 -0.54 -16.97 5.17
CA SER A 16 -0.58 -16.66 6.60
C SER A 16 -1.26 -15.33 6.87
N THR A 17 -1.05 -14.33 6.03
CA THR A 17 -1.71 -13.03 6.16
C THR A 17 -2.65 -12.80 4.99
N ARG A 18 -3.36 -11.67 5.03
CA ARG A 18 -4.24 -11.32 3.92
C ARG A 18 -3.43 -10.86 2.71
N LEU A 19 -2.33 -10.15 2.95
CA LEU A 19 -1.50 -9.67 1.84
C LEU A 19 -0.87 -10.82 1.07
N ILE A 20 -0.52 -11.91 1.77
CA ILE A 20 0.07 -13.07 1.10
C ILE A 20 -0.98 -13.81 0.29
N ARG A 21 -2.22 -13.86 0.78
CA ARG A 21 -3.28 -14.54 0.05
C ARG A 21 -3.74 -13.73 -1.16
N ASP A 22 -3.87 -12.41 -1.00
CA ASP A 22 -4.31 -11.58 -2.12
C ASP A 22 -3.23 -11.45 -3.19
N THR A 23 -1.96 -11.55 -2.81
CA THR A 23 -0.89 -11.54 -3.80
C THR A 23 -0.95 -12.78 -4.68
N ALA A 24 -1.34 -13.92 -4.11
CA ALA A 24 -1.41 -15.16 -4.90
C ALA A 24 -2.56 -15.13 -5.90
N VAL A 25 -3.66 -14.45 -5.57
CA VAL A 25 -4.77 -14.41 -6.52
C VAL A 25 -4.47 -13.45 -7.67
N ASN A 26 -3.64 -12.43 -7.44
CA ASN A 26 -3.26 -11.54 -8.53
C ASN A 26 -2.22 -12.18 -9.43
N GLN A 27 -1.37 -13.06 -8.89
CA GLN A 27 -0.45 -13.81 -9.74
C GLN A 27 -1.21 -14.73 -10.69
N LEU A 28 -2.23 -15.42 -10.19
CA LEU A 28 -3.04 -16.27 -11.05
C LEU A 28 -3.85 -15.45 -12.05
N ALA A 29 -4.32 -14.28 -11.62
CA ALA A 29 -5.04 -13.40 -12.54
C ALA A 29 -4.11 -12.84 -13.61
N ASP A 30 -2.88 -12.47 -13.22
CA ASP A 30 -1.91 -12.00 -14.20
C ASP A 30 -1.50 -13.13 -15.14
N TRP A 31 -1.36 -14.34 -14.61
CA TRP A 31 -1.01 -15.49 -15.45
C TRP A 31 -2.07 -15.74 -16.52
N GLN A 32 -3.34 -15.46 -16.21
CA GLN A 32 -4.39 -15.55 -17.22
C GLN A 32 -4.37 -14.35 -18.16
N LYS A 33 -3.99 -13.17 -17.66
CA LYS A 33 -3.97 -11.98 -18.49
C LYS A 33 -2.91 -12.07 -19.57
N GLN A 34 -1.75 -12.64 -19.25
CA GLN A 34 -0.68 -12.75 -20.24
C GLN A 34 -0.83 -13.99 -21.11
N HIS A 35 -1.39 -15.07 -20.56
CA HIS A 35 -1.60 -16.32 -21.28
C HIS A 35 -3.10 -16.66 -21.22
N PRO A 36 -3.91 -16.04 -22.07
CA PRO A 36 -5.36 -16.30 -22.02
C PRO A 36 -5.75 -17.72 -22.37
N GLU A 37 -4.85 -18.49 -23.00
CA GLU A 37 -5.18 -19.87 -23.37
C GLU A 37 -5.01 -20.85 -22.21
N GLU A 38 -4.40 -20.42 -21.10
CA GLU A 38 -4.24 -21.27 -19.92
C GLU A 38 -5.37 -21.09 -18.92
N LEU A 39 -6.58 -20.75 -19.39
CA LEU A 39 -7.69 -20.50 -18.48
C LEU A 39 -8.08 -21.75 -17.71
N PHE A 40 -8.26 -22.86 -18.41
CA PHE A 40 -8.73 -24.09 -17.78
C PHE A 40 -7.62 -24.87 -17.07
N ASN A 41 -6.38 -24.39 -17.14
CA ASN A 41 -5.32 -24.96 -16.32
C ASN A 41 -5.22 -24.30 -14.95
N LEU A 42 -5.50 -23.00 -14.89
CA LEU A 42 -5.57 -22.31 -13.60
C LEU A 42 -6.87 -22.61 -12.87
N LEU A 43 -7.99 -22.65 -13.60
CA LEU A 43 -9.28 -22.91 -12.96
C LEU A 43 -9.37 -24.33 -12.43
N SER A 44 -8.82 -25.31 -13.15
CA SER A 44 -8.88 -26.69 -12.71
C SER A 44 -8.05 -26.96 -11.46
N ARG A 45 -7.41 -25.94 -10.88
CA ARG A 45 -6.68 -26.10 -9.64
C ARG A 45 -7.17 -25.21 -8.51
N VAL A 46 -7.91 -24.14 -8.82
CA VAL A 46 -8.55 -23.36 -7.78
C VAL A 46 -9.99 -23.84 -7.51
N VAL A 47 -10.64 -24.42 -8.52
CA VAL A 47 -11.98 -24.96 -8.33
C VAL A 47 -12.01 -26.09 -7.30
N PRO A 48 -11.06 -27.03 -7.28
CA PRO A 48 -11.06 -28.03 -6.20
C PRO A 48 -11.00 -27.44 -4.81
N TYR A 49 -10.47 -26.22 -4.65
CA TYR A 49 -10.42 -25.59 -3.34
C TYR A 49 -11.76 -25.02 -2.89
N LEU A 50 -12.79 -25.06 -3.75
CA LEU A 50 -14.12 -24.61 -3.33
C LEU A 50 -14.77 -25.60 -2.37
N ARG A 51 -14.35 -26.86 -2.37
CA ARG A 51 -14.84 -27.87 -1.45
C ARG A 51 -14.03 -27.92 -0.16
N HIS A 52 -13.09 -27.00 0.03
CA HIS A 52 -12.21 -27.06 1.19
C HIS A 52 -13.01 -26.90 2.48
N LYS A 53 -12.52 -27.52 3.55
CA LYS A 53 -13.22 -27.50 4.83
C LYS A 53 -13.03 -26.21 5.60
N ASP A 54 -12.17 -25.30 5.12
CA ASP A 54 -11.91 -24.04 5.79
C ASP A 54 -12.68 -22.90 5.11
N TRP A 55 -13.11 -21.94 5.93
CA TRP A 55 -13.91 -20.83 5.41
C TRP A 55 -13.07 -19.90 4.55
N GLU A 56 -11.90 -19.49 5.04
CA GLU A 56 -11.08 -18.53 4.32
C GLU A 56 -10.55 -19.12 3.01
N THR A 57 -10.21 -20.41 3.02
CA THR A 57 -9.72 -21.05 1.80
C THR A 57 -10.80 -21.05 0.72
N ARG A 58 -12.05 -21.34 1.10
CA ARG A 58 -13.15 -21.26 0.14
C ARG A 58 -13.37 -19.84 -0.34
N THR A 59 -13.27 -18.86 0.58
CA THR A 59 -13.42 -17.47 0.20
C THR A 59 -12.32 -17.02 -0.74
N THR A 60 -11.07 -17.36 -0.40
CA THR A 60 -9.94 -16.97 -1.23
C THR A 60 -9.99 -17.64 -2.61
N ALA A 61 -10.32 -18.93 -2.64
CA ALA A 61 -10.39 -19.64 -3.91
C ALA A 61 -11.49 -19.07 -4.80
N ALA A 62 -12.64 -18.70 -4.20
CA ALA A 62 -13.69 -18.06 -4.99
C ALA A 62 -13.28 -16.68 -5.47
N LYS A 63 -12.42 -15.99 -4.71
CA LYS A 63 -11.92 -14.70 -5.14
C LYS A 63 -11.00 -14.83 -6.35
N ALA A 64 -10.13 -15.85 -6.34
CA ALA A 64 -9.23 -16.05 -7.47
C ALA A 64 -10.00 -16.39 -8.73
N ILE A 65 -11.07 -17.17 -8.61
CA ILE A 65 -11.92 -17.47 -9.76
C ILE A 65 -12.54 -16.18 -10.31
N GLY A 66 -12.87 -15.24 -9.42
CA GLY A 66 -13.39 -13.97 -9.87
C GLY A 66 -12.37 -13.15 -10.63
N LYS A 67 -11.13 -13.12 -10.15
CA LYS A 67 -10.09 -12.33 -10.80
C LYS A 67 -9.60 -12.98 -12.08
N ILE A 68 -9.46 -14.30 -12.09
CA ILE A 68 -9.01 -15.00 -13.29
C ILE A 68 -10.02 -14.85 -14.41
N ILE A 69 -11.32 -14.92 -14.09
CA ILE A 69 -12.35 -14.88 -15.12
C ILE A 69 -12.50 -13.48 -15.70
N GLU A 70 -12.24 -12.43 -14.90
CA GLU A 70 -12.30 -11.07 -15.43
C GLU A 70 -11.29 -10.86 -16.55
N ASN A 71 -10.17 -11.59 -16.52
CA ASN A 71 -9.16 -11.51 -17.57
C ASN A 71 -9.42 -12.50 -18.70
N ALA A 72 -10.66 -12.95 -18.86
CA ALA A 72 -11.06 -13.80 -19.97
C ALA A 72 -12.03 -13.04 -20.88
N PRO A 73 -11.88 -13.17 -22.20
CA PRO A 73 -12.75 -12.40 -23.09
C PRO A 73 -14.19 -12.88 -23.01
N LEU A 74 -15.10 -11.92 -22.97
CA LEU A 74 -16.53 -12.23 -22.96
C LEU A 74 -16.90 -13.03 -24.21
N TYR A 75 -17.92 -13.86 -24.08
CA TYR A 75 -18.27 -14.84 -25.11
C TYR A 75 -19.47 -14.34 -25.90
N ASP A 76 -19.19 -13.78 -27.08
CA ASP A 76 -20.22 -13.43 -28.05
C ASP A 76 -20.02 -14.28 -29.28
N PRO A 77 -20.97 -15.13 -29.66
CA PRO A 77 -20.75 -16.02 -30.81
C PRO A 77 -21.22 -15.41 -32.12
N ASN A 78 -21.35 -14.09 -32.16
CA ASN A 78 -21.79 -13.41 -33.37
C ASN A 78 -21.00 -12.12 -33.61
N ASN A 108 -33.47 -30.87 -20.68
CA ASN A 108 -32.76 -31.02 -19.41
C ASN A 108 -32.79 -29.74 -18.59
N PHE A 109 -33.37 -28.69 -19.18
CA PHE A 109 -33.49 -27.42 -18.49
C PHE A 109 -34.69 -27.44 -17.54
N PHE A 110 -34.82 -26.36 -16.77
CA PHE A 110 -35.94 -26.17 -15.86
C PHE A 110 -36.72 -24.93 -16.25
N ARG A 111 -38.04 -25.03 -16.23
CA ARG A 111 -38.91 -23.91 -16.53
C ARG A 111 -39.24 -23.18 -15.23
N LEU A 112 -38.92 -21.88 -15.19
CA LEU A 112 -39.17 -21.11 -13.98
C LEU A 112 -40.65 -20.98 -13.68
N GLU A 113 -41.49 -20.91 -14.72
CA GLU A 113 -42.93 -20.74 -14.51
C GLU A 113 -43.54 -21.98 -13.85
N SER A 114 -43.12 -23.17 -14.28
CA SER A 114 -43.65 -24.42 -13.74
C SER A 114 -42.88 -24.83 -12.48
N LEU A 115 -42.97 -23.98 -11.46
CA LEU A 115 -42.35 -24.23 -10.16
C LEU A 115 -43.43 -24.14 -9.09
N ASP A 116 -43.61 -25.22 -8.35
CA ASP A 116 -44.59 -25.30 -7.27
C ASP A 116 -43.86 -25.22 -5.93
N VAL A 117 -44.18 -24.19 -5.14
CA VAL A 117 -43.54 -24.01 -3.85
C VAL A 117 -43.94 -25.13 -2.88
N ALA A 118 -45.17 -25.62 -2.99
CA ALA A 118 -45.68 -26.59 -2.01
C ALA A 118 -44.98 -27.93 -2.15
N THR A 119 -44.69 -28.36 -3.39
CA THR A 119 -44.14 -29.70 -3.59
C THR A 119 -42.69 -29.78 -3.15
N ILE A 120 -41.91 -28.74 -3.39
CA ILE A 120 -40.48 -28.79 -3.07
C ILE A 120 -40.25 -28.67 -1.56
N VAL A 121 -41.00 -27.79 -0.90
CA VAL A 121 -40.85 -27.66 0.55
C VAL A 121 -41.30 -28.93 1.24
N LYS A 122 -42.35 -29.56 0.72
CA LYS A 122 -42.93 -30.75 1.36
C LYS A 122 -42.13 -32.00 1.04
N TYR A 123 -41.88 -32.26 -0.25
CA TYR A 123 -41.26 -33.50 -0.69
C TYR A 123 -39.74 -33.41 -0.83
N GLY A 124 -39.15 -32.22 -0.69
CA GLY A 124 -37.74 -32.04 -0.96
C GLY A 124 -36.82 -32.61 0.10
N ARG A 125 -35.52 -32.49 -0.16
CA ARG A 125 -34.49 -32.96 0.74
C ARG A 125 -33.96 -31.79 1.57
N PRO A 126 -34.19 -31.75 2.87
CA PRO A 126 -33.61 -30.68 3.69
C PRO A 126 -32.09 -30.80 3.72
N LEU A 127 -31.42 -29.71 3.35
CA LEU A 127 -29.96 -29.69 3.27
C LEU A 127 -29.40 -29.29 4.64
N LEU A 128 -28.62 -30.17 5.23
CA LEU A 128 -28.11 -30.01 6.58
C LEU A 128 -26.58 -30.03 6.60
N ARG A 129 -26.01 -29.84 7.78
CA ARG A 129 -24.60 -30.11 8.00
C ARG A 129 -24.32 -31.59 7.80
N GLY A 130 -23.41 -31.90 6.87
CA GLY A 130 -23.21 -33.28 6.46
C GLY A 130 -22.07 -34.02 7.12
N GLY A 131 -22.40 -34.96 7.99
CA GLY A 131 -21.45 -35.88 8.56
C GLY A 131 -21.16 -37.12 7.72
N PRO A 132 -22.19 -37.75 7.14
CA PRO A 132 -21.96 -38.99 6.40
C PRO A 132 -21.17 -38.77 5.11
N VAL A 133 -20.30 -39.73 4.82
CA VAL A 133 -19.56 -39.79 3.56
C VAL A 133 -19.77 -41.18 2.98
N ASP A 134 -20.40 -41.25 1.81
CA ASP A 134 -20.58 -42.53 1.12
C ASP A 134 -19.35 -42.77 0.26
N TYR A 135 -18.52 -43.74 0.66
CA TYR A 135 -17.24 -43.95 0.00
C TYR A 135 -17.41 -44.57 -1.38
N ASN A 136 -18.48 -45.35 -1.58
CA ASN A 136 -18.68 -46.00 -2.87
C ASN A 136 -18.85 -44.98 -3.99
N LEU A 137 -19.57 -43.89 -3.70
CA LEU A 137 -19.70 -42.83 -4.70
C LEU A 137 -18.41 -42.01 -4.83
N ALA A 138 -17.71 -41.81 -3.72
CA ALA A 138 -16.53 -40.95 -3.73
C ALA A 138 -15.45 -41.47 -4.68
N ALA A 139 -15.39 -42.78 -4.89
CA ALA A 139 -14.37 -43.39 -5.75
C ALA A 139 -14.87 -43.61 -7.18
N LEU A 140 -15.93 -42.91 -7.58
CA LEU A 140 -16.43 -43.05 -8.94
C LEU A 140 -15.66 -42.15 -9.91
N ASP A 141 -15.83 -42.44 -11.19
CA ASP A 141 -15.27 -41.58 -12.22
C ASP A 141 -15.86 -40.18 -12.06
N PRO A 142 -15.03 -39.12 -12.06
CA PRO A 142 -15.54 -37.77 -11.83
C PRO A 142 -16.74 -37.38 -12.69
N GLN A 143 -16.93 -38.02 -13.84
CA GLN A 143 -18.13 -37.75 -14.62
C GLN A 143 -19.23 -38.77 -14.33
N LYS A 144 -18.85 -40.03 -14.11
CA LYS A 144 -19.84 -41.01 -13.64
C LYS A 144 -20.39 -40.62 -12.27
N ARG A 145 -19.55 -40.02 -11.43
CA ARG A 145 -20.05 -39.44 -10.18
C ARG A 145 -21.00 -38.28 -10.44
N LEU A 146 -20.75 -37.51 -11.51
CA LEU A 146 -21.64 -36.42 -11.86
C LEU A 146 -22.90 -36.93 -12.55
N ALA A 147 -22.76 -37.93 -13.43
CA ALA A 147 -23.92 -38.48 -14.10
C ALA A 147 -24.88 -39.16 -13.14
N HIS A 148 -24.36 -39.71 -12.04
CA HIS A 148 -25.23 -40.33 -11.04
C HIS A 148 -25.99 -39.28 -10.24
N LEU A 149 -25.36 -38.14 -9.98
CA LEU A 149 -25.99 -37.08 -9.20
C LEU A 149 -27.00 -36.27 -10.01
N LYS A 150 -26.99 -36.38 -11.34
CA LYS A 150 -27.99 -35.71 -12.15
C LYS A 150 -29.27 -36.53 -12.28
N LYS A 151 -29.22 -37.84 -12.02
CA LYS A 151 -30.43 -38.64 -11.93
C LYS A 151 -31.09 -38.47 -10.56
N THR A 152 -30.27 -38.50 -9.50
CA THR A 152 -30.78 -38.34 -8.14
C THR A 152 -31.33 -36.95 -7.89
N LEU A 153 -30.96 -35.97 -8.72
CA LEU A 153 -31.32 -34.57 -8.44
C LEU A 153 -32.82 -34.36 -8.53
N ASN A 154 -33.47 -34.88 -9.59
CA ASN A 154 -34.90 -34.65 -9.76
C ASN A 154 -35.71 -35.22 -8.61
N GLY A 155 -35.23 -36.31 -8.00
CA GLY A 155 -35.93 -36.90 -6.86
C GLY A 155 -35.71 -36.13 -5.58
N ARG A 156 -34.48 -35.67 -5.35
CA ARG A 156 -34.17 -34.96 -4.12
C ARG A 156 -34.86 -33.60 -4.05
N LEU A 157 -35.16 -33.00 -5.20
CA LEU A 157 -35.87 -31.72 -5.21
C LEU A 157 -37.34 -31.85 -4.87
N GLY A 158 -37.87 -33.07 -4.80
CA GLY A 158 -39.29 -33.26 -4.56
C GLY A 158 -40.14 -33.16 -5.81
N LEU A 159 -39.53 -33.31 -7.00
CA LEU A 159 -40.31 -33.30 -8.23
C LEU A 159 -41.21 -34.52 -8.35
N LEU A 160 -40.94 -35.56 -7.57
CA LEU A 160 -41.86 -36.69 -7.45
C LEU A 160 -42.83 -36.44 -6.30
N GLY A 161 -43.96 -37.16 -6.34
CA GLY A 161 -44.95 -37.08 -5.29
C GLY A 161 -44.57 -37.71 -3.96
N ARG A 162 -43.32 -38.15 -3.80
CA ARG A 162 -42.87 -38.84 -2.59
C ARG A 162 -41.52 -38.27 -2.17
N VAL A 163 -41.08 -38.64 -0.97
CA VAL A 163 -39.75 -38.28 -0.51
C VAL A 163 -38.75 -39.28 -1.09
N PHE A 164 -37.76 -38.78 -1.81
CA PHE A 164 -36.81 -39.66 -2.48
C PHE A 164 -35.84 -40.26 -1.48
N GLU A 165 -35.60 -41.57 -1.61
CA GLU A 165 -34.67 -42.29 -0.76
C GLU A 165 -33.55 -42.87 -1.62
N ASP A 166 -32.31 -42.72 -1.15
CA ASP A 166 -31.12 -43.07 -1.94
C ASP A 166 -30.97 -44.57 -2.18
N GLU A 167 -31.91 -45.43 -1.78
CA GLU A 167 -31.86 -46.83 -2.16
C GLU A 167 -32.61 -47.11 -3.46
N GLU A 168 -33.37 -46.14 -3.97
CA GLU A 168 -33.98 -46.30 -5.29
C GLU A 168 -32.92 -46.29 -6.38
N MSE A 169 -31.91 -45.42 -6.25
CA MSE A 169 -30.80 -45.37 -7.20
C MSE A 169 -29.46 -45.48 -6.48
O MSE A 169 -28.92 -44.47 -6.01
CB MSE A 169 -30.85 -44.07 -8.01
CG MSE A 169 -32.11 -43.88 -8.83
SE MSE A 169 -32.06 -42.20 -9.84
CE MSE A 169 -33.81 -42.30 -10.70
N PRO A 170 -28.93 -46.70 -6.36
CA PRO A 170 -27.62 -46.91 -5.74
C PRO A 170 -26.45 -46.81 -6.72
N GLY A 308 -14.08 -23.04 -30.53
CA GLY A 308 -14.98 -22.10 -29.89
C GLY A 308 -16.43 -22.34 -30.28
N ALA A 309 -16.94 -23.53 -29.94
CA ALA A 309 -18.27 -23.95 -30.36
C ALA A 309 -19.36 -23.59 -29.37
N GLU A 310 -19.05 -23.48 -28.08
CA GLU A 310 -20.07 -23.27 -27.08
C GLU A 310 -19.50 -22.46 -25.93
N TRP A 311 -20.30 -22.31 -24.88
CA TRP A 311 -19.88 -21.58 -23.69
C TRP A 311 -18.72 -22.29 -23.02
N PRO A 312 -17.63 -21.57 -22.69
CA PRO A 312 -16.47 -22.25 -22.11
C PRO A 312 -16.72 -22.82 -20.73
N PHE A 313 -17.49 -22.13 -19.89
CA PHE A 313 -17.73 -22.55 -18.52
C PHE A 313 -18.98 -23.41 -18.36
N GLU A 314 -19.48 -24.01 -19.44
CA GLU A 314 -20.68 -24.83 -19.34
C GLU A 314 -20.38 -26.20 -18.76
N ARG A 315 -19.23 -26.77 -19.09
CA ARG A 315 -18.82 -28.02 -18.45
C ARG A 315 -18.52 -27.80 -16.98
N LEU A 316 -18.07 -26.59 -16.61
CA LEU A 316 -17.78 -26.28 -15.22
C LEU A 316 -19.04 -26.08 -14.40
N CYS A 317 -20.02 -25.36 -14.96
CA CYS A 317 -21.22 -25.01 -14.20
C CYS A 317 -22.10 -26.22 -13.90
N GLU A 318 -21.99 -27.30 -14.68
CA GLU A 318 -22.72 -28.52 -14.35
C GLU A 318 -22.28 -29.05 -13.00
N PHE A 319 -20.97 -29.06 -12.74
CA PHE A 319 -20.46 -29.49 -11.44
C PHE A 319 -20.92 -28.57 -10.32
N LEU A 320 -21.11 -27.28 -10.60
CA LEU A 320 -21.52 -26.35 -9.58
C LEU A 320 -23.02 -26.41 -9.31
N LYS A 321 -23.83 -26.49 -10.37
CA LYS A 321 -25.28 -26.58 -10.19
C LYS A 321 -25.69 -27.89 -9.55
N VAL A 322 -24.90 -28.94 -9.73
CA VAL A 322 -25.18 -30.22 -9.07
C VAL A 322 -24.75 -30.18 -7.61
N ASP A 323 -23.57 -29.63 -7.33
CA ASP A 323 -23.08 -29.53 -5.95
C ASP A 323 -23.84 -28.49 -5.13
N LEU A 324 -24.81 -27.79 -5.72
CA LEU A 324 -25.65 -26.89 -4.93
C LEU A 324 -26.51 -27.63 -3.94
N PHE A 325 -26.65 -28.95 -4.09
CA PHE A 325 -27.53 -29.75 -3.24
C PHE A 325 -26.78 -30.88 -2.53
N ASP A 326 -25.45 -30.80 -2.47
CA ASP A 326 -24.68 -31.82 -1.80
C ASP A 326 -24.93 -31.76 -0.29
N PRO A 327 -25.13 -32.90 0.37
CA PRO A 327 -25.30 -32.90 1.83
C PRO A 327 -24.25 -32.10 2.60
N GLN A 328 -23.01 -32.08 2.11
CA GLN A 328 -21.95 -31.33 2.79
C GLN A 328 -22.21 -29.83 2.64
N TRP A 329 -22.36 -29.13 3.77
CA TRP A 329 -22.64 -27.70 3.71
C TRP A 329 -21.42 -26.92 3.23
N GLU A 330 -20.21 -27.46 3.43
CA GLU A 330 -19.01 -26.79 2.93
C GLU A 330 -19.01 -26.75 1.41
N THR A 331 -19.45 -27.84 0.76
CA THR A 331 -19.45 -27.89 -0.70
C THR A 331 -20.51 -26.95 -1.27
N ARG A 332 -21.69 -26.90 -0.65
CA ARG A 332 -22.72 -25.96 -1.11
C ARG A 332 -22.26 -24.52 -0.95
N HIS A 333 -21.44 -24.24 0.06
CA HIS A 333 -20.93 -22.89 0.25
C HIS A 333 -20.01 -22.48 -0.89
N GLY A 334 -19.03 -23.33 -1.21
CA GLY A 334 -18.13 -23.02 -2.30
C GLY A 334 -18.79 -23.00 -3.66
N ALA A 335 -19.78 -23.88 -3.87
CA ALA A 335 -20.48 -23.92 -5.15
C ALA A 335 -21.28 -22.65 -5.39
N ALA A 336 -21.83 -22.05 -4.33
CA ALA A 336 -22.62 -20.83 -4.51
C ALA A 336 -21.74 -19.63 -4.83
N MSE A 337 -20.57 -19.56 -4.21
CA MSE A 337 -19.64 -18.45 -4.45
C MSE A 337 -19.03 -18.55 -5.84
O MSE A 337 -18.78 -17.53 -6.48
CB MSE A 337 -18.54 -18.43 -3.39
CG MSE A 337 -19.05 -18.36 -1.96
SE MSE A 337 -17.63 -18.09 -0.68
CE MSE A 337 -17.28 -16.19 -1.01
N GLY A 338 -18.78 -19.78 -6.29
CA GLY A 338 -18.27 -19.96 -7.64
C GLY A 338 -19.26 -19.50 -8.69
N LEU A 339 -20.54 -19.86 -8.53
CA LEU A 339 -21.57 -19.40 -9.45
C LEU A 339 -21.73 -17.88 -9.39
N ARG A 340 -21.49 -17.28 -8.23
CA ARG A 340 -21.60 -15.83 -8.13
C ARG A 340 -20.54 -15.13 -8.96
N GLU A 341 -19.30 -15.62 -8.93
CA GLU A 341 -18.22 -14.97 -9.65
C GLU A 341 -18.26 -15.25 -11.14
N VAL A 342 -18.78 -16.41 -11.55
CA VAL A 342 -18.86 -16.73 -12.97
C VAL A 342 -19.97 -15.90 -13.62
N ILE A 343 -21.13 -15.82 -12.98
CA ILE A 343 -22.26 -15.11 -13.57
C ILE A 343 -22.08 -13.60 -13.47
N ARG A 344 -21.32 -13.12 -12.48
CA ARG A 344 -21.12 -11.68 -12.34
C ARG A 344 -20.37 -11.10 -13.52
N VAL A 345 -19.35 -11.78 -14.01
CA VAL A 345 -18.56 -11.28 -15.13
C VAL A 345 -19.07 -11.81 -16.46
N HIS A 346 -19.50 -13.06 -16.49
CA HIS A 346 -19.79 -13.78 -17.72
C HIS A 346 -21.24 -14.26 -17.78
N GLY A 347 -22.16 -13.51 -17.19
CA GLY A 347 -23.54 -13.97 -17.11
C GLY A 347 -24.28 -13.94 -18.43
N ALA A 348 -23.95 -12.98 -19.31
CA ALA A 348 -24.72 -12.79 -20.52
C ALA A 348 -24.52 -13.93 -21.51
N GLY A 349 -23.30 -14.43 -21.64
CA GLY A 349 -23.00 -15.42 -22.65
C GLY A 349 -23.38 -16.85 -22.32
N ALA A 350 -23.84 -17.11 -21.10
CA ALA A 350 -24.16 -18.47 -20.70
C ALA A 350 -25.32 -19.03 -21.51
N GLY A 351 -25.20 -20.29 -21.92
CA GLY A 351 -26.24 -20.98 -22.65
C GLY A 351 -26.10 -20.92 -24.16
N ARG A 352 -25.49 -19.87 -24.69
CA ARG A 352 -25.38 -19.71 -26.14
C ARG A 352 -24.47 -20.77 -26.74
N ARG A 353 -24.68 -21.02 -28.03
CA ARG A 353 -23.92 -22.01 -28.78
C ARG A 353 -23.65 -21.49 -30.18
N ARG A 354 -22.43 -21.73 -30.66
CA ARG A 354 -22.04 -21.27 -31.99
C ARG A 354 -22.87 -21.99 -33.05
N GLY A 355 -23.33 -21.22 -34.04
CA GLY A 355 -24.16 -21.74 -35.09
C GLY A 355 -25.62 -21.33 -35.04
N LYS A 356 -25.92 -20.23 -34.35
CA LYS A 356 -27.30 -19.74 -34.22
C LYS A 356 -27.29 -18.22 -34.29
N THR A 357 -28.46 -17.66 -34.61
CA THR A 357 -28.60 -16.21 -34.67
C THR A 357 -28.75 -15.64 -33.26
N ARG A 358 -28.82 -14.31 -33.19
CA ARG A 358 -28.98 -13.65 -31.90
C ARG A 358 -30.28 -14.09 -31.21
N LYS A 359 -31.38 -14.11 -31.96
CA LYS A 359 -32.67 -14.46 -31.38
C LYS A 359 -32.75 -15.92 -30.96
N GLU A 360 -31.91 -16.79 -31.53
CA GLU A 360 -31.95 -18.20 -31.17
C GLU A 360 -31.32 -18.46 -29.80
N ASN A 361 -30.17 -17.85 -29.53
CA ASN A 361 -29.47 -18.07 -28.27
C ASN A 361 -29.70 -16.95 -27.25
N ASN A 362 -30.45 -15.91 -27.60
CA ASN A 362 -30.88 -14.94 -26.60
C ASN A 362 -31.87 -15.57 -25.63
N ASP A 363 -32.85 -16.31 -26.16
CA ASP A 363 -33.79 -17.04 -25.32
C ASP A 363 -33.18 -18.31 -24.76
N LEU A 364 -32.27 -18.94 -25.51
CA LEU A 364 -31.50 -20.05 -24.96
C LEU A 364 -30.66 -19.59 -23.78
N ASN A 365 -30.23 -18.32 -23.78
CA ASN A 365 -29.60 -17.75 -22.59
C ASN A 365 -30.64 -17.46 -21.51
N ARG A 366 -31.82 -16.97 -21.91
CA ARG A 366 -32.88 -16.71 -20.94
C ARG A 366 -33.33 -18.01 -20.27
N GLN A 367 -33.41 -19.09 -21.04
CA GLN A 367 -33.78 -20.39 -20.46
C GLN A 367 -32.70 -20.87 -19.49
N TRP A 368 -31.43 -20.67 -19.84
CA TRP A 368 -30.35 -21.12 -18.97
C TRP A 368 -30.30 -20.31 -17.68
N LEU A 369 -30.49 -19.00 -17.77
CA LEU A 369 -30.50 -18.17 -16.57
C LEU A 369 -31.73 -18.44 -15.71
N ASP A 370 -32.88 -18.70 -16.35
CA ASP A 370 -34.05 -19.12 -15.59
C ASP A 370 -33.83 -20.48 -14.95
N ASP A 371 -33.04 -21.35 -15.60
CA ASP A 371 -32.75 -22.65 -15.03
C ASP A 371 -31.93 -22.51 -13.75
N LEU A 372 -30.96 -21.60 -13.74
CA LEU A 372 -30.16 -21.39 -12.53
C LEU A 372 -30.99 -20.75 -11.43
N ALA A 373 -31.76 -19.70 -11.76
CA ALA A 373 -32.64 -19.07 -10.78
C ALA A 373 -33.62 -20.09 -10.20
N TYR A 374 -34.11 -21.01 -11.03
CA TYR A 374 -34.92 -22.11 -10.53
C TYR A 374 -34.17 -22.90 -9.46
N ARG A 375 -32.93 -23.29 -9.77
CA ARG A 375 -32.13 -24.04 -8.81
C ARG A 375 -31.76 -23.20 -7.60
N LEU A 376 -31.56 -21.90 -7.78
CA LEU A 376 -31.17 -21.05 -6.65
C LEU A 376 -32.31 -20.90 -5.65
N LEU A 377 -33.55 -20.75 -6.13
CA LEU A 377 -34.69 -20.64 -5.23
C LEU A 377 -34.91 -21.94 -4.47
N CYS A 378 -34.58 -23.08 -5.07
CA CYS A 378 -34.73 -24.36 -4.38
C CYS A 378 -33.79 -24.44 -3.18
N VAL A 379 -32.57 -23.91 -3.31
CA VAL A 379 -31.65 -23.91 -2.18
C VAL A 379 -32.17 -23.02 -1.07
N LEU A 380 -32.89 -21.96 -1.42
CA LEU A 380 -33.49 -21.09 -0.40
C LEU A 380 -34.59 -21.81 0.38
N MSE A 381 -35.28 -22.76 -0.26
CA MSE A 381 -36.37 -23.47 0.38
C MSE A 381 -35.88 -24.69 1.17
O MSE A 381 -36.43 -25.01 2.23
CB MSE A 381 -37.40 -23.93 -0.66
CG MSE A 381 -37.92 -22.83 -1.57
SE MSE A 381 -39.13 -23.53 -2.93
CE MSE A 381 -39.31 -21.93 -4.05
N LEU A 382 -34.85 -25.35 0.65
CA LEU A 382 -34.44 -26.64 1.20
C LEU A 382 -33.33 -26.54 2.24
N ASP A 383 -32.48 -25.52 2.16
CA ASP A 383 -31.36 -25.43 3.11
C ASP A 383 -31.86 -25.05 4.48
N LYS A 384 -31.68 -25.96 5.44
CA LYS A 384 -32.05 -25.73 6.83
C LYS A 384 -30.82 -25.52 7.72
N PHE A 385 -29.64 -25.41 7.14
CA PHE A 385 -28.42 -25.31 7.92
C PHE A 385 -28.33 -23.96 8.63
N THR A 386 -27.97 -24.00 9.92
CA THR A 386 -27.85 -22.80 10.73
C THR A 386 -26.65 -22.94 11.64
N ASP A 387 -25.77 -21.93 11.63
CA ASP A 387 -24.57 -21.90 12.46
C ASP A 387 -24.80 -20.89 13.58
N TYR A 388 -25.09 -21.40 14.78
CA TYR A 388 -25.39 -20.55 15.92
C TYR A 388 -24.14 -19.97 16.58
N SER A 389 -22.95 -20.32 16.10
CA SER A 389 -21.73 -19.89 16.77
C SER A 389 -21.44 -18.42 16.51
N SER A 390 -21.32 -18.03 15.24
CA SER A 390 -20.97 -16.66 14.88
C SER A 390 -22.20 -15.79 14.77
N ASP A 391 -22.09 -14.55 15.26
CA ASP A 391 -23.16 -13.57 15.14
C ASP A 391 -23.18 -12.85 13.80
N THR A 392 -22.23 -13.14 12.92
CA THR A 392 -22.18 -12.48 11.62
C THR A 392 -23.24 -13.04 10.67
N SER A 393 -23.18 -14.33 10.38
CA SER A 393 -24.12 -14.99 9.49
C SER A 393 -24.78 -16.14 10.22
N VAL A 394 -26.12 -16.17 10.21
CA VAL A 394 -26.87 -17.23 10.86
C VAL A 394 -27.14 -18.39 9.91
N ALA A 395 -27.46 -18.08 8.64
CA ALA A 395 -27.70 -19.09 7.62
C ALA A 395 -26.64 -18.94 6.53
N PRO A 396 -25.44 -19.50 6.74
CA PRO A 396 -24.34 -19.26 5.80
C PRO A 396 -24.66 -19.64 4.36
N ILE A 397 -25.50 -20.66 4.14
CA ILE A 397 -25.82 -21.04 2.78
C ILE A 397 -26.91 -20.16 2.19
N ARG A 398 -27.95 -19.87 2.98
CA ARG A 398 -29.02 -19.01 2.49
C ARG A 398 -28.53 -17.58 2.28
N GLU A 399 -27.64 -17.09 3.14
CA GLU A 399 -27.07 -15.76 2.95
C GLU A 399 -26.24 -15.70 1.68
N THR A 400 -25.57 -16.79 1.31
CA THR A 400 -24.68 -16.78 0.15
C THR A 400 -25.45 -17.04 -1.14
N VAL A 401 -26.33 -18.05 -1.15
CA VAL A 401 -27.05 -18.37 -2.37
C VAL A 401 -28.00 -17.25 -2.78
N GLY A 402 -28.45 -16.44 -1.81
CA GLY A 402 -29.18 -15.24 -2.16
C GLY A 402 -28.30 -14.18 -2.79
N GLN A 403 -27.04 -14.10 -2.36
CA GLN A 403 -26.07 -13.20 -2.97
C GLN A 403 -25.77 -13.61 -4.41
N THR A 404 -25.76 -14.92 -4.68
CA THR A 404 -25.62 -15.40 -6.06
C THR A 404 -26.82 -15.04 -6.91
N LEU A 405 -28.02 -15.04 -6.32
CA LEU A 405 -29.23 -14.68 -7.07
C LEU A 405 -29.16 -13.25 -7.57
N GLY A 406 -28.46 -12.37 -6.84
CA GLY A 406 -28.32 -10.99 -7.29
C GLY A 406 -27.50 -10.85 -8.54
N ALA A 407 -26.51 -11.74 -8.73
CA ALA A 407 -25.70 -11.71 -9.95
C ALA A 407 -26.50 -12.14 -11.16
N VAL A 408 -27.51 -13.00 -10.97
CA VAL A 408 -28.34 -13.43 -12.09
C VAL A 408 -29.34 -12.34 -12.47
N LEU A 409 -29.78 -11.54 -11.50
CA LEU A 409 -30.82 -10.55 -11.76
C LEU A 409 -30.34 -9.46 -12.72
N ARG A 410 -29.04 -9.13 -12.69
CA ARG A 410 -28.52 -8.08 -13.54
C ARG A 410 -28.31 -8.52 -14.99
N HIS A 411 -28.67 -9.76 -15.33
CA HIS A 411 -28.48 -10.26 -16.69
C HIS A 411 -29.76 -10.79 -17.33
N ILE A 412 -30.87 -10.88 -16.61
CA ILE A 412 -32.07 -11.50 -17.12
C ILE A 412 -33.05 -10.42 -17.58
N SER A 413 -34.05 -10.86 -18.36
CA SER A 413 -35.06 -9.95 -18.88
C SER A 413 -35.99 -9.49 -17.76
N VAL A 414 -36.75 -8.44 -18.05
CA VAL A 414 -37.65 -7.87 -17.06
C VAL A 414 -38.80 -8.84 -16.74
N GLU A 415 -39.15 -9.71 -17.69
CA GLU A 415 -40.23 -10.66 -17.44
C GLU A 415 -39.76 -11.79 -16.53
N SER A 416 -38.50 -12.22 -16.69
CA SER A 416 -37.98 -13.28 -15.83
C SER A 416 -37.79 -12.80 -14.40
N VAL A 417 -37.57 -11.50 -14.19
CA VAL A 417 -37.47 -10.97 -12.84
C VAL A 417 -38.82 -11.00 -12.15
N HIS A 418 -39.87 -10.56 -12.85
CA HIS A 418 -41.21 -10.57 -12.28
C HIS A 418 -41.68 -11.98 -11.97
N ALA A 419 -41.13 -12.99 -12.65
CA ALA A 419 -41.45 -14.38 -12.31
C ALA A 419 -40.72 -14.83 -11.06
N ILE A 420 -39.45 -14.42 -10.89
CA ILE A 420 -38.73 -14.70 -9.67
C ILE A 420 -39.40 -14.00 -8.49
N TYR A 421 -39.96 -12.81 -8.73
CA TYR A 421 -40.55 -12.02 -7.66
C TYR A 421 -41.76 -12.73 -7.05
N ARG A 422 -42.61 -13.33 -7.88
CA ARG A 422 -43.77 -14.04 -7.36
C ARG A 422 -43.37 -15.26 -6.56
N LEU A 423 -42.37 -16.00 -7.03
CA LEU A 423 -41.93 -17.19 -6.31
C LEU A 423 -41.27 -16.84 -4.99
N LEU A 424 -40.59 -15.69 -4.91
CA LEU A 424 -40.09 -15.21 -3.62
C LEU A 424 -41.22 -14.70 -2.75
N TYR A 425 -42.32 -14.23 -3.35
CA TYR A 425 -43.43 -13.71 -2.57
C TYR A 425 -44.17 -14.82 -1.83
N CYS A 426 -44.27 -16.00 -2.44
CA CYS A 426 -44.95 -17.12 -1.79
C CYS A 426 -44.16 -17.66 -0.60
N MSE A 427 -42.86 -17.39 -0.54
CA MSE A 427 -42.02 -17.94 0.52
C MSE A 427 -42.08 -17.09 1.79
O MSE A 427 -41.78 -17.58 2.88
CB MSE A 427 -40.57 -18.05 0.05
CG MSE A 427 -40.40 -18.95 -1.17
SE MSE A 427 -38.59 -18.92 -1.86
CE MSE A 427 -37.64 -19.44 -0.24
N VAL A 428 -42.46 -15.82 1.65
CA VAL A 428 -42.59 -14.93 2.79
C VAL A 428 -44.01 -15.01 3.32
N THR A 429 -44.96 -14.52 2.52
CA THR A 429 -46.39 -14.66 2.83
C THR A 429 -46.82 -16.05 2.37
N GLN A 430 -46.56 -17.03 3.23
CA GLN A 430 -46.73 -18.44 2.87
C GLN A 430 -48.21 -18.80 2.89
N GLU A 431 -48.80 -18.91 1.70
CA GLU A 431 -50.21 -19.23 1.55
C GLU A 431 -50.41 -20.45 0.67
N ASN A 438 -44.31 -18.38 10.09
CA ASN A 438 -44.75 -19.58 9.40
C ASN A 438 -43.73 -20.70 9.62
N MSE A 439 -42.88 -20.90 8.61
CA MSE A 439 -41.68 -21.72 8.76
C MSE A 439 -40.49 -20.79 8.61
O MSE A 439 -40.39 -20.07 7.62
CB MSE A 439 -41.64 -22.85 7.74
CG MSE A 439 -42.71 -23.91 7.95
SE MSE A 439 -42.67 -25.27 6.55
CE MSE A 439 -42.87 -24.09 5.01
N TRP A 440 -39.59 -20.81 9.59
CA TRP A 440 -38.55 -19.78 9.68
C TRP A 440 -37.63 -19.81 8.46
N ALA A 441 -37.17 -21.01 8.07
CA ALA A 441 -36.16 -21.09 7.02
C ALA A 441 -36.71 -20.67 5.67
N VAL A 442 -37.93 -21.09 5.33
CA VAL A 442 -38.51 -20.72 4.05
C VAL A 442 -38.87 -19.23 4.02
N CYS A 443 -39.29 -18.68 5.17
CA CYS A 443 -39.60 -17.26 5.22
C CYS A 443 -38.34 -16.40 5.16
N HIS A 444 -37.27 -16.87 5.82
CA HIS A 444 -36.02 -16.12 5.81
C HIS A 444 -35.36 -16.16 4.44
N GLY A 445 -35.28 -17.35 3.83
CA GLY A 445 -34.66 -17.47 2.52
C GLY A 445 -35.37 -16.67 1.45
N GLY A 446 -36.70 -16.56 1.54
CA GLY A 446 -37.43 -15.74 0.59
C GLY A 446 -37.18 -14.26 0.77
N MSE A 447 -36.94 -13.83 2.00
CA MSE A 447 -36.63 -12.43 2.27
C MSE A 447 -35.25 -12.07 1.77
O MSE A 447 -35.03 -10.97 1.25
CB MSE A 447 -36.73 -12.14 3.78
CG MSE A 447 -36.70 -10.66 4.12
SE MSE A 447 -38.37 -9.77 3.70
CE MSE A 447 -39.53 -10.73 4.93
N VAL A 448 -34.31 -13.00 1.93
CA VAL A 448 -32.95 -12.80 1.43
C VAL A 448 -32.98 -12.57 -0.08
N GLY A 449 -33.79 -13.34 -0.80
CA GLY A 449 -33.93 -13.13 -2.23
C GLY A 449 -34.54 -11.78 -2.55
N LEU A 450 -35.59 -11.39 -1.81
CA LEU A 450 -36.20 -10.09 -2.04
C LEU A 450 -35.26 -8.94 -1.70
N ARG A 451 -34.28 -9.19 -0.81
CA ARG A 451 -33.32 -8.14 -0.47
C ARG A 451 -32.48 -7.75 -1.67
N TYR A 452 -32.09 -8.73 -2.49
CA TYR A 452 -31.27 -8.45 -3.68
C TYR A 452 -32.10 -8.04 -4.88
N VAL A 453 -33.41 -8.35 -4.89
CA VAL A 453 -34.26 -7.89 -5.98
C VAL A 453 -34.38 -6.38 -5.97
N VAL A 454 -34.51 -5.79 -4.78
CA VAL A 454 -34.66 -4.34 -4.69
C VAL A 454 -33.31 -3.63 -4.82
N ALA A 455 -32.21 -4.30 -4.46
CA ALA A 455 -30.90 -3.67 -4.48
C ALA A 455 -30.21 -3.74 -5.84
N VAL A 456 -30.68 -4.61 -6.73
CA VAL A 456 -30.14 -4.76 -8.07
C VAL A 456 -31.08 -4.17 -9.12
N ARG A 457 -32.34 -4.58 -9.11
CA ARG A 457 -33.30 -4.09 -10.07
C ARG A 457 -34.33 -3.19 -9.39
N LYS A 458 -33.89 -2.06 -8.87
CA LYS A 458 -34.82 -1.07 -8.32
C LYS A 458 -35.51 -0.28 -9.42
N ASP A 459 -34.90 -0.16 -10.59
CA ASP A 459 -35.55 0.51 -11.71
C ASP A 459 -36.80 -0.24 -12.14
N LEU A 460 -36.66 -1.53 -12.45
CA LEU A 460 -37.81 -2.33 -12.88
C LEU A 460 -38.89 -2.40 -11.82
N LEU A 461 -38.51 -2.38 -10.54
CA LEU A 461 -39.48 -2.48 -9.47
C LEU A 461 -40.32 -1.21 -9.32
N LEU A 462 -39.82 -0.06 -9.78
CA LEU A 462 -40.46 1.20 -9.45
C LEU A 462 -41.59 1.61 -10.40
N GLN A 463 -41.67 1.02 -11.59
CA GLN A 463 -42.83 1.28 -12.43
C GLN A 463 -44.02 0.41 -12.00
N ASP A 464 -43.79 -0.91 -11.95
CA ASP A 464 -44.82 -1.85 -11.53
C ASP A 464 -45.21 -1.58 -10.08
N GLY A 465 -46.29 -0.84 -9.88
CA GLY A 465 -46.74 -0.55 -8.52
C GLY A 465 -47.21 -1.78 -7.77
N ASP A 466 -47.51 -2.87 -8.48
CA ASP A 466 -47.92 -4.10 -7.82
C ASP A 466 -46.76 -4.74 -7.08
N MSE A 467 -45.54 -4.62 -7.60
CA MSE A 467 -44.37 -5.14 -6.92
C MSE A 467 -44.04 -4.32 -5.69
O MSE A 467 -43.66 -4.87 -4.65
CB MSE A 467 -43.16 -5.17 -7.86
CG MSE A 467 -43.26 -6.17 -8.99
SE MSE A 467 -41.65 -6.20 -10.10
CE MSE A 467 -40.36 -6.79 -8.75
N ILE A 468 -44.19 -3.00 -5.80
CA ILE A 468 -43.91 -2.11 -4.69
C ILE A 468 -44.81 -2.43 -3.49
N ASP A 469 -46.04 -2.85 -3.75
CA ASP A 469 -46.95 -3.18 -2.66
C ASP A 469 -46.62 -4.54 -2.05
N GLY A 470 -46.36 -5.54 -2.89
CA GLY A 470 -46.11 -6.88 -2.37
C GLY A 470 -44.78 -7.00 -1.64
N VAL A 471 -43.75 -6.32 -2.15
CA VAL A 471 -42.45 -6.37 -1.47
C VAL A 471 -42.51 -5.62 -0.15
N VAL A 472 -43.38 -4.61 -0.04
CA VAL A 472 -43.52 -3.90 1.22
C VAL A 472 -44.40 -4.70 2.19
N ARG A 473 -45.40 -5.41 1.67
CA ARG A 473 -46.17 -6.32 2.53
C ARG A 473 -45.27 -7.40 3.12
N CYS A 474 -44.27 -7.86 2.36
CA CYS A 474 -43.35 -8.86 2.88
C CYS A 474 -42.46 -8.29 3.97
N VAL A 475 -41.96 -7.07 3.78
CA VAL A 475 -41.09 -6.47 4.78
C VAL A 475 -41.84 -6.26 6.09
N MSE A 476 -43.09 -5.82 6.01
CA MSE A 476 -43.88 -5.53 7.21
C MSE A 476 -44.19 -6.79 8.00
O MSE A 476 -44.16 -6.78 9.23
CB MSE A 476 -45.17 -4.80 6.84
CG MSE A 476 -44.97 -3.41 6.28
SE MSE A 476 -46.56 -2.30 6.46
CE MSE A 476 -46.01 -0.78 5.37
N GLN A 477 -44.51 -7.88 7.30
CA GLN A 477 -44.68 -9.16 7.99
C GLN A 477 -43.36 -9.62 8.61
N GLY A 478 -42.26 -9.47 7.87
CA GLY A 478 -40.96 -9.82 8.42
C GLY A 478 -40.53 -8.91 9.54
N LEU A 479 -40.87 -7.62 9.46
CA LEU A 479 -40.53 -6.68 10.52
C LEU A 479 -41.29 -6.95 11.81
N GLY A 480 -42.42 -7.63 11.74
CA GLY A 480 -43.17 -8.04 12.91
C GLY A 480 -42.99 -9.49 13.30
N ASP A 481 -42.12 -10.23 12.63
CA ASP A 481 -41.93 -11.65 12.90
C ASP A 481 -41.29 -11.85 14.28
N ILE A 482 -41.40 -13.07 14.78
CA ILE A 482 -40.87 -13.40 16.11
C ILE A 482 -39.36 -13.41 16.09
N ASP A 483 -38.77 -14.12 15.13
CA ASP A 483 -37.32 -14.30 15.09
C ASP A 483 -36.63 -12.99 14.72
N ASP A 484 -35.42 -12.81 15.27
CA ASP A 484 -34.67 -11.59 15.05
C ASP A 484 -34.00 -11.54 13.68
N ASP A 485 -33.57 -12.69 13.16
CA ASP A 485 -32.86 -12.69 11.88
C ASP A 485 -33.80 -12.40 10.72
N VAL A 486 -35.10 -12.67 10.88
CA VAL A 486 -36.04 -12.34 9.83
C VAL A 486 -36.28 -10.83 9.79
N ARG A 487 -36.30 -10.18 10.95
CA ARG A 487 -36.51 -8.74 10.98
C ARG A 487 -35.29 -7.98 10.46
N SER A 488 -34.10 -8.56 10.60
CA SER A 488 -32.88 -7.88 10.14
C SER A 488 -32.82 -7.84 8.62
N VAL A 489 -32.98 -8.99 7.96
CA VAL A 489 -32.98 -9.02 6.51
C VAL A 489 -34.18 -8.26 5.95
N SER A 490 -35.29 -8.21 6.71
CA SER A 490 -36.43 -7.43 6.28
C SER A 490 -36.10 -5.93 6.27
N ALA A 491 -35.44 -5.45 7.31
CA ALA A 491 -35.06 -4.03 7.36
C ALA A 491 -34.03 -3.72 6.28
N ALA A 492 -33.04 -4.60 6.09
CA ALA A 492 -32.02 -4.38 5.07
C ALA A 492 -32.60 -4.38 3.66
N THR A 493 -33.82 -4.89 3.49
CA THR A 493 -34.46 -4.87 2.18
C THR A 493 -35.01 -3.48 1.86
N LEU A 494 -35.53 -2.77 2.86
CA LEU A 494 -36.24 -1.52 2.63
C LEU A 494 -35.33 -0.30 2.63
N ILE A 495 -34.09 -0.42 3.11
CA ILE A 495 -33.22 0.75 3.24
C ILE A 495 -32.87 1.38 1.90
N PRO A 496 -32.50 0.63 0.85
CA PRO A 496 -32.15 1.28 -0.42
C PRO A 496 -33.28 2.10 -1.03
N MSE A 497 -34.52 1.88 -0.62
CA MSE A 497 -35.64 2.61 -1.20
C MSE A 497 -36.50 3.27 -0.13
O MSE A 497 -37.67 3.57 -0.37
CB MSE A 497 -36.49 1.69 -2.07
CG MSE A 497 -37.13 0.53 -1.30
SE MSE A 497 -38.03 -0.72 -2.49
CE MSE A 497 -38.90 -1.84 -1.15
N ALA A 498 -35.93 3.49 1.06
CA ALA A 498 -36.66 4.18 2.12
C ALA A 498 -37.09 5.57 1.67
N LYS A 499 -36.19 6.29 1.00
CA LYS A 499 -36.56 7.57 0.40
C LYS A 499 -37.58 7.38 -0.72
N GLU A 500 -37.38 6.36 -1.55
CA GLU A 500 -38.25 6.15 -2.70
C GLU A 500 -39.65 5.70 -2.28
N PHE A 501 -39.77 4.99 -1.16
CA PHE A 501 -41.08 4.52 -0.74
C PHE A 501 -41.85 5.57 0.06
N VAL A 502 -41.14 6.51 0.69
CA VAL A 502 -41.82 7.56 1.44
C VAL A 502 -42.59 8.48 0.50
N MSE A 503 -41.99 8.84 -0.63
CA MSE A 503 -42.62 9.76 -1.57
C MSE A 503 -43.81 9.14 -2.28
O MSE A 503 -44.86 9.77 -2.41
CB MSE A 503 -41.59 10.22 -2.62
CG MSE A 503 -40.37 10.92 -2.04
SE MSE A 503 -39.07 11.39 -3.42
CE MSE A 503 -40.20 12.54 -4.52
N MSE A 504 -43.66 7.90 -2.76
CA MSE A 504 -44.61 7.31 -3.68
C MSE A 504 -45.91 6.80 -3.03
O MSE A 504 -46.95 6.75 -3.69
CB MSE A 504 -43.95 6.15 -4.44
CG MSE A 504 -42.93 6.61 -5.47
SE MSE A 504 -42.20 5.13 -6.53
CE MSE A 504 -41.21 6.17 -7.84
N ARG A 505 -45.85 6.42 -1.74
CA ARG A 505 -47.02 5.85 -1.07
C ARG A 505 -47.08 6.38 0.37
N ARG A 506 -47.57 7.62 0.50
CA ARG A 506 -47.78 8.19 1.83
C ARG A 506 -48.96 7.58 2.57
N SER A 507 -49.84 6.85 1.87
CA SER A 507 -50.92 6.15 2.54
C SER A 507 -50.38 5.02 3.41
N ALA A 508 -49.44 4.24 2.87
CA ALA A 508 -48.80 3.16 3.61
C ALA A 508 -47.67 3.64 4.51
N LEU A 509 -47.41 4.95 4.55
CA LEU A 509 -46.30 5.45 5.36
C LEU A 509 -46.61 5.39 6.85
N ASP A 510 -47.86 5.71 7.23
CA ASP A 510 -48.19 5.76 8.65
C ASP A 510 -48.22 4.37 9.27
N SER A 511 -48.62 3.36 8.50
CA SER A 511 -48.64 2.00 9.04
C SER A 511 -47.23 1.43 9.16
N LEU A 512 -46.29 1.88 8.32
CA LEU A 512 -44.93 1.37 8.37
C LEU A 512 -44.18 1.86 9.61
N ILE A 513 -44.50 3.07 10.07
CA ILE A 513 -43.75 3.67 11.18
C ILE A 513 -43.92 2.84 12.46
N ASN A 514 -45.18 2.64 12.88
CA ASN A 514 -45.44 1.96 14.14
C ASN A 514 -45.12 0.48 14.09
N ILE A 515 -45.06 -0.13 12.89
CA ILE A 515 -44.65 -1.52 12.80
C ILE A 515 -43.14 -1.64 13.01
N VAL A 516 -42.37 -0.70 12.46
CA VAL A 516 -40.95 -0.63 12.77
C VAL A 516 -40.76 -0.38 14.26
N TRP A 517 -41.51 0.58 14.81
CA TRP A 517 -41.44 0.84 16.25
C TRP A 517 -41.85 -0.37 17.06
N GLU A 518 -42.77 -1.18 16.54
CA GLU A 518 -43.16 -2.39 17.26
C GLU A 518 -42.03 -3.40 17.32
N SER A 519 -41.12 -3.41 16.33
CA SER A 519 -40.05 -4.39 16.31
C SER A 519 -39.03 -4.14 17.41
N LEU A 520 -38.83 -2.89 17.82
CA LEU A 520 -37.85 -2.55 18.84
C LEU A 520 -38.38 -2.69 20.26
N SER A 521 -39.66 -3.05 20.43
CA SER A 521 -40.26 -3.01 21.75
C SER A 521 -39.95 -4.24 22.59
N ASN A 522 -39.84 -5.41 21.97
CA ASN A 522 -39.61 -6.64 22.72
C ASN A 522 -38.14 -6.86 23.09
N LEU A 523 -37.22 -6.09 22.51
CA LEU A 523 -35.81 -6.36 22.69
C LEU A 523 -35.33 -5.98 24.09
N GLY A 524 -34.40 -6.78 24.61
CA GLY A 524 -33.70 -6.45 25.84
C GLY A 524 -32.58 -5.48 25.57
N ASP A 525 -31.59 -5.48 26.46
CA ASP A 525 -30.45 -4.58 26.31
C ASP A 525 -29.32 -5.19 25.49
N ASP A 526 -29.05 -6.48 25.67
CA ASP A 526 -28.00 -7.16 24.92
C ASP A 526 -28.55 -7.59 23.58
N LEU A 527 -28.18 -6.89 22.52
CA LEU A 527 -28.68 -7.12 21.18
C LEU A 527 -27.65 -7.88 20.35
N SER A 528 -28.13 -8.77 19.49
CA SER A 528 -27.25 -9.46 18.56
C SER A 528 -26.80 -8.50 17.45
N ALA A 529 -25.68 -8.86 16.82
CA ALA A 529 -25.14 -8.02 15.75
C ALA A 529 -26.08 -7.93 14.55
N SER A 530 -26.96 -8.91 14.37
CA SER A 530 -27.88 -8.88 13.23
C SER A 530 -28.94 -7.80 13.39
N THR A 531 -29.37 -7.52 14.62
CA THR A 531 -30.43 -6.55 14.85
C THR A 531 -30.03 -5.13 14.50
N GLY A 532 -28.77 -4.88 14.16
CA GLY A 532 -28.35 -3.54 13.83
C GLY A 532 -29.01 -2.98 12.59
N LYS A 533 -29.42 -3.85 11.67
CA LYS A 533 -30.08 -3.40 10.45
C LYS A 533 -31.45 -2.78 10.72
N ILE A 534 -32.07 -3.14 11.84
CA ILE A 534 -33.35 -2.52 12.20
C ILE A 534 -33.14 -1.05 12.57
N MSE A 535 -32.01 -0.73 13.20
CA MSE A 535 -31.69 0.64 13.56
C MSE A 535 -31.36 1.47 12.32
O MSE A 535 -31.72 2.65 12.22
CB MSE A 535 -30.54 0.69 14.55
CG MSE A 535 -30.19 2.09 15.03
SE MSE A 535 -31.63 2.90 16.06
CE MSE A 535 -31.53 4.71 15.36
N ASP A 536 -30.66 0.85 11.37
CA ASP A 536 -30.33 1.53 10.12
C ASP A 536 -31.60 1.90 9.35
N LEU A 537 -32.62 1.05 9.42
CA LEU A 537 -33.88 1.36 8.76
C LEU A 537 -34.59 2.52 9.45
N LEU A 538 -34.57 2.54 10.78
CA LEU A 538 -35.24 3.60 11.52
C LEU A 538 -34.50 4.92 11.40
N ALA A 539 -33.17 4.88 11.32
CA ALA A 539 -32.39 6.12 11.23
C ALA A 539 -32.61 6.82 9.91
N THR A 540 -32.69 6.07 8.80
CA THR A 540 -32.91 6.68 7.50
C THR A 540 -34.34 7.19 7.35
N LEU A 541 -35.29 6.60 8.07
CA LEU A 541 -36.66 7.10 8.03
C LEU A 541 -36.82 8.38 8.85
N CYS A 542 -36.11 8.47 9.98
CA CYS A 542 -36.18 9.66 10.82
C CYS A 542 -35.39 10.83 10.26
N SER A 543 -34.58 10.61 9.22
CA SER A 543 -33.86 11.69 8.56
C SER A 543 -34.73 12.46 7.57
N PHE A 544 -36.00 12.05 7.39
CA PHE A 544 -36.94 12.69 6.49
C PHE A 544 -37.94 13.50 7.28
N PRO A 545 -38.20 14.76 6.91
CA PRO A 545 -39.21 15.53 7.64
C PRO A 545 -40.62 14.98 7.48
N GLU A 546 -40.90 14.27 6.39
CA GLU A 546 -42.24 13.72 6.18
C GLU A 546 -42.59 12.69 7.25
N VAL A 547 -41.64 11.82 7.59
CA VAL A 547 -41.89 10.81 8.62
C VAL A 547 -42.00 11.47 9.99
N LEU A 548 -41.20 12.51 10.23
CA LEU A 548 -41.23 13.18 11.53
C LEU A 548 -42.57 13.86 11.79
N GLU A 549 -43.25 14.31 10.73
CA GLU A 549 -44.55 14.94 10.91
C GLU A 549 -45.65 13.91 11.16
N ALA A 550 -45.63 12.80 10.41
CA ALA A 550 -46.63 11.76 10.59
C ALA A 550 -46.55 11.09 11.95
N MSE A 551 -45.42 11.22 12.65
CA MSE A 551 -45.27 10.66 13.99
C MSE A 551 -45.93 11.57 15.02
O MSE A 551 -46.55 11.10 15.97
CB MSE A 551 -43.81 10.44 14.33
CG MSE A 551 -43.15 9.30 13.57
SE MSE A 551 -41.32 8.99 14.15
CE MSE A 551 -41.68 8.71 16.06
N LYS A 552 -45.75 12.89 14.85
CA LYS A 552 -46.38 13.83 15.77
C LYS A 552 -47.90 13.78 15.67
N VAL A 553 -48.44 13.48 14.50
CA VAL A 553 -49.88 13.35 14.35
C VAL A 553 -50.37 12.13 15.12
N SER A 554 -49.63 11.03 15.09
CA SER A 554 -49.98 9.84 15.85
C SER A 554 -49.66 9.98 17.33
N ALA A 555 -48.80 10.93 17.70
CA ALA A 555 -48.52 11.17 19.11
C ALA A 555 -49.63 12.01 19.75
N SER A 556 -50.17 12.98 19.02
CA SER A 556 -51.27 13.77 19.54
C SER A 556 -52.57 12.98 19.57
N GLN A 557 -52.68 11.93 18.75
CA GLN A 557 -53.90 11.13 18.67
C GLN A 557 -53.92 10.02 19.73
N ASP A 558 -52.90 9.18 19.74
CA ASP A 558 -52.85 8.00 20.60
C ASP A 558 -51.89 8.22 21.75
N GLU A 559 -52.14 7.51 22.85
CA GLU A 559 -51.20 7.51 23.96
C GLU A 559 -50.13 6.45 23.79
N GLU A 560 -50.47 5.32 23.16
CA GLU A 560 -49.52 4.24 22.98
C GLU A 560 -48.43 4.59 21.96
N ARG A 561 -48.65 5.61 21.12
CA ARG A 561 -47.63 6.08 20.20
C ARG A 561 -47.00 7.39 20.65
N SER A 562 -47.15 7.74 21.92
CA SER A 562 -46.48 8.92 22.44
C SER A 562 -44.97 8.69 22.47
N PHE A 563 -44.22 9.79 22.49
CA PHE A 563 -42.76 9.71 22.48
C PHE A 563 -42.19 9.16 23.77
N THR A 564 -43.00 9.00 24.81
CA THR A 564 -42.51 8.45 26.07
C THR A 564 -42.38 6.93 26.02
N LEU A 565 -43.19 6.26 25.19
CA LEU A 565 -43.14 4.81 25.08
C LEU A 565 -42.26 4.33 23.95
N LEU A 566 -42.04 5.16 22.93
CA LEU A 566 -41.31 4.74 21.73
C LEU A 566 -39.81 5.04 21.84
N VAL A 567 -39.46 6.27 22.24
CA VAL A 567 -38.04 6.66 22.26
C VAL A 567 -37.21 5.76 23.18
N PRO A 568 -37.63 5.44 24.41
CA PRO A 568 -36.82 4.55 25.25
C PRO A 568 -36.57 3.18 24.66
N ARG A 569 -37.26 2.81 23.57
CA ARG A 569 -36.94 1.56 22.88
C ARG A 569 -35.64 1.66 22.08
N LEU A 570 -35.09 2.85 21.91
CA LEU A 570 -33.82 3.04 21.23
C LEU A 570 -32.62 2.91 22.16
N TYR A 571 -32.85 2.90 23.46
CA TYR A 571 -31.77 2.92 24.46
C TYR A 571 -30.93 1.65 24.45
N PRO A 572 -31.52 0.46 24.23
CA PRO A 572 -30.67 -0.74 24.09
C PRO A 572 -29.65 -0.66 22.96
N PHE A 573 -29.85 0.23 21.99
CA PHE A 573 -28.91 0.38 20.90
C PHE A 573 -27.74 1.31 21.23
N LEU A 574 -27.76 1.96 22.40
CA LEU A 574 -26.70 2.92 22.73
C LEU A 574 -25.35 2.22 22.87
N ARG A 575 -25.33 1.01 23.40
CA ARG A 575 -24.08 0.26 23.54
C ARG A 575 -24.09 -0.96 22.64
N HIS A 576 -24.47 -0.77 21.37
CA HIS A 576 -24.49 -1.86 20.42
C HIS A 576 -23.07 -2.29 20.06
N THR A 577 -22.96 -3.50 19.50
CA THR A 577 -21.65 -4.02 19.13
C THR A 577 -21.09 -3.31 17.91
N ILE A 578 -21.93 -3.08 16.89
CA ILE A 578 -21.48 -2.40 15.69
C ILE A 578 -21.20 -0.94 16.00
N THR A 579 -20.09 -0.42 15.47
CA THR A 579 -19.70 0.96 15.76
C THR A 579 -20.61 1.96 15.07
N SER A 580 -21.03 1.66 13.84
CA SER A 580 -21.89 2.59 13.09
C SER A 580 -23.27 2.72 13.69
N VAL A 581 -23.74 1.71 14.43
CA VAL A 581 -25.08 1.77 15.01
C VAL A 581 -25.10 2.74 16.19
N ARG A 582 -24.07 2.69 17.03
CA ARG A 582 -24.03 3.58 18.20
C ARG A 582 -24.04 5.04 17.79
N LEU A 583 -23.49 5.38 16.62
CA LEU A 583 -23.53 6.75 16.14
C LEU A 583 -24.88 7.09 15.54
N ALA A 584 -25.55 6.13 14.90
CA ALA A 584 -26.86 6.40 14.31
C ALA A 584 -27.91 6.69 15.38
N VAL A 585 -27.77 6.09 16.56
CA VAL A 585 -28.75 6.31 17.63
C VAL A 585 -28.60 7.71 18.20
N LEU A 586 -27.37 8.14 18.47
CA LEU A 586 -27.14 9.48 18.99
C LEU A 586 -27.59 10.54 17.99
N LYS A 587 -27.36 10.30 16.69
CA LYS A 587 -27.89 11.19 15.68
C LYS A 587 -29.41 11.18 15.64
N ALA A 588 -30.03 10.02 15.91
CA ALA A 588 -31.48 9.93 15.92
C ALA A 588 -32.07 10.60 17.16
N LEU A 589 -31.50 10.31 18.33
CA LEU A 589 -31.96 10.96 19.55
C LEU A 589 -31.77 12.47 19.49
N MSE A 590 -30.80 12.94 18.71
CA MSE A 590 -30.60 14.36 18.49
C MSE A 590 -31.79 14.97 17.77
O MSE A 590 -32.23 16.08 18.08
CB MSE A 590 -29.32 14.60 17.70
CG MSE A 590 -29.09 16.06 17.32
SE MSE A 590 -28.56 17.16 18.84
CE MSE A 590 -26.80 16.39 19.16
N THR A 591 -32.33 14.23 16.79
CA THR A 591 -33.45 14.72 16.02
C THR A 591 -34.69 14.94 16.88
N PHE A 592 -34.88 14.10 17.89
CA PHE A 592 -36.03 14.25 18.77
C PHE A 592 -35.87 15.42 19.74
N ALA A 593 -34.63 15.71 20.16
CA ALA A 593 -34.40 16.87 21.02
C ALA A 593 -34.54 18.19 20.26
N ASN A 594 -34.36 18.16 18.93
CA ASN A 594 -34.54 19.35 18.10
C ASN A 594 -35.92 19.37 17.44
N LEU A 595 -36.90 18.71 18.04
CA LEU A 595 -38.22 18.55 17.43
C LEU A 595 -39.26 19.48 18.05
N GLY A 596 -39.51 19.37 19.36
CA GLY A 596 -40.49 20.21 19.99
C GLY A 596 -40.37 20.18 21.50
N GLY A 597 -41.01 21.16 22.12
CA GLY A 597 -41.11 21.22 23.57
C GLY A 597 -42.36 20.51 24.05
N GLU A 598 -43.44 20.66 23.28
CA GLU A 598 -44.65 19.90 23.56
C GLU A 598 -44.44 18.41 23.30
N THR A 599 -43.53 18.07 22.39
CA THR A 599 -43.40 16.71 21.91
C THR A 599 -42.52 15.86 22.83
N SER A 600 -41.33 16.36 23.16
CA SER A 600 -40.26 15.54 23.72
C SER A 600 -39.94 15.98 25.15
N GLN A 601 -40.74 15.48 26.11
CA GLN A 601 -40.40 15.65 27.52
C GLN A 601 -40.77 14.45 28.38
N GLY A 602 -41.53 13.48 27.86
CA GLY A 602 -41.77 12.27 28.62
C GLY A 602 -40.54 11.37 28.69
N TRP A 603 -39.69 11.42 27.65
CA TRP A 603 -38.47 10.62 27.63
C TRP A 603 -37.23 11.40 28.02
N LEU A 604 -37.27 12.73 27.95
CA LEU A 604 -36.10 13.56 28.26
C LEU A 604 -36.10 13.83 29.75
N ASN A 605 -35.40 12.98 30.50
CA ASN A 605 -35.36 13.07 31.95
C ASN A 605 -34.00 12.56 32.43
N GLY A 606 -33.90 12.27 33.72
CA GLY A 606 -32.63 11.79 34.26
C GLY A 606 -32.25 10.42 33.77
N ARG A 607 -33.22 9.63 33.31
CA ARG A 607 -32.93 8.28 32.83
C ARG A 607 -32.08 8.31 31.58
N ILE A 608 -32.41 9.19 30.63
CA ILE A 608 -31.59 9.30 29.43
C ILE A 608 -30.30 10.05 29.71
N LEU A 609 -30.30 10.96 30.69
CA LEU A 609 -29.07 11.66 31.04
C LEU A 609 -28.02 10.70 31.59
N ARG A 610 -28.44 9.66 32.31
CA ARG A 610 -27.47 8.72 32.87
C ARG A 610 -26.88 7.84 31.80
N LEU A 611 -27.70 7.35 30.86
CA LEU A 611 -27.19 6.49 29.80
C LEU A 611 -26.23 7.24 28.89
N ILE A 612 -26.46 8.53 28.66
CA ILE A 612 -25.55 9.31 27.83
C ILE A 612 -24.24 9.55 28.56
N PHE A 613 -24.31 9.85 29.86
CA PHE A 613 -23.08 10.04 30.64
C PHE A 613 -22.31 8.74 30.75
N GLN A 614 -23.01 7.61 30.86
CA GLN A 614 -22.34 6.32 30.80
C GLN A 614 -21.67 6.12 29.44
N ASN A 615 -22.33 6.57 28.37
CA ASN A 615 -21.76 6.45 27.03
C ASN A 615 -20.48 7.26 26.90
N ILE A 616 -20.40 8.40 27.58
CA ILE A 616 -19.21 9.25 27.47
C ILE A 616 -18.00 8.59 28.12
N ILE A 617 -18.23 7.86 29.22
CA ILE A 617 -17.11 7.26 29.96
C ILE A 617 -16.52 6.09 29.19
N VAL A 618 -17.36 5.30 28.53
CA VAL A 618 -16.94 4.01 27.99
C VAL A 618 -16.77 3.99 26.48
N GLU A 619 -17.15 5.06 25.78
CA GLU A 619 -17.04 5.04 24.32
C GLU A 619 -15.59 5.20 23.89
N ARG A 620 -15.16 4.37 22.94
CA ARG A 620 -13.79 4.38 22.45
C ARG A 620 -13.65 5.10 21.11
N ASP A 621 -14.62 4.96 20.22
CA ASP A 621 -14.58 5.68 18.95
C ASP A 621 -14.71 7.18 19.19
N GLN A 622 -13.90 7.96 18.46
CA GLN A 622 -13.87 9.40 18.71
C GLN A 622 -15.08 10.11 18.11
N ASP A 623 -15.55 9.67 16.93
CA ASP A 623 -16.72 10.29 16.33
C ASP A 623 -17.96 10.04 17.17
N THR A 624 -18.10 8.85 17.74
CA THR A 624 -19.25 8.56 18.59
C THR A 624 -19.14 9.29 19.91
N LEU A 625 -17.92 9.44 20.45
CA LEU A 625 -17.74 10.20 21.68
C LEU A 625 -18.03 11.68 21.47
N ASN A 626 -17.75 12.20 20.26
CA ASN A 626 -18.07 13.59 19.98
C ASN A 626 -19.56 13.84 19.97
N MSE A 627 -20.34 12.95 19.35
CA MSE A 627 -21.78 13.12 19.29
C MSE A 627 -22.41 12.92 20.67
O MSE A 627 -23.45 13.50 20.97
CB MSE A 627 -22.39 12.15 18.27
CG MSE A 627 -23.87 12.38 17.99
SE MSE A 627 -24.24 14.14 17.20
CE MSE A 627 -23.64 13.81 15.39
N SER A 628 -21.77 12.09 21.49
CA SER A 628 -22.24 11.93 22.87
C SER A 628 -22.12 13.24 23.64
N LEU A 629 -21.02 13.97 23.46
CA LEU A 629 -20.88 15.27 24.10
C LEU A 629 -21.81 16.29 23.47
N GLU A 630 -22.03 16.21 22.15
CA GLU A 630 -22.94 17.13 21.50
C GLU A 630 -24.39 16.86 21.90
N LEU A 631 -24.75 15.59 22.08
CA LEU A 631 -26.09 15.27 22.56
C LEU A 631 -26.24 15.60 24.03
N TRP A 632 -25.21 15.34 24.83
CA TRP A 632 -25.24 15.70 26.24
C TRP A 632 -25.47 17.19 26.44
N THR A 633 -24.92 18.02 25.55
CA THR A 633 -25.15 19.46 25.65
C THR A 633 -26.60 19.80 25.38
N THR A 634 -27.16 19.31 24.28
CA THR A 634 -28.54 19.62 23.94
C THR A 634 -29.51 19.02 24.95
N LEU A 635 -29.22 17.81 25.45
CA LEU A 635 -30.07 17.21 26.47
C LEU A 635 -30.08 18.04 27.74
N VAL A 636 -28.91 18.58 28.12
CA VAL A 636 -28.84 19.40 29.33
C VAL A 636 -29.43 20.78 29.09
N ARG A 637 -29.21 21.35 27.91
CA ARG A 637 -29.69 22.72 27.67
C ARG A 637 -31.19 22.75 27.39
N ARG A 638 -31.72 21.75 26.69
CA ARG A 638 -33.16 21.69 26.49
C ARG A 638 -33.89 21.44 27.82
N LEU A 639 -33.29 20.69 28.72
CA LEU A 639 -33.89 20.42 30.02
C LEU A 639 -33.65 21.56 31.01
N ALA A 640 -32.60 22.36 30.82
CA ALA A 640 -32.37 23.52 31.68
C ALA A 640 -33.18 24.74 31.24
N ALA A 641 -33.68 24.76 30.00
CA ALA A 641 -34.51 25.86 29.55
C ALA A 641 -35.85 25.89 30.27
N ARG A 642 -36.39 24.71 30.60
CA ARG A 642 -37.65 24.64 31.35
C ARG A 642 -37.48 25.25 32.73
N ASP A 643 -36.62 24.65 33.55
CA ASP A 643 -36.36 25.15 34.90
C ASP A 643 -35.05 24.55 35.41
N PRO A 644 -34.09 25.39 35.85
CA PRO A 644 -32.86 24.84 36.43
C PRO A 644 -33.09 23.96 37.65
N ALA A 645 -34.25 24.05 38.29
CA ALA A 645 -34.55 23.16 39.41
C ALA A 645 -35.04 21.79 38.92
N ILE A 646 -35.71 21.75 37.76
CA ILE A 646 -36.13 20.48 37.20
C ILE A 646 -34.93 19.66 36.75
N LEU A 647 -33.98 20.32 36.08
CA LEU A 647 -32.78 19.62 35.63
C LEU A 647 -32.00 19.03 36.79
N ALA A 648 -31.84 19.80 37.87
CA ALA A 648 -31.08 19.32 39.03
C ALA A 648 -31.79 18.21 39.78
N ASP A 649 -33.12 18.12 39.66
CA ASP A 649 -33.84 17.04 40.31
C ASP A 649 -33.75 15.74 39.53
N GLU A 650 -33.90 15.80 38.20
CA GLU A 650 -33.81 14.59 37.40
C GLU A 650 -32.43 13.96 37.45
N PHE A 651 -31.39 14.77 37.68
CA PHE A 651 -30.02 14.29 37.71
C PHE A 651 -29.51 14.00 39.12
N GLU A 652 -30.21 14.50 40.16
CA GLU A 652 -29.73 14.28 41.52
C GLU A 652 -29.71 12.80 41.88
N ALA A 653 -30.69 12.03 41.37
CA ALA A 653 -30.72 10.60 41.65
C ALA A 653 -29.54 9.86 41.03
N HIS A 654 -29.02 10.37 39.92
CA HIS A 654 -27.90 9.73 39.23
C HIS A 654 -26.57 10.43 39.45
N ALA A 655 -26.55 11.57 40.14
CA ALA A 655 -25.34 12.38 40.21
C ALA A 655 -24.26 11.71 41.05
N GLU A 656 -24.65 11.07 42.16
CA GLU A 656 -23.66 10.48 43.06
C GLU A 656 -22.82 9.39 42.40
N PRO A 657 -23.39 8.39 41.72
CA PRO A 657 -22.52 7.36 41.10
C PRO A 657 -21.79 7.85 39.87
N MSE A 658 -22.36 8.79 39.12
CA MSE A 658 -21.71 9.31 37.93
C MSE A 658 -20.45 10.09 38.25
O MSE A 658 -19.54 10.21 37.42
CB MSE A 658 -22.67 10.18 37.12
CG MSE A 658 -23.82 9.43 36.46
SE MSE A 658 -23.25 8.02 35.24
CE MSE A 658 -23.35 6.49 36.44
N MSE A 659 -20.40 10.64 39.46
CA MSE A 659 -19.21 11.37 39.92
C MSE A 659 -18.08 10.39 40.24
O MSE A 659 -16.92 10.68 39.98
CB MSE A 659 -19.55 12.23 41.14
CG MSE A 659 -18.38 13.07 41.63
SE MSE A 659 -17.80 14.44 40.36
CE MSE A 659 -19.37 15.60 40.43
N GLN A 660 -18.45 9.23 40.79
CA GLN A 660 -17.45 8.22 41.09
C GLN A 660 -16.80 7.66 39.83
N LEU A 661 -17.48 7.74 38.69
CA LEU A 661 -16.92 7.29 37.42
C LEU A 661 -16.10 8.37 36.73
N ALA A 662 -16.49 9.64 36.88
CA ALA A 662 -15.71 10.72 36.29
C ALA A 662 -14.39 10.92 37.01
N LEU A 663 -14.37 10.72 38.32
CA LEU A 663 -13.16 10.83 39.13
C LEU A 663 -12.48 9.49 39.36
N HIS A 664 -12.89 8.45 38.63
CA HIS A 664 -12.31 7.14 38.84
C HIS A 664 -10.87 7.12 38.32
N PRO A 665 -9.96 6.48 39.03
CA PRO A 665 -8.55 6.49 38.63
C PRO A 665 -8.31 5.73 37.34
N ILE A 666 -7.14 5.99 36.76
CA ILE A 666 -6.65 5.29 35.58
C ILE A 666 -5.39 4.54 35.96
N GLY A 667 -5.22 3.33 35.41
CA GLY A 667 -4.12 2.48 35.79
C GLY A 667 -2.90 2.64 34.90
N VAL A 668 -1.86 1.91 35.26
CA VAL A 668 -0.60 1.84 34.52
C VAL A 668 -0.67 0.58 33.66
N PRO A 669 -0.01 0.52 32.51
CA PRO A 669 0.11 -0.75 31.80
C PRO A 669 0.53 -1.88 32.73
N ARG A 670 -0.21 -2.98 32.67
CA ARG A 670 -0.09 -4.13 33.57
C ARG A 670 -0.50 -3.80 34.99
N HIS A 671 -1.32 -2.76 35.18
CA HIS A 671 -1.92 -2.45 36.48
C HIS A 671 -3.27 -1.79 36.25
N PRO A 672 -4.28 -2.55 35.85
CA PRO A 672 -5.59 -1.96 35.60
C PRO A 672 -6.35 -1.72 36.90
N ILE A 673 -7.01 -0.56 36.96
CA ILE A 673 -7.86 -0.22 38.10
C ILE A 673 -9.31 -0.33 37.65
N PRO A 674 -9.98 -1.45 37.89
CA PRO A 674 -11.32 -1.65 37.34
C PRO A 674 -12.34 -0.77 38.04
N MSE A 675 -13.38 -0.40 37.29
CA MSE A 675 -14.49 0.36 37.82
C MSE A 675 -15.57 -0.58 38.32
O MSE A 675 -15.76 -1.67 37.78
CB MSE A 675 -15.05 1.30 36.74
CG MSE A 675 -14.02 2.24 36.14
SE MSE A 675 -14.57 2.98 34.43
CE MSE A 675 -16.13 3.96 35.01
N ASN A 676 -16.28 -0.15 39.38
CA ASN A 676 -17.37 -0.94 39.93
C ASN A 676 -18.47 -1.08 38.89
N PRO A 677 -18.75 -2.30 38.41
CA PRO A 677 -19.80 -2.46 37.39
C PRO A 677 -21.20 -2.19 37.90
N ALA A 678 -21.40 -2.17 39.22
CA ALA A 678 -22.71 -1.87 39.79
C ALA A 678 -23.08 -0.40 39.67
N LEU A 679 -22.17 0.45 39.19
CA LEU A 679 -22.46 1.86 38.98
C LEU A 679 -22.97 2.16 37.58
N PHE A 680 -23.31 1.13 36.82
CA PHE A 680 -23.79 1.29 35.44
C PHE A 680 -25.22 0.75 35.36
N GLN A 681 -26.18 1.66 35.20
CA GLN A 681 -27.57 1.28 35.05
C GLN A 681 -27.86 0.90 33.60
N LYS A 682 -28.48 -0.25 33.39
CA LYS A 682 -28.88 -0.68 32.07
C LYS A 682 -30.07 0.15 31.59
N PRO A 683 -30.40 0.08 30.29
CA PRO A 683 -31.70 0.61 29.86
C PRO A 683 -32.86 -0.16 30.46
N SER A 684 -32.63 -1.39 30.93
CA SER A 684 -33.66 -2.13 31.65
C SER A 684 -33.89 -1.56 33.05
N GLY A 685 -32.92 -0.84 33.60
CA GLY A 685 -33.02 -0.24 34.92
C GLY A 685 -32.07 -0.84 35.94
N GLY A 686 -31.78 -2.14 35.82
CA GLY A 686 -30.89 -2.79 36.75
C GLY A 686 -29.42 -2.58 36.40
N THR A 687 -28.56 -2.86 37.36
CA THR A 687 -27.13 -2.66 37.19
C THR A 687 -26.48 -3.90 36.58
N TYR A 688 -25.30 -3.69 36.00
CA TYR A 688 -24.48 -4.81 35.55
C TYR A 688 -24.06 -5.65 36.73
N SER A 689 -24.42 -6.93 36.72
CA SER A 689 -24.05 -7.83 37.81
C SER A 689 -24.18 -9.29 37.40
N THR A 728 -20.03 -12.11 20.97
CA THR A 728 -20.31 -10.74 20.55
C THR A 728 -20.97 -9.98 21.70
N HIS A 729 -20.60 -10.34 22.91
CA HIS A 729 -20.91 -9.56 24.10
C HIS A 729 -19.61 -8.89 24.58
N ASP A 730 -19.64 -8.35 25.80
CA ASP A 730 -18.47 -7.72 26.40
C ASP A 730 -17.98 -6.56 25.53
N VAL A 731 -18.89 -5.64 25.23
CA VAL A 731 -18.56 -4.51 24.36
C VAL A 731 -17.75 -3.47 25.12
N ASP A 732 -18.18 -3.14 26.34
CA ASP A 732 -17.55 -2.09 27.14
C ASP A 732 -16.77 -2.64 28.33
N GLY A 733 -16.53 -3.96 28.38
CA GLY A 733 -15.81 -4.51 29.51
C GLY A 733 -14.32 -4.22 29.51
N HIS A 734 -13.71 -4.09 28.33
CA HIS A 734 -12.28 -3.81 28.25
C HIS A 734 -11.94 -2.48 28.91
N MSE A 735 -12.82 -1.49 28.78
CA MSE A 735 -12.57 -0.18 29.37
C MSE A 735 -13.08 -0.10 30.80
O MSE A 735 -12.45 0.52 31.65
CB MSE A 735 -13.21 0.92 28.52
CG MSE A 735 -13.04 2.30 29.11
SE MSE A 735 -13.24 3.71 27.77
CE MSE A 735 -11.58 3.41 26.80
N ILE A 736 -14.23 -0.73 31.06
CA ILE A 736 -14.71 -0.83 32.43
C ILE A 736 -13.69 -1.57 33.31
N GLN A 737 -12.98 -2.53 32.72
CA GLN A 737 -11.89 -3.17 33.45
C GLN A 737 -10.68 -2.27 33.58
N GLY A 738 -10.54 -1.32 32.66
CA GLY A 738 -9.44 -0.38 32.69
C GLY A 738 -8.15 -0.90 32.08
N GLU A 739 -8.25 -1.81 31.11
CA GLU A 739 -7.06 -2.40 30.50
C GLU A 739 -6.31 -1.33 29.70
N VAL A 740 -5.16 -0.90 30.22
CA VAL A 740 -4.40 0.16 29.56
C VAL A 740 -3.65 -0.39 28.34
N ASP A 741 -3.31 -1.68 28.35
CA ASP A 741 -2.64 -2.27 27.19
C ASP A 741 -3.62 -2.53 26.06
N LEU A 742 -4.80 -3.07 26.37
CA LEU A 742 -5.76 -3.42 25.32
C LEU A 742 -6.37 -2.18 24.69
N VAL A 743 -6.78 -1.21 25.51
CA VAL A 743 -7.26 0.07 25.03
C VAL A 743 -6.23 1.13 25.38
N GLY A 744 -5.86 1.94 24.40
CA GLY A 744 -4.79 2.92 24.54
C GLY A 744 -4.85 3.76 25.80
N VAL A 745 -3.66 4.12 26.32
CA VAL A 745 -3.60 4.94 27.52
C VAL A 745 -4.23 6.31 27.25
N ASP A 746 -4.15 6.78 26.01
CA ASP A 746 -4.77 8.06 25.66
C ASP A 746 -6.27 7.96 25.48
N VAL A 747 -6.82 6.75 25.34
CA VAL A 747 -8.27 6.61 25.22
C VAL A 747 -8.93 6.71 26.59
N LEU A 748 -8.29 6.16 27.63
CA LEU A 748 -8.82 6.31 28.99
C LEU A 748 -8.72 7.75 29.47
N ILE A 749 -7.65 8.45 29.09
CA ILE A 749 -7.47 9.82 29.55
C ILE A 749 -8.51 10.73 28.91
N ARG A 750 -8.76 10.59 27.61
CA ARG A 750 -9.76 11.41 26.96
C ARG A 750 -11.18 10.99 27.27
N SER A 751 -11.37 9.95 28.08
CA SER A 751 -12.69 9.64 28.62
C SER A 751 -12.94 10.31 29.97
N ARG A 752 -11.88 10.61 30.73
CA ARG A 752 -12.03 11.46 31.90
C ARG A 752 -12.16 12.92 31.51
N ILE A 753 -11.46 13.34 30.46
CA ILE A 753 -11.58 14.70 29.96
C ILE A 753 -13.00 14.94 29.47
N SER A 754 -13.55 13.98 28.72
CA SER A 754 -14.93 14.09 28.25
C SER A 754 -15.90 14.04 29.42
N ALA A 755 -15.58 13.29 30.46
CA ALA A 755 -16.42 13.27 31.66
C ALA A 755 -16.43 14.61 32.35
N ALA A 756 -15.25 15.21 32.55
CA ALA A 756 -15.17 16.51 33.20
C ALA A 756 -15.88 17.58 32.38
N LYS A 757 -15.75 17.52 31.05
CA LYS A 757 -16.45 18.48 30.20
C LYS A 757 -17.96 18.30 30.28
N ALA A 758 -18.43 17.07 30.44
CA ALA A 758 -19.86 16.84 30.60
C ALA A 758 -20.35 17.24 31.98
N MSE A 759 -19.63 16.82 33.02
CA MSE A 759 -19.99 17.14 34.40
C MSE A 759 -19.86 18.64 34.67
O MSE A 759 -20.55 19.19 35.52
CB MSE A 759 -19.12 16.35 35.37
CG MSE A 759 -19.52 16.49 36.84
SE MSE A 759 -21.18 15.57 37.27
CE MSE A 759 -20.53 13.73 37.20
N GLY A 760 -18.95 19.30 33.94
CA GLY A 760 -18.79 20.74 34.11
C GLY A 760 -19.94 21.53 33.55
N LEU A 761 -20.55 21.04 32.47
CA LEU A 761 -21.67 21.77 31.86
C LEU A 761 -22.94 21.63 32.68
N ILE A 762 -23.16 20.45 33.27
CA ILE A 762 -24.39 20.24 34.04
C ILE A 762 -24.36 21.04 35.33
N MSE A 763 -23.17 21.29 35.89
CA MSE A 763 -23.06 22.03 37.14
C MSE A 763 -23.27 23.53 36.94
O MSE A 763 -23.72 24.24 37.84
CB MSE A 763 -21.70 21.78 37.79
CG MSE A 763 -21.52 20.38 38.35
SE MSE A 763 -19.80 20.14 39.23
CE MSE A 763 -19.99 21.49 40.64
N SER A 764 -22.94 24.02 35.74
CA SER A 764 -23.09 25.44 35.44
C SER A 764 -24.54 25.90 35.38
N PHE A 765 -25.49 24.96 35.33
CA PHE A 765 -26.90 25.30 35.29
C PHE A 765 -27.63 25.06 36.61
N ILE A 766 -27.10 24.19 37.47
CA ILE A 766 -27.75 23.92 38.74
C ILE A 766 -27.50 25.08 39.69
N PRO A 767 -28.52 25.58 40.39
CA PRO A 767 -28.29 26.61 41.42
C PRO A 767 -27.21 26.19 42.40
N THR A 768 -26.39 27.16 42.79
CA THR A 768 -25.26 26.88 43.68
C THR A 768 -25.66 26.24 45.01
N PRO A 769 -26.73 26.66 45.71
CA PRO A 769 -27.02 26.05 47.01
C PRO A 769 -27.28 24.55 46.94
N ARG A 770 -27.71 24.01 45.80
CA ARG A 770 -27.99 22.60 45.67
C ARG A 770 -26.84 21.82 45.02
N LEU A 771 -25.65 22.42 44.99
CA LEU A 771 -24.44 21.73 44.54
C LEU A 771 -23.54 21.33 45.71
N ALA A 772 -24.08 21.30 46.93
CA ALA A 772 -23.27 20.97 48.09
C ALA A 772 -22.73 19.54 48.03
N SER A 773 -23.51 18.60 47.48
CA SER A 773 -23.03 17.23 47.36
C SER A 773 -21.93 17.12 46.31
N TYR A 774 -21.97 17.95 45.27
CA TYR A 774 -20.96 17.89 44.23
C TYR A 774 -19.63 18.43 44.74
N ASP A 775 -19.65 19.54 45.48
CA ASP A 775 -18.41 20.13 45.98
C ASP A 775 -17.70 19.19 46.94
N THR A 776 -18.45 18.52 47.82
CA THR A 776 -17.84 17.58 48.75
C THR A 776 -17.12 16.46 48.02
N ALA A 777 -17.63 16.07 46.84
CA ALA A 777 -16.97 15.01 46.08
C ALA A 777 -15.68 15.51 45.44
N VAL A 778 -15.67 16.74 44.94
CA VAL A 778 -14.49 17.25 44.25
C VAL A 778 -13.45 17.77 45.23
N LEU A 779 -13.89 18.37 46.34
CA LEU A 779 -12.93 18.78 47.36
C LEU A 779 -12.24 17.56 47.98
N GLN A 780 -12.99 16.46 48.13
CA GLN A 780 -12.39 15.22 48.60
C GLN A 780 -11.42 14.65 47.58
N ALA A 781 -11.72 14.82 46.28
CA ALA A 781 -10.88 14.25 45.23
C ALA A 781 -9.57 15.00 45.06
N LEU A 782 -9.54 16.30 45.40
CA LEU A 782 -8.30 17.07 45.29
C LEU A 782 -7.21 16.54 46.20
N SER A 783 -7.57 15.81 47.26
CA SER A 783 -6.62 15.23 48.19
C SER A 783 -6.55 13.71 48.07
N SER A 784 -7.06 13.16 46.98
CA SER A 784 -7.08 11.72 46.80
C SER A 784 -5.67 11.17 46.62
N PRO A 785 -5.41 9.93 47.07
CA PRO A 785 -4.09 9.33 46.83
C PRO A 785 -3.82 8.98 45.38
N TYR A 786 -4.82 9.08 44.51
CA TYR A 786 -4.66 8.76 43.10
C TYR A 786 -4.40 10.04 42.30
N ALA A 787 -3.26 10.08 41.61
CA ALA A 787 -2.96 11.21 40.74
C ALA A 787 -3.99 11.32 39.62
N SER A 788 -4.53 10.19 39.17
CA SER A 788 -5.56 10.22 38.13
C SER A 788 -6.81 10.95 38.60
N THR A 789 -7.12 10.88 39.89
CA THR A 789 -8.32 11.51 40.41
C THR A 789 -8.11 13.00 40.65
N GLN A 790 -6.96 13.38 41.22
CA GLN A 790 -6.66 14.80 41.42
C GLN A 790 -6.67 15.54 40.10
N LEU A 791 -6.14 14.93 39.04
CA LEU A 791 -6.18 15.55 37.71
C LEU A 791 -7.61 15.72 37.23
N ALA A 792 -8.42 14.67 37.34
CA ALA A 792 -9.81 14.76 36.90
C ALA A 792 -10.60 15.75 37.76
N ALA A 793 -10.28 15.84 39.05
CA ALA A 793 -11.01 16.74 39.93
C ALA A 793 -10.80 18.20 39.52
N ALA A 794 -9.55 18.59 39.27
CA ALA A 794 -9.27 19.96 38.88
C ALA A 794 -9.82 20.29 37.50
N MSE A 795 -10.05 19.30 36.65
CA MSE A 795 -10.59 19.55 35.32
C MSE A 795 -12.09 19.80 35.36
O MSE A 795 -12.62 20.54 34.52
CB MSE A 795 -10.28 18.38 34.38
CG MSE A 795 -8.82 18.28 33.99
SE MSE A 795 -8.56 17.19 32.40
CE MSE A 795 -9.27 15.50 33.06
N VAL A 796 -12.78 19.20 36.33
CA VAL A 796 -14.20 19.46 36.50
C VAL A 796 -14.42 20.91 36.95
N ILE A 797 -13.56 21.39 37.85
CA ILE A 797 -13.64 22.79 38.28
C ILE A 797 -13.36 23.71 37.10
N ASP A 798 -12.43 23.32 36.23
CA ASP A 798 -12.12 24.12 35.05
C ASP A 798 -13.33 24.26 34.14
N GLU A 799 -13.94 23.12 33.77
CA GLU A 799 -15.07 23.15 32.86
C GLU A 799 -16.31 23.75 33.50
N TYR A 800 -16.37 23.82 34.83
CA TYR A 800 -17.47 24.50 35.50
C TYR A 800 -17.33 26.01 35.40
N ALA A 801 -16.13 26.53 35.65
CA ALA A 801 -15.90 27.98 35.55
C ALA A 801 -15.99 28.47 34.12
N LYS A 802 -15.66 27.61 33.14
CA LYS A 802 -15.76 28.03 31.74
C LYS A 802 -17.20 28.28 31.33
N ASN A 803 -18.15 27.51 31.85
CA ASN A 803 -19.54 27.57 31.41
C ASN A 803 -20.41 28.50 32.25
N CYS A 804 -19.88 29.07 33.32
CA CYS A 804 -20.64 30.05 34.09
C CYS A 804 -20.68 31.38 33.36
N SER A 805 -21.78 32.12 33.57
CA SER A 805 -21.92 33.43 32.94
C SER A 805 -20.82 34.39 33.42
N THR A 806 -20.59 34.43 34.72
CA THR A 806 -19.50 35.20 35.29
C THR A 806 -18.58 34.28 36.08
N PRO A 807 -17.26 34.50 36.03
CA PRO A 807 -16.33 33.60 36.73
C PRO A 807 -16.44 33.67 38.25
N GLU A 808 -17.12 34.67 38.81
CA GLU A 808 -17.21 34.81 40.25
C GLU A 808 -18.12 33.76 40.88
N VAL A 809 -18.96 33.09 40.08
CA VAL A 809 -19.86 32.08 40.62
C VAL A 809 -19.08 30.92 41.21
N ALA A 810 -18.00 30.52 40.55
CA ALA A 810 -17.18 29.40 40.98
C ALA A 810 -16.01 29.81 41.87
N SER A 811 -15.98 31.06 42.33
CA SER A 811 -14.85 31.58 43.09
C SER A 811 -14.67 30.91 44.46
N ARG A 812 -15.53 29.97 44.84
CA ARG A 812 -15.34 29.24 46.08
C ARG A 812 -14.29 28.15 45.99
N PHE A 813 -13.78 27.87 44.79
CA PHE A 813 -12.74 26.88 44.58
C PHE A 813 -11.34 27.49 44.50
N ILE A 814 -11.21 28.79 44.71
CA ILE A 814 -9.91 29.44 44.54
C ILE A 814 -8.92 28.96 45.60
N GLU A 815 -9.38 28.82 46.85
CA GLU A 815 -8.47 28.41 47.91
C GLU A 815 -8.00 26.97 47.77
N PRO A 816 -8.87 25.97 47.51
CA PRO A 816 -8.35 24.60 47.36
C PRO A 816 -7.40 24.43 46.19
N LEU A 817 -7.60 25.18 45.11
CA LEU A 817 -6.72 25.06 43.94
C LEU A 817 -5.39 25.76 44.17
N GLN A 818 -5.41 26.94 44.81
CA GLN A 818 -4.14 27.61 45.13
C GLN A 818 -3.31 26.83 46.13
N LYS A 819 -3.92 25.90 46.87
CA LYS A 819 -3.14 25.01 47.71
C LYS A 819 -2.27 24.08 46.86
N ILE A 820 -2.83 23.55 45.77
CA ILE A 820 -2.10 22.62 44.92
C ILE A 820 -0.89 23.30 44.28
N ILE A 821 -1.00 24.58 43.96
CA ILE A 821 0.11 25.28 43.31
C ILE A 821 1.18 25.67 44.32
N ASP A 822 0.78 26.15 45.50
CA ASP A 822 1.74 26.67 46.46
C ASP A 822 2.32 25.59 47.38
N LEU A 823 1.51 24.63 47.82
CA LEU A 823 2.01 23.58 48.69
C LEU A 823 2.90 22.62 47.91
N GLU A 824 3.59 21.76 48.66
CA GLU A 824 4.44 20.75 48.06
C GLU A 824 3.61 19.51 47.69
N ARG A 825 4.00 18.88 46.59
CA ARG A 825 3.28 17.71 46.12
C ARG A 825 3.64 16.47 46.94
N PRO A 826 2.69 15.54 47.09
CA PRO A 826 3.01 14.29 47.78
C PRO A 826 4.09 13.51 47.05
N SER A 827 4.96 12.86 47.82
CA SER A 827 6.08 12.13 47.24
C SER A 827 5.68 10.77 46.70
N HIS A 828 4.39 10.43 46.70
CA HIS A 828 3.95 9.13 46.22
C HIS A 828 2.48 9.22 45.79
N TYR A 829 2.10 8.35 44.87
CA TYR A 829 0.72 8.25 44.41
C TYR A 829 0.33 6.78 44.35
N ARG A 830 -0.96 6.51 44.58
CA ARG A 830 -1.43 5.13 44.64
C ARG A 830 -1.47 4.50 43.26
N ASP A 831 -1.72 5.29 42.21
CA ASP A 831 -1.76 4.74 40.86
C ASP A 831 -0.37 4.38 40.35
N LEU A 832 0.69 4.87 40.98
CA LEU A 832 2.06 4.58 40.59
C LEU A 832 2.71 3.52 41.47
N VAL A 833 1.89 2.76 42.22
CA VAL A 833 2.46 1.79 43.16
C VAL A 833 3.21 0.69 42.42
N THR A 834 2.80 0.38 41.18
CA THR A 834 3.48 -0.65 40.40
C THR A 834 4.91 -0.24 40.06
N TYR A 835 5.15 1.05 39.82
CA TYR A 835 6.50 1.50 39.53
C TYR A 835 7.41 1.37 40.75
N VAL A 836 6.89 1.67 41.94
CA VAL A 836 7.71 1.60 43.15
C VAL A 836 7.95 0.16 43.55
N GLN A 837 6.96 -0.72 43.35
CA GLN A 837 7.17 -2.14 43.60
C GLN A 837 8.25 -2.70 42.69
N ARG A 838 8.25 -2.27 41.42
CA ARG A 838 9.28 -2.70 40.48
C ARG A 838 10.65 -2.18 40.89
N VAL A 839 10.69 -1.03 41.58
CA VAL A 839 11.96 -0.51 42.06
C VAL A 839 12.49 -1.35 43.21
N ARG A 840 11.60 -1.86 44.06
CA ARG A 840 12.05 -2.64 45.20
C ARG A 840 12.65 -3.98 44.77
N SER A 841 12.07 -4.60 43.74
CA SER A 841 12.62 -5.86 43.24
C SER A 841 14.07 -5.69 42.79
N ALA A 842 14.32 -4.67 41.97
CA ALA A 842 15.70 -4.40 41.53
C ALA A 842 16.60 -4.08 42.71
N SER A 843 16.09 -3.35 43.69
CA SER A 843 16.90 -3.01 44.86
C SER A 843 17.21 -4.26 45.69
N GLN A 844 16.26 -5.18 45.79
CA GLN A 844 16.49 -6.40 46.56
C GLN A 844 17.43 -7.35 45.83
N GLN A 845 17.21 -7.54 44.52
CA GLN A 845 18.11 -8.38 43.73
C GLN A 845 19.52 -7.82 43.73
N LEU A 846 19.66 -6.50 43.75
CA LEU A 846 20.98 -5.89 43.86
C LEU A 846 21.63 -6.23 45.19
N ILE A 847 20.84 -6.34 46.27
CA ILE A 847 21.39 -6.67 47.58
C ILE A 847 21.63 -8.17 47.70
N ASN A 848 20.69 -8.99 47.19
CA ASN A 848 20.89 -10.43 47.19
C ASN A 848 22.12 -10.82 46.38
N LEU A 849 22.48 -10.02 45.38
CA LEU A 849 23.70 -10.28 44.63
C LEU A 849 24.94 -9.92 45.44
N PHE A 850 24.83 -8.95 46.35
CA PHE A 850 25.91 -8.62 47.25
C PHE A 850 26.14 -9.69 48.31
N ARG A 851 25.27 -10.69 48.39
CA ARG A 851 25.39 -11.78 49.35
C ARG A 851 25.86 -13.08 48.70
N ASP A 852 25.28 -13.44 47.57
CA ASP A 852 25.55 -14.73 46.93
C ASP A 852 26.73 -14.65 45.96
N HIS A 853 26.73 -13.65 45.08
CA HIS A 853 27.82 -13.50 44.12
C HIS A 853 29.08 -12.97 44.79
N GLY A 854 28.98 -11.82 45.46
CA GLY A 854 30.06 -11.32 46.29
C GLY A 854 29.82 -11.75 47.74
N LYS A 855 30.89 -12.24 48.37
CA LYS A 855 30.77 -12.83 49.70
C LYS A 855 30.78 -11.72 50.74
N VAL A 856 29.58 -11.30 51.17
CA VAL A 856 29.42 -10.29 52.20
C VAL A 856 28.47 -10.83 53.27
N SER A 857 28.74 -10.51 54.53
CA SER A 857 27.96 -11.02 55.63
C SER A 857 26.54 -10.45 55.62
N GLN A 858 25.59 -11.28 56.08
CA GLN A 858 24.20 -10.85 56.16
C GLN A 858 24.01 -9.68 57.12
N GLY A 859 24.86 -9.58 58.14
CA GLY A 859 24.73 -8.49 59.09
C GLY A 859 25.02 -7.13 58.49
N LYS A 860 25.90 -7.09 57.49
CA LYS A 860 26.25 -5.82 56.85
C LYS A 860 25.24 -5.40 55.79
N LEU A 861 24.39 -6.33 55.33
CA LEU A 861 23.44 -6.00 54.29
C LEU A 861 22.31 -5.14 54.85
N PRO A 862 21.88 -4.11 54.12
CA PRO A 862 20.72 -3.33 54.57
C PRO A 862 19.43 -4.11 54.40
N THR A 863 18.39 -3.64 55.06
CA THR A 863 17.09 -4.28 55.05
C THR A 863 16.08 -3.35 54.39
N LEU A 864 15.29 -3.91 53.47
CA LEU A 864 14.30 -3.16 52.72
C LEU A 864 12.90 -3.48 53.21
N ALA A 865 12.06 -2.46 53.29
CA ALA A 865 10.67 -2.65 53.69
C ALA A 865 9.94 -3.53 52.68
N VAL A 866 8.95 -4.28 53.16
CA VAL A 866 8.22 -5.18 52.28
C VAL A 866 7.03 -4.49 51.62
N VAL A 867 6.46 -3.46 52.26
CA VAL A 867 5.38 -2.68 51.68
C VAL A 867 5.95 -1.36 51.20
N VAL A 868 5.42 -0.85 50.10
CA VAL A 868 5.92 0.38 49.47
C VAL A 868 4.93 1.50 49.71
N GLN A 869 5.41 2.73 49.54
CA GLN A 869 4.55 3.90 49.69
C GLN A 869 3.47 3.90 48.62
N GLY A 870 2.34 4.56 48.94
CA GLY A 870 1.19 4.55 48.08
C GLY A 870 0.27 3.36 48.25
N GLU A 871 0.77 2.27 48.83
CA GLU A 871 -0.09 1.13 49.12
C GLU A 871 -1.06 1.48 50.25
N PRO A 872 -2.27 0.93 50.21
CA PRO A 872 -3.19 1.11 51.35
C PRO A 872 -2.61 0.46 52.60
N GLU A 873 -2.80 1.13 53.74
CA GLU A 873 -2.29 0.66 55.03
C GLU A 873 -0.77 0.53 55.01
N ALA A 874 -0.11 1.58 54.55
CA ALA A 874 1.35 1.63 54.49
C ALA A 874 1.84 2.64 55.53
N GLY A 875 2.67 2.18 56.45
CA GLY A 875 3.19 3.03 57.50
C GLY A 875 4.16 4.06 56.99
N PRO A 876 4.51 5.04 57.82
CA PRO A 876 5.49 6.06 57.41
C PRO A 876 6.89 5.52 57.19
N GLY A 877 7.13 4.24 57.49
CA GLY A 877 8.43 3.64 57.25
C GLY A 877 8.43 2.67 56.09
N ALA A 878 7.44 2.80 55.21
CA ALA A 878 7.35 1.92 54.05
C ALA A 878 8.43 2.27 53.04
N PHE A 879 8.60 1.39 52.06
CA PHE A 879 9.64 1.55 51.05
C PHE A 879 9.29 2.72 50.13
N SER A 880 10.28 3.58 49.86
CA SER A 880 10.09 4.76 49.03
C SER A 880 11.20 4.81 47.98
N ILE A 881 11.07 5.78 47.07
CA ILE A 881 12.10 5.99 46.05
C ILE A 881 13.39 6.47 46.71
N ALA A 882 13.27 7.30 47.76
CA ALA A 882 14.47 7.82 48.42
C ALA A 882 15.27 6.71 49.08
N ASN A 883 14.61 5.65 49.55
CA ASN A 883 15.35 4.52 50.12
C ASN A 883 16.16 3.82 49.04
N ALA A 884 15.55 3.58 47.88
CA ALA A 884 16.26 2.92 46.79
C ALA A 884 17.39 3.79 46.23
N GLU A 885 17.25 5.12 46.34
CA GLU A 885 18.36 5.99 45.95
C GLU A 885 19.53 5.86 46.91
N LYS A 886 19.25 5.59 48.19
CA LYS A 886 20.32 5.35 49.16
C LYS A 886 20.96 3.99 48.95
N VAL A 887 20.26 3.04 48.34
CA VAL A 887 20.81 1.71 48.12
C VAL A 887 21.86 1.73 47.02
N VAL A 888 21.59 2.44 45.93
CA VAL A 888 22.50 2.44 44.78
C VAL A 888 23.60 3.51 44.90
N ASN A 889 23.38 4.57 45.68
CA ASN A 889 24.36 5.64 45.76
C ASN A 889 25.33 5.46 46.93
N GLU A 890 24.82 5.02 48.08
CA GLU A 890 25.62 5.02 49.30
C GLU A 890 25.82 3.63 49.91
N ASP A 891 24.90 2.69 49.69
CA ASP A 891 25.11 1.33 50.15
C ASP A 891 25.88 0.49 49.14
N PHE A 892 25.73 0.78 47.84
CA PHE A 892 26.59 0.15 46.86
C PHE A 892 28.05 0.50 47.08
N GLU A 893 28.31 1.71 47.59
CA GLU A 893 29.68 2.10 47.93
C GLU A 893 30.10 1.53 49.28
N ARG A 894 29.19 1.53 50.26
CA ARG A 894 29.53 1.00 51.57
C ARG A 894 29.79 -0.50 51.52
N LEU A 895 28.98 -1.24 50.76
CA LEU A 895 29.16 -2.68 50.62
C LEU A 895 30.31 -3.05 49.70
N LYS A 896 30.84 -2.11 48.93
CA LYS A 896 32.00 -2.38 48.07
C LYS A 896 33.32 -2.27 48.82
N ARG A 897 33.34 -1.57 49.96
CA ARG A 897 34.53 -1.56 50.80
C ARG A 897 34.71 -2.86 51.57
N LEU A 898 33.63 -3.61 51.77
CA LEU A 898 33.65 -4.82 52.57
C LEU A 898 34.01 -6.06 51.76
N MSE A 899 34.60 -5.89 50.58
CA MSE A 899 35.03 -7.01 49.77
C MSE A 899 36.54 -7.04 49.62
O MSE A 899 37.18 -5.99 49.51
CB MSE A 899 34.37 -6.96 48.38
CG MSE A 899 32.88 -7.24 48.38
SE MSE A 899 32.13 -7.10 46.59
CE MSE A 899 30.33 -7.76 46.95
N ALA A 900 37.12 -8.24 49.63
CA ALA A 900 38.54 -8.37 49.40
C ALA A 900 38.87 -7.90 47.99
N PRO A 901 40.03 -7.26 47.79
CA PRO A 901 40.39 -6.79 46.44
C PRO A 901 40.45 -7.91 45.40
N GLY A 902 40.51 -9.17 45.82
CA GLY A 902 40.45 -10.27 44.90
C GLY A 902 39.02 -10.68 44.57
N GLN A 903 38.15 -10.66 45.59
CA GLN A 903 36.75 -10.99 45.37
C GLN A 903 36.05 -9.92 44.57
N ARG A 904 36.41 -8.65 44.78
CA ARG A 904 35.77 -7.55 44.08
C ARG A 904 36.03 -7.63 42.58
N LEU A 905 37.21 -8.09 42.17
CA LEU A 905 37.55 -8.11 40.75
C LEU A 905 36.68 -9.07 39.96
N ILE A 906 36.15 -10.11 40.61
CA ILE A 906 35.35 -11.10 39.91
C ILE A 906 33.85 -10.77 40.00
N ALA A 907 33.40 -10.23 41.11
CA ALA A 907 31.98 -10.03 41.34
C ALA A 907 31.46 -8.68 40.87
N LEU A 908 32.34 -7.68 40.72
CA LEU A 908 31.89 -6.33 40.40
C LEU A 908 31.29 -6.22 38.99
N PRO A 909 31.81 -6.94 37.97
CA PRO A 909 31.14 -6.94 36.65
C PRO A 909 29.62 -7.12 36.73
N GLN A 910 29.17 -8.21 37.36
CA GLN A 910 27.75 -8.47 37.44
C GLN A 910 27.03 -7.58 38.46
N LEU A 911 27.77 -6.94 39.36
CA LEU A 911 27.18 -6.00 40.30
C LEU A 911 26.86 -4.68 39.62
N ASN A 912 27.82 -4.14 38.86
CA ASN A 912 27.58 -2.92 38.09
C ASN A 912 26.40 -3.10 37.15
N GLU A 913 26.26 -4.29 36.56
CA GLU A 913 25.11 -4.56 35.70
C GLU A 913 23.82 -4.54 36.50
N ALA A 914 23.85 -5.10 37.72
CA ALA A 914 22.64 -5.09 38.54
C ALA A 914 22.34 -3.70 39.08
N ARG A 915 23.36 -2.88 39.30
CA ARG A 915 23.13 -1.52 39.78
C ARG A 915 22.43 -0.67 38.71
N GLU A 916 22.95 -0.70 37.48
CA GLU A 916 22.37 0.13 36.43
C GLU A 916 20.96 -0.31 36.06
N GLN A 917 20.67 -1.61 36.11
CA GLN A 917 19.30 -2.06 35.91
C GLN A 917 18.38 -1.50 36.99
N THR A 918 18.89 -1.29 38.20
CA THR A 918 18.08 -0.69 39.25
C THR A 918 17.83 0.80 38.97
N VAL A 919 18.87 1.52 38.54
CA VAL A 919 18.72 2.95 38.25
C VAL A 919 17.77 3.16 37.08
N GLU A 920 17.76 2.24 36.12
CA GLU A 920 16.81 2.32 35.01
C GLU A 920 15.38 2.43 35.52
N VAL A 921 15.03 1.59 36.50
CA VAL A 921 13.67 1.61 37.03
C VAL A 921 13.47 2.78 37.99
N ILE A 922 14.52 3.20 38.69
CA ILE A 922 14.40 4.35 39.60
C ILE A 922 14.07 5.60 38.81
N GLU A 923 14.88 5.92 37.79
CA GLU A 923 14.59 7.08 36.96
C GLU A 923 13.28 6.91 36.18
N GLU A 924 12.88 5.66 35.94
CA GLU A 924 11.60 5.40 35.29
C GLU A 924 10.44 5.79 36.20
N ALA A 925 10.55 5.48 37.50
CA ALA A 925 9.47 5.80 38.43
C ALA A 925 9.47 7.29 38.79
N LYS A 926 10.66 7.89 38.94
CA LYS A 926 10.74 9.31 39.23
C LYS A 926 10.17 10.14 38.08
N ALA A 927 10.50 9.76 36.84
CA ALA A 927 9.90 10.44 35.69
C ALA A 927 8.38 10.23 35.65
N ALA A 928 7.91 9.06 36.08
CA ALA A 928 6.47 8.81 36.09
C ALA A 928 5.76 9.67 37.14
N LYS A 929 6.40 9.91 38.28
CA LYS A 929 5.79 10.73 39.32
C LYS A 929 5.82 12.21 38.96
N GLU A 930 6.96 12.70 38.43
CA GLU A 930 7.05 14.11 38.06
C GLU A 930 6.08 14.45 36.95
N ALA A 931 5.74 13.48 36.10
CA ALA A 931 4.69 13.71 35.11
C ALA A 931 3.35 13.92 35.79
N ARG A 932 3.11 13.22 36.89
CA ARG A 932 1.85 13.40 37.62
C ARG A 932 1.84 14.73 38.37
N ASP A 933 2.99 15.15 38.90
CA ASP A 933 3.07 16.44 39.58
C ASP A 933 2.78 17.58 38.62
N ALA A 934 3.23 17.46 37.37
CA ALA A 934 3.00 18.51 36.39
C ALA A 934 1.56 18.50 35.89
N ARG A 935 0.96 17.32 35.75
CA ARG A 935 -0.42 17.23 35.25
C ARG A 935 -1.39 17.89 36.23
N ILE A 936 -1.26 17.58 37.52
CA ILE A 936 -2.20 18.09 38.51
C ILE A 936 -2.01 19.59 38.71
N LYS A 937 -0.74 20.03 38.82
CA LYS A 937 -0.48 21.46 38.99
C LYS A 937 -0.99 22.25 37.79
N ALA A 938 -0.79 21.74 36.57
CA ALA A 938 -1.22 22.47 35.38
C ALA A 938 -2.75 22.51 35.29
N ALA A 939 -3.41 21.41 35.67
CA ALA A 939 -4.87 21.39 35.61
C ALA A 939 -5.48 22.35 36.62
N ALA A 940 -4.88 22.45 37.80
CA ALA A 940 -5.37 23.39 38.81
C ALA A 940 -5.15 24.82 38.38
N ALA A 941 -4.00 25.10 37.75
CA ALA A 941 -3.72 26.46 37.29
C ALA A 941 -4.67 26.89 36.18
N CYS A 942 -4.99 25.97 35.25
CA CYS A 942 -5.90 26.30 34.16
C CYS A 942 -7.29 26.65 34.69
N ALA A 943 -7.72 25.99 35.76
CA ALA A 943 -9.01 26.33 36.35
C ALA A 943 -8.97 27.70 37.02
N LEU A 944 -7.84 28.05 37.63
CA LEU A 944 -7.69 29.38 38.20
C LEU A 944 -7.74 30.46 37.12
N VAL A 945 -7.11 30.20 35.97
CA VAL A 945 -7.15 31.17 34.87
C VAL A 945 -8.57 31.31 34.34
N ALA A 946 -9.37 30.25 34.41
CA ALA A 946 -10.77 30.35 34.01
C ALA A 946 -11.55 31.26 34.95
N MSE A 947 -11.14 31.34 36.21
CA MSE A 947 -11.80 32.20 37.18
C MSE A 947 -11.14 33.58 37.23
O MSE A 947 -11.35 34.34 38.16
CB MSE A 947 -11.79 31.54 38.57
CG MSE A 947 -12.56 30.23 38.62
SE MSE A 947 -12.50 29.32 40.35
CE MSE A 947 -10.64 28.75 40.33
N LYS A 948 -10.35 33.87 36.20
CA LYS A 948 -9.65 35.15 36.05
C LYS A 948 -8.84 35.49 37.30
N VAL A 949 -8.06 34.51 37.77
CA VAL A 949 -7.24 34.67 38.96
C VAL A 949 -5.86 35.12 38.49
N LEU A 950 -5.60 36.42 38.58
CA LEU A 950 -4.32 37.02 38.23
C LEU A 950 -3.55 37.30 39.51
N PRO A 951 -2.62 36.45 39.92
CA PRO A 951 -1.93 36.67 41.19
C PRO A 951 -1.04 37.91 41.15
N LYS A 952 -0.78 38.46 42.33
CA LYS A 952 0.17 39.55 42.44
C LYS A 952 1.55 39.11 41.98
N LYS A 953 1.97 37.90 42.37
CA LYS A 953 3.20 37.28 41.92
C LYS A 953 2.84 36.09 41.05
N PRO A 954 2.70 36.27 39.73
CA PRO A 954 2.19 35.19 38.87
C PRO A 954 3.25 34.17 38.44
N SER A 955 4.45 34.22 38.99
CA SER A 955 5.50 33.29 38.57
C SER A 955 5.13 31.83 38.84
N PRO A 956 4.63 31.45 40.02
CA PRO A 956 4.25 30.03 40.20
C PRO A 956 3.08 29.61 39.34
N LEU A 957 2.13 30.51 39.06
CA LEU A 957 1.00 30.14 38.21
C LEU A 957 1.45 29.90 36.77
N ILE A 958 2.35 30.74 36.27
CA ILE A 958 2.83 30.59 34.90
C ILE A 958 3.71 29.34 34.77
N LYS A 959 4.50 29.04 35.81
CA LYS A 959 5.38 27.88 35.75
C LYS A 959 4.59 26.58 35.66
N ALA A 960 3.44 26.51 36.33
CA ALA A 960 2.63 25.29 36.28
C ALA A 960 2.11 25.03 34.89
N ILE A 961 1.68 26.07 34.18
CA ILE A 961 1.15 25.90 32.83
C ILE A 961 2.29 25.61 31.85
N MSE A 962 3.45 26.23 32.07
CA MSE A 962 4.59 26.05 31.18
C MSE A 962 5.17 24.64 31.26
O MSE A 962 5.50 24.04 30.25
CB MSE A 962 5.69 27.07 31.51
CG MSE A 962 5.42 28.48 30.97
SE MSE A 962 5.21 28.51 29.03
CE MSE A 962 5.48 30.41 28.74
N ASP A 963 5.30 24.12 32.49
CA ASP A 963 5.83 22.78 32.68
C ASP A 963 4.98 21.74 31.96
N SER A 964 3.69 22.03 31.76
CA SER A 964 2.85 21.13 30.97
C SER A 964 3.14 21.28 29.48
N ILE A 965 3.38 22.50 29.01
CA ILE A 965 3.66 22.70 27.59
C ILE A 965 5.01 22.10 27.22
N LYS A 966 6.01 22.24 28.11
CA LYS A 966 7.30 21.64 27.86
C LYS A 966 7.20 20.12 27.77
N THR A 967 6.67 19.48 28.82
CA THR A 967 6.69 18.03 28.97
C THR A 967 5.28 17.52 29.25
N GLU A 968 4.58 17.13 28.18
CA GLU A 968 3.30 16.44 28.32
C GLU A 968 3.13 15.54 27.11
N GLU A 969 3.22 14.22 27.32
CA GLU A 969 3.12 13.29 26.20
C GLU A 969 1.73 13.33 25.57
N ASN A 970 0.69 13.44 26.39
CA ASN A 970 -0.68 13.44 25.88
C ASN A 970 -1.03 14.78 25.25
N GLN A 971 -1.66 14.72 24.08
CA GLN A 971 -1.93 15.94 23.34
C GLN A 971 -3.15 16.70 23.88
N GLU A 972 -4.20 15.98 24.28
CA GLU A 972 -5.40 16.65 24.76
C GLU A 972 -5.13 17.43 26.04
N LEU A 973 -4.34 16.86 26.96
CA LEU A 973 -3.95 17.60 28.15
C LEU A 973 -3.02 18.76 27.82
N GLN A 974 -2.15 18.59 26.81
CA GLN A 974 -1.24 19.67 26.46
C GLN A 974 -1.97 20.78 25.69
N SER A 975 -2.91 20.41 24.83
CA SER A 975 -3.66 21.42 24.08
C SER A 975 -4.49 22.30 25.02
N ARG A 976 -4.92 21.76 26.16
CA ARG A 976 -5.65 22.55 27.13
C ARG A 976 -4.73 23.58 27.80
N SER A 977 -3.50 23.18 28.10
CA SER A 977 -2.54 24.11 28.70
C SER A 977 -2.10 25.17 27.70
N ALA A 978 -2.03 24.81 26.41
CA ALA A 978 -1.70 25.80 25.39
C ALA A 978 -2.81 26.83 25.23
N ALA A 979 -4.07 26.38 25.25
CA ALA A 979 -5.19 27.31 25.18
C ALA A 979 -5.28 28.19 26.42
N THR A 980 -4.80 27.69 27.56
CA THR A 980 -4.83 28.48 28.79
C THR A 980 -3.77 29.57 28.76
N ILE A 981 -2.53 29.22 28.40
CA ILE A 981 -1.45 30.19 28.34
C ILE A 981 -1.72 31.25 27.28
N ALA A 982 -2.51 30.93 26.26
CA ALA A 982 -2.87 31.92 25.25
C ALA A 982 -3.90 32.92 25.79
N ARG A 983 -4.81 32.45 26.64
CA ARG A 983 -5.74 33.37 27.28
C ARG A 983 -5.07 34.15 28.41
N LEU A 984 -4.09 33.54 29.08
CA LEU A 984 -3.38 34.24 30.15
C LEU A 984 -2.57 35.41 29.61
N VAL A 985 -2.03 35.28 28.40
CA VAL A 985 -1.34 36.40 27.77
C VAL A 985 -2.33 37.53 27.47
N GLN A 986 -3.52 37.17 27.00
CA GLN A 986 -4.53 38.19 26.70
C GLN A 986 -5.05 38.85 27.96
N LEU A 987 -5.16 38.12 29.06
CA LEU A 987 -5.64 38.72 30.30
C LEU A 987 -4.62 39.68 30.90
N PHE A 988 -3.33 39.42 30.71
CA PHE A 988 -2.31 40.31 31.24
C PHE A 988 -2.20 41.58 30.40
N THR A 989 -2.18 41.46 29.08
CA THR A 989 -2.11 42.63 28.22
C THR A 989 -3.39 43.46 28.27
N GLU A 990 -4.50 42.89 28.73
CA GLU A 990 -5.73 43.63 28.92
C GLU A 990 -5.78 44.40 30.23
N SER A 991 -4.73 44.36 31.03
CA SER A 991 -4.70 45.05 32.32
C SER A 991 -3.25 45.41 32.66
N GLY A 992 -2.63 46.25 31.84
CA GLY A 992 -1.23 46.58 31.98
C GLY A 992 -0.32 45.37 31.94
N ARG A 993 0.38 45.12 33.05
CA ARG A 993 1.15 43.90 33.27
C ARG A 993 1.85 43.37 32.04
N ARG A 994 2.45 44.26 31.24
CA ARG A 994 3.19 43.80 30.07
C ARG A 994 4.52 43.15 30.44
N GLY A 995 4.93 43.23 31.70
CA GLY A 995 6.13 42.57 32.17
C GLY A 995 6.05 41.07 32.03
N PRO A 996 5.18 40.43 32.81
CA PRO A 996 5.02 38.98 32.69
C PRO A 996 4.37 38.54 31.38
N ALA A 997 3.61 39.42 30.72
CA ALA A 997 2.98 39.04 29.46
C ALA A 997 4.00 38.86 28.35
N GLU A 998 5.02 39.71 28.31
CA GLU A 998 6.05 39.62 27.27
C GLU A 998 7.10 38.57 27.58
N LYS A 999 7.24 38.17 28.85
CA LYS A 999 8.14 37.06 29.18
C LYS A 999 7.54 35.71 28.82
N VAL A 1000 6.21 35.58 28.89
CA VAL A 1000 5.55 34.33 28.53
C VAL A 1000 5.67 34.08 27.04
N VAL A 1001 5.36 35.09 26.22
CA VAL A 1001 5.43 34.93 24.77
C VAL A 1001 6.86 34.69 24.32
N ALA A 1002 7.84 35.30 25.00
CA ALA A 1002 9.23 35.08 24.65
C ALA A 1002 9.65 33.63 24.90
N ASN A 1003 9.08 32.98 25.92
CA ASN A 1003 9.39 31.58 26.16
C ASN A 1003 8.73 30.68 25.13
N LEU A 1004 7.49 31.01 24.73
CA LEU A 1004 6.84 30.23 23.68
C LEU A 1004 7.62 30.28 22.38
N VAL A 1005 8.17 31.45 22.05
CA VAL A 1005 8.99 31.56 20.85
C VAL A 1005 10.25 30.73 20.99
N LYS A 1006 10.88 30.76 22.16
CA LYS A 1006 12.10 29.97 22.38
C LYS A 1006 11.81 28.48 22.33
N PHE A 1007 10.63 28.05 22.79
CA PHE A 1007 10.31 26.62 22.82
C PHE A 1007 9.91 26.07 21.47
N SER A 1008 9.51 26.92 20.52
CA SER A 1008 9.15 26.45 19.19
C SER A 1008 10.36 26.19 18.31
N CYS A 1009 11.58 26.38 18.83
CA CYS A 1009 12.80 26.21 18.06
C CYS A 1009 13.71 25.13 18.63
N VAL A 1010 13.21 24.31 19.54
CA VAL A 1010 14.06 23.32 20.18
C VAL A 1010 14.17 22.03 19.36
N GLU A 1011 13.18 21.72 18.53
CA GLU A 1011 13.24 20.51 17.70
C GLU A 1011 14.25 20.71 16.58
N VAL A 1012 15.40 20.05 16.70
CA VAL A 1012 16.48 20.21 15.73
C VAL A 1012 16.06 19.76 14.33
N ALA A 1013 15.05 18.89 14.23
CA ALA A 1013 14.55 18.48 12.92
C ALA A 1013 13.93 19.64 12.17
N GLU A 1014 13.37 20.62 12.88
CA GLU A 1014 12.72 21.76 12.24
C GLU A 1014 13.58 23.02 12.26
N THR A 1015 14.25 23.31 13.37
CA THR A 1015 15.08 24.50 13.50
C THR A 1015 16.53 24.10 13.73
N PRO A 1016 17.41 24.28 12.76
CA PRO A 1016 18.80 23.85 12.93
C PRO A 1016 19.51 24.65 14.01
N GLU A 1017 20.52 24.04 14.60
CA GLU A 1017 21.42 24.73 15.52
C GLU A 1017 22.53 25.39 14.72
N PHE A 1018 22.56 26.73 14.75
CA PHE A 1018 23.45 27.48 13.87
C PHE A 1018 24.93 27.14 14.06
N PRO A 1019 25.47 27.08 15.28
CA PRO A 1019 26.92 26.79 15.40
C PRO A 1019 27.34 25.46 14.81
N ILE A 1020 26.43 24.50 14.66
CA ILE A 1020 26.81 23.19 14.13
C ILE A 1020 27.04 23.24 12.63
N HIS A 1021 26.29 24.10 11.92
CA HIS A 1021 26.40 24.19 10.46
C HIS A 1021 26.92 25.55 10.00
N ALA A 1022 27.56 26.30 10.90
CA ALA A 1022 27.95 27.67 10.55
C ALA A 1022 29.09 27.70 9.53
N HIS A 1023 29.89 26.64 9.48
CA HIS A 1023 31.04 26.59 8.58
C HIS A 1023 30.69 26.10 7.18
N LYS A 1024 29.44 25.71 6.95
CA LYS A 1024 29.07 25.02 5.72
C LYS A 1024 28.63 26.02 4.65
N THR A 1025 29.38 26.08 3.56
CA THR A 1025 28.98 26.79 2.35
C THR A 1025 29.09 25.84 1.17
N ASN A 1026 28.33 26.14 0.11
CA ASN A 1026 28.27 25.29 -1.09
C ASN A 1026 27.81 23.87 -0.75
N VAL A 1027 27.04 23.72 0.32
CA VAL A 1027 26.43 22.47 0.71
C VAL A 1027 24.92 22.70 0.77
N ILE A 1028 24.15 21.67 0.41
CA ILE A 1028 22.70 21.72 0.53
C ILE A 1028 22.31 20.88 1.74
N LEU A 1029 21.89 21.54 2.82
CA LEU A 1029 21.57 20.83 4.05
C LEU A 1029 20.35 19.93 3.92
N SER A 1030 19.49 20.19 2.93
CA SER A 1030 18.32 19.33 2.74
C SER A 1030 18.73 17.92 2.35
N MSE A 1031 19.87 17.77 1.68
CA MSE A 1031 20.38 16.46 1.32
C MSE A 1031 21.06 15.79 2.51
O MSE A 1031 21.04 14.57 2.64
CB MSE A 1031 21.35 16.56 0.14
CG MSE A 1031 20.72 16.99 -1.18
SE MSE A 1031 19.51 15.65 -1.94
CE MSE A 1031 17.83 16.22 -1.14
N GLN A 1032 21.66 16.61 3.39
CA GLN A 1032 22.28 16.06 4.59
C GLN A 1032 21.25 15.57 5.58
N LYS A 1033 20.12 16.28 5.70
CA LYS A 1033 19.13 15.94 6.73
C LYS A 1033 18.58 14.54 6.54
N GLU A 1034 18.35 14.12 5.29
CA GLU A 1034 17.81 12.79 5.04
C GLU A 1034 18.89 11.72 4.92
N GLU A 1035 20.08 12.08 4.41
CA GLU A 1035 21.20 11.15 4.37
C GLU A 1035 21.95 11.08 5.69
N ASP A 1036 21.33 11.49 6.80
CA ASP A 1036 22.00 11.45 8.10
C ASP A 1036 21.09 10.81 9.14
N ARG A 1037 19.78 10.90 8.95
CA ARG A 1037 18.84 10.20 9.82
C ARG A 1037 18.74 8.71 9.49
N VAL A 1038 19.64 8.20 8.65
CA VAL A 1038 19.65 6.79 8.29
C VAL A 1038 21.06 6.24 8.42
N PRO A 1041 23.13 6.75 14.78
CA PRO A 1041 22.24 7.79 15.30
C PRO A 1041 21.23 7.25 16.30
N ASP A 1042 20.92 5.95 16.19
CA ASP A 1042 19.86 5.32 16.97
C ASP A 1042 20.43 4.89 18.32
N ALA A 1043 20.27 5.76 19.32
CA ALA A 1043 20.60 5.46 20.70
C ALA A 1043 19.43 5.84 21.58
N VAL A 1044 19.28 5.12 22.70
CA VAL A 1044 18.10 5.29 23.53
C VAL A 1044 18.07 6.68 24.16
N LYS A 1045 19.21 7.18 24.62
CA LYS A 1045 19.26 8.48 25.26
C LYS A 1045 19.44 9.62 24.26
N TYR A 1046 19.50 9.31 22.98
CA TYR A 1046 19.41 10.33 21.93
C TYR A 1046 18.04 10.39 21.28
N ALA A 1047 17.29 9.28 21.30
CA ALA A 1047 15.90 9.29 20.87
C ALA A 1047 14.95 9.76 21.95
N ARG A 1048 15.35 9.66 23.23
CA ARG A 1048 14.53 10.19 24.31
C ARG A 1048 14.63 11.71 24.38
N GLU A 1049 15.83 12.26 24.22
CA GLU A 1049 15.98 13.71 24.22
C GLU A 1049 15.36 14.34 22.98
N ALA A 1050 15.41 13.64 21.84
CA ALA A 1050 14.75 14.14 20.64
C ALA A 1050 13.23 14.06 20.76
N LYS A 1051 12.72 13.10 21.52
CA LYS A 1051 11.29 13.03 21.77
C LYS A 1051 10.82 14.19 22.64
N ALA A 1052 11.61 14.56 23.64
CA ALA A 1052 11.25 15.70 24.48
C ALA A 1052 11.20 16.99 23.68
N ALA A 1053 12.10 17.15 22.70
CA ALA A 1053 12.11 18.34 21.88
C ALA A 1053 10.87 18.41 20.99
N ARG A 1054 10.47 17.27 20.42
CA ARG A 1054 9.27 17.25 19.58
C ARG A 1054 8.02 17.55 20.39
N ILE A 1055 8.00 17.18 21.68
CA ILE A 1055 6.85 17.47 22.53
C ILE A 1055 6.84 18.95 22.91
N THR A 1056 8.00 19.51 23.23
CA THR A 1056 8.07 20.92 23.59
C THR A 1056 7.64 21.82 22.44
N ARG A 1057 8.08 21.49 21.22
CA ARG A 1057 7.66 22.28 20.06
C ARG A 1057 6.17 22.12 19.80
N ARG A 1058 5.64 20.91 19.95
CA ARG A 1058 4.23 20.68 19.68
C ARG A 1058 3.34 21.54 20.56
N GLY A 1059 3.71 21.70 21.83
CA GLY A 1059 2.91 22.53 22.72
C GLY A 1059 3.06 24.00 22.43
N ALA A 1060 4.31 24.47 22.28
CA ALA A 1060 4.54 25.89 22.04
C ALA A 1060 3.98 26.33 20.70
N LYS A 1061 4.07 25.46 19.68
CA LYS A 1061 3.51 25.80 18.37
C LYS A 1061 2.01 26.00 18.46
N GLU A 1062 1.32 25.16 19.23
CA GLU A 1062 -0.13 25.31 19.37
C GLU A 1062 -0.49 26.53 20.21
N ALA A 1063 0.33 26.88 21.19
CA ALA A 1063 0.05 28.06 21.99
C ALA A 1063 0.08 29.33 21.16
N LEU A 1064 1.09 29.45 20.28
CA LEU A 1064 1.15 30.60 19.38
C LEU A 1064 0.05 30.53 18.33
N GLU A 1065 -0.37 29.32 17.93
CA GLU A 1065 -1.48 29.19 16.99
C GLU A 1065 -2.78 29.69 17.62
N ILE A 1066 -3.06 29.26 18.85
CA ILE A 1066 -4.26 29.73 19.55
C ILE A 1066 -4.13 31.21 19.88
N LEU A 1067 -2.91 31.68 20.18
CA LEU A 1067 -2.70 33.09 20.46
C LEU A 1067 -3.01 33.95 19.24
N SER A 1068 -2.65 33.47 18.05
CA SER A 1068 -2.91 34.24 16.84
C SER A 1068 -4.39 34.27 16.48
N LYS A 1069 -5.15 33.26 16.87
CA LYS A 1069 -6.58 33.24 16.58
C LYS A 1069 -7.38 34.02 17.62
N ASN A 1070 -6.87 34.12 18.85
CA ASN A 1070 -7.53 34.95 19.86
C ASN A 1070 -7.43 36.43 19.51
N PHE A 1071 -6.23 36.90 19.19
CA PHE A 1071 -6.01 38.30 18.88
C PHE A 1071 -6.39 38.68 17.46
N GLY A 1072 -6.63 37.69 16.59
CA GLY A 1072 -7.06 37.98 15.23
C GLY A 1072 -6.04 38.80 14.48
N ALA A 1073 -6.49 39.93 13.93
CA ALA A 1073 -5.61 40.83 13.20
C ALA A 1073 -4.84 41.78 14.09
N GLU A 1074 -5.12 41.78 15.40
CA GLU A 1074 -4.46 42.66 16.35
C GLU A 1074 -3.25 42.02 17.01
N LEU A 1075 -2.72 40.94 16.43
CA LEU A 1075 -1.65 40.18 17.08
C LEU A 1075 -0.36 40.99 17.15
N LEU A 1076 0.03 41.64 16.07
CA LEU A 1076 1.28 42.39 16.04
C LEU A 1076 1.20 43.73 16.74
N GLU A 1077 0.00 44.24 17.00
CA GLU A 1077 -0.16 45.47 17.77
C GLU A 1077 -0.30 45.21 19.26
N ARG A 1078 -0.95 44.11 19.65
CA ARG A 1078 -1.09 43.77 21.06
C ARG A 1078 0.17 43.10 21.61
N VAL A 1079 0.76 42.19 20.85
CA VAL A 1079 2.00 41.53 21.24
C VAL A 1079 3.12 42.02 20.33
N PRO A 1080 3.70 43.19 20.62
CA PRO A 1080 4.73 43.72 19.72
C PRO A 1080 6.05 42.96 19.79
N THR A 1081 6.24 42.13 20.81
CA THR A 1081 7.48 41.35 20.91
C THR A 1081 7.56 40.30 19.81
N LEU A 1082 6.41 39.80 19.34
CA LEU A 1082 6.42 38.84 18.25
C LEU A 1082 6.99 39.45 16.98
N ARG A 1083 6.58 40.67 16.65
CA ARG A 1083 7.11 41.33 15.46
C ARG A 1083 8.61 41.52 15.54
N THR A 1084 9.14 41.75 16.74
CA THR A 1084 10.58 41.90 16.90
C THR A 1084 11.32 40.60 16.59
N PHE A 1085 10.80 39.47 17.09
CA PHE A 1085 11.47 38.19 16.86
C PHE A 1085 11.50 37.83 15.38
N MSE A 1086 10.44 38.15 14.65
CA MSE A 1086 10.32 37.73 13.26
C MSE A 1086 10.95 38.70 12.27
O MSE A 1086 11.41 38.29 11.20
CB MSE A 1086 8.84 37.54 12.90
CG MSE A 1086 8.19 36.35 13.58
SE MSE A 1086 6.30 36.18 13.11
CE MSE A 1086 5.60 37.71 14.11
N GLU A 1087 10.99 39.98 12.61
CA GLU A 1087 11.43 41.02 11.68
C GLU A 1087 12.83 41.56 11.96
N GLU A 1088 13.11 41.90 13.22
CA GLU A 1088 14.36 42.59 13.53
C GLU A 1088 15.61 41.84 13.08
N PRO A 1089 15.81 40.56 13.39
CA PRO A 1089 17.08 39.91 12.98
C PRO A 1089 17.26 39.85 11.48
N LEU A 1090 16.18 39.69 10.72
CA LEU A 1090 16.30 39.64 9.26
C LEU A 1090 16.66 41.00 8.69
N VAL A 1091 16.20 42.08 9.32
CA VAL A 1091 16.54 43.42 8.85
C VAL A 1091 18.03 43.71 9.07
N ARG A 1092 18.56 43.28 10.21
CA ARG A 1092 19.98 43.51 10.50
C ARG A 1092 20.89 42.78 9.52
N ALA A 1093 20.48 41.59 9.07
CA ALA A 1093 21.38 40.71 8.33
C ALA A 1093 21.16 40.73 6.83
N PHE A 1094 20.00 41.20 6.35
CA PHE A 1094 19.71 41.10 4.92
C PHE A 1094 19.16 42.40 4.33
N SER A 1095 19.26 43.53 5.04
CA SER A 1095 18.90 44.81 4.42
C SER A 1095 19.95 45.22 3.40
N GLY A 1096 21.22 45.07 3.75
CA GLY A 1096 22.32 45.35 2.83
C GLY A 1096 23.31 44.20 2.80
N ASP A 1097 24.53 44.46 3.24
CA ASP A 1097 25.56 43.43 3.32
C ASP A 1097 25.43 42.66 4.64
N LEU A 1098 25.81 41.39 4.59
CA LEU A 1098 25.76 40.54 5.78
C LEU A 1098 26.84 40.97 6.75
N PRO A 1099 26.50 41.33 7.99
CA PRO A 1099 27.53 41.74 8.94
C PRO A 1099 28.42 40.57 9.32
N PRO A 1100 29.70 40.81 9.58
CA PRO A 1100 30.60 39.71 9.96
C PRO A 1100 30.21 39.04 11.27
N GLU A 1101 29.42 39.73 12.11
CA GLU A 1101 28.98 39.12 13.36
C GLU A 1101 28.05 37.93 13.12
N ALA A 1102 27.31 37.94 12.01
CA ALA A 1102 26.35 36.88 11.72
C ALA A 1102 27.00 35.57 11.30
N ARG A 1103 28.29 35.58 10.97
CA ARG A 1103 28.98 34.36 10.56
C ARG A 1103 29.65 33.62 11.72
N ASP A 1104 29.78 34.26 12.88
CA ASP A 1104 30.54 33.66 13.98
C ASP A 1104 29.64 32.73 14.79
N PRO A 1105 30.06 31.49 15.04
CA PRO A 1105 29.24 30.58 15.84
C PRO A 1105 29.24 30.91 17.33
N GLU A 1106 30.22 31.68 17.81
CA GLU A 1106 30.20 32.12 19.21
C GLU A 1106 29.25 33.27 19.42
N ASN A 1107 29.00 34.08 18.39
CA ASN A 1107 28.02 35.15 18.47
C ASN A 1107 26.61 34.58 18.41
N ALA A 1108 25.72 35.13 19.24
CA ALA A 1108 24.33 34.69 19.27
C ALA A 1108 23.53 35.18 18.07
N PHE A 1109 24.10 36.08 17.25
CA PHE A 1109 23.36 36.65 16.13
C PHE A 1109 22.96 35.58 15.13
N GLY A 1110 23.83 34.60 14.89
CA GLY A 1110 23.53 33.57 13.90
C GLY A 1110 22.26 32.80 14.20
N GLN A 1111 22.07 32.41 15.46
CA GLN A 1111 20.87 31.66 15.82
C GLN A 1111 19.63 32.55 15.83
N GLU A 1112 19.80 33.83 16.17
CA GLU A 1112 18.67 34.76 16.14
C GLU A 1112 18.08 34.87 14.74
N ILE A 1113 18.94 34.81 13.71
CA ILE A 1113 18.46 34.85 12.34
C ILE A 1113 17.73 33.56 11.99
N VAL A 1114 18.25 32.42 12.44
CA VAL A 1114 17.61 31.14 12.17
C VAL A 1114 16.25 31.06 12.87
N ASP A 1115 16.20 31.43 14.15
CA ASP A 1115 14.94 31.39 14.89
C ASP A 1115 13.91 32.34 14.29
N ALA A 1116 14.36 33.48 13.74
CA ALA A 1116 13.42 34.44 13.17
C ALA A 1116 12.62 33.82 12.03
N MSE A 1117 13.30 33.12 11.12
CA MSE A 1117 12.61 32.47 10.00
C MSE A 1117 11.87 31.22 10.44
O MSE A 1117 10.93 30.78 9.79
CB MSE A 1117 13.61 32.14 8.89
CG MSE A 1117 14.10 33.36 8.12
SE MSE A 1117 15.37 32.89 6.71
CE MSE A 1117 16.94 32.57 7.83
N SER A 1118 12.32 30.63 11.55
CA SER A 1118 11.62 29.47 12.10
C SER A 1118 10.25 29.86 12.64
N VAL A 1119 10.13 31.06 13.22
CA VAL A 1119 8.85 31.51 13.73
C VAL A 1119 7.92 31.91 12.59
N ILE A 1120 8.48 32.44 11.50
CA ILE A 1120 7.65 32.90 10.39
C ILE A 1120 6.87 31.73 9.80
N ARG A 1121 7.54 30.60 9.54
CA ARG A 1121 6.85 29.44 9.01
C ARG A 1121 6.02 28.71 10.05
N THR A 1122 6.25 28.97 11.34
CA THR A 1122 5.43 28.37 12.39
C THR A 1122 4.07 29.06 12.50
N MSE A 1123 4.01 30.36 12.21
CA MSE A 1123 2.79 31.13 12.46
C MSE A 1123 2.10 31.67 11.21
O MSE A 1123 0.98 32.16 11.29
CB MSE A 1123 3.12 32.30 13.39
CG MSE A 1123 3.37 31.88 14.83
SE MSE A 1123 3.96 33.36 15.93
CE MSE A 1123 2.80 34.74 15.19
N THR A 1124 2.76 31.56 10.06
CA THR A 1124 2.13 32.02 8.82
C THR A 1124 0.84 31.28 8.47
N PRO A 1125 0.74 29.94 8.63
CA PRO A 1125 -0.55 29.29 8.29
C PRO A 1125 -1.71 29.77 9.14
N THR A 1126 -1.52 29.90 10.45
CA THR A 1126 -2.58 30.35 11.36
C THR A 1126 -2.60 31.86 11.56
N LEU A 1127 -1.95 32.61 10.67
CA LEU A 1127 -1.93 34.06 10.78
C LEU A 1127 -3.17 34.65 10.14
N HIS A 1128 -3.71 35.69 10.76
CA HIS A 1128 -4.89 36.34 10.20
C HIS A 1128 -4.55 36.97 8.86
N PRO A 1129 -5.44 36.88 7.87
CA PRO A 1129 -5.12 37.40 6.52
C PRO A 1129 -4.77 38.87 6.50
N ALA A 1130 -5.16 39.65 7.51
CA ALA A 1130 -4.79 41.06 7.57
C ALA A 1130 -3.33 41.27 7.93
N LEU A 1131 -2.61 40.21 8.33
CA LEU A 1131 -1.19 40.29 8.63
C LEU A 1131 -0.32 39.75 7.51
N HIS A 1132 -0.91 39.27 6.43
CA HIS A 1132 -0.11 38.84 5.27
C HIS A 1132 0.78 39.95 4.70
N PRO A 1133 0.35 41.23 4.65
CA PRO A 1133 1.30 42.27 4.21
C PRO A 1133 2.57 42.36 5.05
N PHE A 1134 2.48 42.08 6.35
CA PHE A 1134 3.68 42.07 7.18
C PHE A 1134 4.64 40.97 6.75
N VAL A 1135 4.11 39.78 6.44
CA VAL A 1135 4.95 38.68 5.98
C VAL A 1135 5.59 39.04 4.64
N MSE A 1136 4.81 39.64 3.74
CA MSE A 1136 5.31 40.01 2.42
C MSE A 1136 6.42 41.05 2.48
O MSE A 1136 7.26 41.12 1.61
CB MSE A 1136 4.15 40.52 1.54
CG MSE A 1136 3.12 39.47 1.22
SE MSE A 1136 3.92 37.86 0.47
CE MSE A 1136 4.81 38.66 -1.08
N GLN A 1137 6.38 41.87 3.54
CA GLN A 1137 7.46 42.83 3.75
C GLN A 1137 8.79 42.12 4.04
N GLN A 1138 8.72 40.93 4.64
CA GLN A 1138 9.92 40.16 4.95
C GLN A 1138 10.39 39.29 3.79
N VAL A 1139 9.59 39.15 2.74
CA VAL A 1139 9.98 38.30 1.60
C VAL A 1139 11.27 38.78 0.93
N PRO A 1140 11.46 40.07 0.64
CA PRO A 1140 12.75 40.49 0.07
C PRO A 1140 13.95 40.17 0.95
N LEU A 1141 13.75 40.02 2.26
CA LEU A 1141 14.85 39.60 3.12
C LEU A 1141 15.11 38.10 3.03
N VAL A 1142 14.06 37.30 2.85
CA VAL A 1142 14.25 35.85 2.77
C VAL A 1142 14.87 35.47 1.43
N ILE A 1143 14.44 36.12 0.34
CA ILE A 1143 15.08 35.90 -0.95
C ILE A 1143 16.56 36.29 -0.89
N LYS A 1144 16.86 37.35 -0.15
CA LYS A 1144 18.25 37.71 0.09
C LYS A 1144 18.99 36.61 0.85
N ALA A 1145 18.27 35.83 1.65
CA ALA A 1145 18.89 34.72 2.37
C ALA A 1145 19.05 33.48 1.49
N LEU A 1146 18.12 33.26 0.56
CA LEU A 1146 18.30 32.18 -0.41
C LEU A 1146 19.57 32.36 -1.22
N ARG A 1147 19.95 33.60 -1.48
CA ARG A 1147 21.16 33.93 -2.21
C ARG A 1147 22.41 33.92 -1.34
N SER A 1148 22.25 33.77 -0.03
CA SER A 1148 23.38 33.82 0.89
C SER A 1148 24.36 32.67 0.62
N ASP A 1149 25.59 32.84 1.11
CA ASP A 1149 26.62 31.82 0.94
C ASP A 1149 26.59 30.78 2.05
N LEU A 1150 26.22 31.17 3.27
CA LEU A 1150 26.08 30.19 4.34
C LEU A 1150 24.92 29.26 4.05
N SER A 1151 25.19 27.95 4.07
CA SER A 1151 24.18 26.97 3.69
C SER A 1151 23.02 26.92 4.70
N VAL A 1152 23.30 27.11 5.98
CA VAL A 1152 22.25 27.02 6.99
C VAL A 1152 21.23 28.15 6.81
N PHE A 1153 21.66 29.30 6.31
CA PHE A 1153 20.72 30.36 5.99
C PHE A 1153 19.89 30.00 4.75
N ARG A 1154 20.54 29.45 3.73
CA ARG A 1154 19.80 28.99 2.56
C ARG A 1154 18.81 27.89 2.91
N TYR A 1155 19.16 27.04 3.88
CA TYR A 1155 18.28 25.94 4.25
C TYR A 1155 16.99 26.45 4.87
N MSE A 1156 17.08 27.38 5.82
CA MSE A 1156 15.91 27.89 6.50
C MSE A 1156 15.12 28.82 5.60
O MSE A 1156 13.89 28.86 5.65
CB MSE A 1156 16.30 28.60 7.81
CG MSE A 1156 15.11 28.93 8.69
SE MSE A 1156 14.00 27.37 9.10
CE MSE A 1156 14.58 27.07 10.93
N ALA A 1157 15.84 29.59 4.77
CA ALA A 1157 15.16 30.46 3.81
C ALA A 1157 14.30 29.66 2.85
N ALA A 1158 14.78 28.49 2.42
CA ALA A 1158 14.00 27.65 1.52
C ALA A 1158 12.78 27.07 2.23
N LYS A 1159 12.95 26.60 3.46
CA LYS A 1159 11.81 26.09 4.22
C LYS A 1159 10.83 27.20 4.55
N CYS A 1160 11.33 28.39 4.87
CA CYS A 1160 10.44 29.49 5.23
C CYS A 1160 9.65 29.97 4.02
N MSE A 1161 10.33 30.23 2.91
CA MSE A 1161 9.68 30.70 1.70
C MSE A 1161 8.65 29.72 1.18
O MSE A 1161 7.56 30.11 0.76
CB MSE A 1161 10.72 30.99 0.61
CG MSE A 1161 10.14 31.51 -0.69
SE MSE A 1161 9.30 33.26 -0.50
CE MSE A 1161 10.86 34.27 0.05
N ALA A 1162 8.98 28.42 1.22
CA ALA A 1162 8.05 27.39 0.78
C ALA A 1162 6.75 27.44 1.57
N THR A 1163 6.86 27.67 2.89
CA THR A 1163 5.66 27.81 3.71
C THR A 1163 4.88 29.08 3.36
N ILE A 1164 5.60 30.18 3.11
CA ILE A 1164 4.93 31.43 2.76
C ILE A 1164 4.19 31.28 1.43
N CYS A 1165 4.81 30.61 0.46
CA CYS A 1165 4.16 30.41 -0.84
C CYS A 1165 2.93 29.51 -0.73
N SER A 1166 2.92 28.58 0.22
CA SER A 1166 1.78 27.69 0.37
C SER A 1166 0.59 28.37 1.05
N VAL A 1167 0.82 29.49 1.74
CA VAL A 1167 -0.25 30.20 2.44
C VAL A 1167 -0.71 31.37 1.59
N ILE A 1168 0.18 32.35 1.37
CA ILE A 1168 -0.10 33.44 0.46
C ILE A 1168 0.16 32.95 -0.96
N THR A 1169 -0.80 32.19 -1.50
CA THR A 1169 -0.62 31.54 -2.79
C THR A 1169 -0.66 32.50 -3.97
N VAL A 1170 -1.08 33.76 -3.76
CA VAL A 1170 -1.19 34.72 -4.85
C VAL A 1170 0.11 35.51 -4.96
N ASP A 1171 0.46 36.25 -3.91
CA ASP A 1171 1.67 37.06 -3.95
C ASP A 1171 2.93 36.26 -3.64
N GLY A 1172 2.80 35.19 -2.85
CA GLY A 1172 3.97 34.37 -2.56
C GLY A 1172 4.52 33.68 -3.79
N MSE A 1173 3.62 33.09 -4.59
CA MSE A 1173 4.02 32.46 -5.84
C MSE A 1173 4.56 33.49 -6.83
O MSE A 1173 5.54 33.25 -7.52
CB MSE A 1173 2.85 31.70 -6.46
CG MSE A 1173 2.49 30.41 -5.75
SE MSE A 1173 3.92 29.08 -5.79
CE MSE A 1173 4.26 29.08 -7.71
N THR A 1174 3.87 34.64 -6.89
CA THR A 1174 4.32 35.71 -7.79
C THR A 1174 5.73 36.17 -7.43
N ALA A 1175 6.05 36.22 -6.14
CA ALA A 1175 7.40 36.58 -5.74
C ALA A 1175 8.41 35.51 -6.16
N LEU A 1176 8.06 34.25 -5.99
CA LEU A 1176 8.98 33.16 -6.32
C LEU A 1176 9.23 33.10 -7.82
N VAL A 1177 8.18 33.20 -8.63
CA VAL A 1177 8.33 33.06 -10.08
C VAL A 1177 9.02 34.29 -10.68
N GLU A 1178 8.89 35.46 -10.04
CA GLU A 1178 9.49 36.67 -10.58
C GLU A 1178 10.88 36.96 -10.02
N LYS A 1179 11.11 36.67 -8.74
CA LYS A 1179 12.33 37.08 -8.07
C LYS A 1179 13.32 35.96 -7.82
N VAL A 1180 12.90 34.69 -7.94
CA VAL A 1180 13.78 33.58 -7.58
C VAL A 1180 14.03 32.68 -8.78
N LEU A 1181 12.95 32.16 -9.38
CA LEU A 1181 13.09 31.19 -10.45
C LEU A 1181 13.87 31.69 -11.67
N PRO A 1182 13.72 32.93 -12.14
CA PRO A 1182 14.43 33.33 -13.38
C PRO A 1182 15.94 33.29 -13.28
N SER A 1183 16.52 33.18 -12.08
CA SER A 1183 17.96 33.18 -11.91
C SER A 1183 18.50 31.83 -11.47
N ILE A 1184 17.82 30.75 -11.82
CA ILE A 1184 18.40 29.42 -11.63
C ILE A 1184 19.37 29.09 -12.75
N ASN A 1185 19.31 29.82 -13.87
CA ASN A 1185 20.23 29.57 -14.98
C ASN A 1185 21.63 30.12 -14.67
N ASN A 1186 21.70 31.24 -13.94
CA ASN A 1186 22.91 32.05 -13.75
C ASN A 1186 24.13 31.22 -13.39
N PRO A 1187 25.10 31.11 -14.30
CA PRO A 1187 26.28 30.28 -14.04
C PRO A 1187 27.35 30.93 -13.20
N LEU A 1188 27.12 32.14 -12.67
CA LEU A 1188 28.13 32.86 -11.91
C LEU A 1188 27.89 32.82 -10.40
N ASP A 1189 26.65 32.68 -9.97
CA ASP A 1189 26.29 32.65 -8.55
C ASP A 1189 25.83 31.23 -8.21
N LEU A 1190 26.75 30.43 -7.69
CA LEU A 1190 26.41 29.07 -7.31
C LEU A 1190 25.46 29.03 -6.12
N SER A 1191 25.64 29.95 -5.17
CA SER A 1191 24.84 29.94 -3.95
C SER A 1191 23.36 30.17 -4.23
N PHE A 1192 23.03 31.01 -5.21
CA PHE A 1192 21.63 31.25 -5.52
C PHE A 1192 20.97 30.04 -6.16
N ARG A 1193 21.71 29.28 -6.97
CA ARG A 1193 21.17 28.08 -7.57
C ARG A 1193 20.86 27.02 -6.53
N GLN A 1194 21.81 26.78 -5.61
CA GLN A 1194 21.58 25.84 -4.54
C GLN A 1194 20.38 26.25 -3.68
N GLY A 1195 20.21 27.55 -3.46
CA GLY A 1195 19.08 28.01 -2.68
C GLY A 1195 17.77 27.94 -3.44
N ALA A 1196 17.80 28.21 -4.75
CA ALA A 1196 16.57 28.25 -5.53
C ALA A 1196 16.02 26.86 -5.80
N ILE A 1197 16.89 25.87 -6.03
CA ILE A 1197 16.40 24.51 -6.20
C ILE A 1197 15.93 23.95 -4.86
N GLU A 1198 16.45 24.48 -3.76
CA GLU A 1198 16.05 23.99 -2.44
C GLU A 1198 14.69 24.54 -2.03
N VAL A 1199 14.36 25.78 -2.42
CA VAL A 1199 13.02 26.29 -2.14
C VAL A 1199 11.99 25.59 -3.01
N ILE A 1200 12.40 25.11 -4.19
CA ILE A 1200 11.52 24.26 -4.98
C ILE A 1200 11.33 22.92 -4.29
N TYR A 1201 12.39 22.37 -3.71
CA TYR A 1201 12.31 21.09 -3.03
C TYR A 1201 11.34 21.14 -1.86
N HIS A 1202 11.45 22.17 -1.01
CA HIS A 1202 10.57 22.29 0.14
C HIS A 1202 9.18 22.76 -0.22
N LEU A 1203 9.01 23.37 -1.40
CA LEU A 1203 7.67 23.77 -1.83
C LEU A 1203 6.82 22.54 -2.16
N ILE A 1204 7.42 21.56 -2.82
CA ILE A 1204 6.71 20.32 -3.13
C ILE A 1204 6.42 19.54 -1.85
N ALA A 1205 7.28 19.65 -0.85
CA ALA A 1205 7.09 18.90 0.38
C ALA A 1205 6.05 19.55 1.29
N VAL A 1206 5.92 20.87 1.26
CA VAL A 1206 4.97 21.55 2.13
C VAL A 1206 3.55 21.44 1.58
N MSE A 1207 3.38 21.64 0.29
CA MSE A 1207 2.05 21.67 -0.31
C MSE A 1207 1.52 20.27 -0.63
O MSE A 1207 0.32 20.02 -0.56
CB MSE A 1207 2.06 22.51 -1.59
CG MSE A 1207 2.55 23.93 -1.39
SE MSE A 1207 2.20 25.10 -2.91
CE MSE A 1207 0.25 25.06 -2.89
N GLY A 1208 2.42 19.35 -0.96
CA GLY A 1208 1.99 18.02 -1.35
C GLY A 1208 1.34 18.04 -2.73
N ASP A 1209 0.23 17.31 -2.86
CA ASP A 1209 -0.49 17.25 -4.13
C ASP A 1209 -1.22 18.55 -4.47
N ALA A 1210 -1.18 19.55 -3.60
CA ALA A 1210 -1.70 20.87 -3.93
C ALA A 1210 -0.77 21.64 -4.86
N ILE A 1211 0.45 21.15 -5.09
CA ILE A 1211 1.39 21.80 -5.98
C ILE A 1211 0.97 21.70 -7.44
N LEU A 1212 -0.02 20.88 -7.75
CA LEU A 1212 -0.37 20.55 -9.13
C LEU A 1212 -0.59 21.77 -10.02
N PRO A 1213 -1.45 22.74 -9.68
CA PRO A 1213 -1.63 23.88 -10.59
C PRO A 1213 -0.37 24.73 -10.75
N TYR A 1214 0.57 24.64 -9.82
CA TYR A 1214 1.79 25.43 -9.87
C TYR A 1214 2.98 24.67 -10.44
N VAL A 1215 2.77 23.42 -10.89
CA VAL A 1215 3.85 22.67 -11.53
C VAL A 1215 4.26 23.31 -12.84
N ILE A 1216 3.38 24.12 -13.45
CA ILE A 1216 3.72 24.81 -14.70
C ILE A 1216 4.98 25.65 -14.52
N PHE A 1217 5.02 26.45 -13.46
CA PHE A 1217 6.16 27.34 -13.21
C PHE A 1217 7.39 26.61 -12.71
N LEU A 1218 7.26 25.36 -12.27
CA LEU A 1218 8.35 24.64 -11.61
C LEU A 1218 9.08 23.65 -12.53
N ILE A 1219 8.50 23.31 -13.68
CA ILE A 1219 8.95 22.12 -14.38
C ILE A 1219 10.25 22.37 -15.15
N VAL A 1220 10.37 23.52 -15.82
CA VAL A 1220 11.56 23.79 -16.64
C VAL A 1220 12.77 24.10 -15.76
N PRO A 1221 12.66 24.91 -14.70
CA PRO A 1221 13.82 25.05 -13.81
C PRO A 1221 14.27 23.75 -13.17
N VAL A 1222 13.34 22.83 -12.89
CA VAL A 1222 13.72 21.55 -12.29
C VAL A 1222 14.40 20.66 -13.32
N LEU A 1223 13.80 20.53 -14.51
CA LEU A 1223 14.38 19.68 -15.54
C LEU A 1223 15.80 20.12 -15.89
N GLY A 1224 16.00 21.43 -16.08
CA GLY A 1224 17.31 21.91 -16.51
C GLY A 1224 18.38 21.75 -15.45
N ARG A 1225 17.97 21.69 -14.19
CA ARG A 1225 18.93 21.57 -13.11
C ARG A 1225 19.47 20.16 -12.94
N MSE A 1226 18.84 19.17 -13.55
CA MSE A 1226 19.38 17.82 -13.52
C MSE A 1226 20.62 17.75 -14.40
O MSE A 1226 21.48 16.88 -14.23
CB MSE A 1226 18.32 16.80 -13.96
CG MSE A 1226 17.14 16.72 -13.01
SE MSE A 1226 15.86 15.31 -13.41
CE MSE A 1226 15.08 16.07 -15.02
N SER A 1227 20.73 18.69 -15.33
CA SER A 1227 21.89 18.84 -16.20
C SER A 1227 22.77 20.01 -15.74
N ASP A 1228 23.14 19.99 -14.46
CA ASP A 1228 23.91 21.07 -13.86
C ASP A 1228 25.32 20.59 -13.52
N SER A 1229 26.23 21.54 -13.40
CA SER A 1229 27.62 21.21 -13.11
C SER A 1229 27.81 20.80 -11.65
N ASP A 1230 27.05 21.40 -10.74
CA ASP A 1230 27.14 21.04 -9.33
C ASP A 1230 26.44 19.72 -9.07
N ASN A 1231 27.14 18.78 -8.44
CA ASN A 1231 26.59 17.45 -8.21
C ASN A 1231 25.43 17.48 -7.24
N GLN A 1232 25.48 18.34 -6.21
CA GLN A 1232 24.41 18.38 -5.23
C GLN A 1232 23.12 18.91 -5.83
N ILE A 1233 23.21 19.89 -6.73
CA ILE A 1233 22.01 20.44 -7.35
C ILE A 1233 21.36 19.41 -8.26
N ARG A 1234 22.17 18.59 -8.93
CA ARG A 1234 21.61 17.50 -9.74
C ARG A 1234 20.81 16.54 -8.88
N LEU A 1235 21.34 16.17 -7.72
CA LEU A 1235 20.69 15.17 -6.88
C LEU A 1235 19.37 15.69 -6.32
N ILE A 1236 19.37 16.92 -5.79
CA ILE A 1236 18.15 17.43 -5.17
C ILE A 1236 17.11 17.80 -6.23
N ALA A 1237 17.55 18.19 -7.42
CA ALA A 1237 16.60 18.42 -8.50
C ALA A 1237 15.98 17.11 -9.01
N THR A 1238 16.76 16.03 -8.98
CA THR A 1238 16.23 14.74 -9.43
C THR A 1238 15.25 14.16 -8.41
N THR A 1239 15.56 14.30 -7.12
CA THR A 1239 14.61 13.89 -6.08
C THR A 1239 13.33 14.70 -6.17
N SER A 1240 13.45 16.00 -6.45
CA SER A 1240 12.26 16.84 -6.62
C SER A 1240 11.42 16.36 -7.80
N PHE A 1241 12.06 16.04 -8.92
CA PHE A 1241 11.34 15.58 -10.10
C PHE A 1241 10.62 14.26 -9.84
N ALA A 1242 11.21 13.38 -9.02
CA ALA A 1242 10.55 12.12 -8.70
C ALA A 1242 9.30 12.35 -7.87
N THR A 1243 9.36 13.29 -6.93
CA THR A 1243 8.18 13.60 -6.12
C THR A 1243 7.07 14.20 -6.98
N LEU A 1244 7.43 14.95 -8.03
CA LEU A 1244 6.43 15.49 -8.93
C LEU A 1244 5.72 14.37 -9.71
N VAL A 1245 6.49 13.45 -10.28
CA VAL A 1245 5.91 12.34 -11.03
C VAL A 1245 4.99 11.53 -10.13
N LYS A 1246 5.34 11.40 -8.85
CA LYS A 1246 4.51 10.65 -7.91
C LYS A 1246 3.20 11.37 -7.61
N LEU A 1247 3.19 12.69 -7.65
CA LEU A 1247 2.07 13.48 -7.16
C LEU A 1247 1.17 14.03 -8.26
N VAL A 1248 1.36 13.63 -9.51
CA VAL A 1248 0.52 14.11 -10.60
C VAL A 1248 -0.68 13.18 -10.77
N PRO A 1249 -1.83 13.69 -11.23
CA PRO A 1249 -2.95 12.81 -11.53
C PRO A 1249 -2.89 12.30 -12.96
N LEU A 1250 -2.72 10.99 -13.12
CA LEU A 1250 -2.49 10.43 -14.45
C LEU A 1250 -3.74 10.53 -15.32
N GLU A 1251 -4.91 10.23 -14.76
CA GLU A 1251 -6.13 10.15 -15.55
C GLU A 1251 -6.80 11.51 -15.76
N ALA A 1252 -6.58 12.47 -14.86
CA ALA A 1252 -7.29 13.73 -14.89
C ALA A 1252 -6.38 14.87 -15.31
N GLY A 1253 -7.00 15.99 -15.68
CA GLY A 1253 -6.25 17.18 -16.02
C GLY A 1253 -5.87 17.99 -14.80
N ILE A 1254 -5.03 18.99 -15.03
CA ILE A 1254 -4.49 19.84 -13.95
C ILE A 1254 -5.05 21.24 -14.14
N PRO A 1255 -5.65 21.84 -13.11
CA PRO A 1255 -6.25 23.16 -13.27
C PRO A 1255 -5.19 24.26 -13.32
N ASP A 1256 -5.66 25.50 -13.56
CA ASP A 1256 -4.83 26.70 -13.57
C ASP A 1256 -4.76 27.29 -12.16
N PRO A 1257 -3.68 27.99 -11.83
CA PRO A 1257 -3.55 28.58 -10.49
C PRO A 1257 -4.61 29.63 -10.26
N PRO A 1258 -5.46 29.45 -9.25
CA PRO A 1258 -6.55 30.41 -9.01
C PRO A 1258 -6.02 31.73 -8.48
N GLY A 1259 -6.39 32.82 -9.14
CA GLY A 1259 -6.10 34.16 -8.66
C GLY A 1259 -4.80 34.77 -9.13
N LEU A 1260 -4.02 34.05 -9.94
CA LEU A 1260 -2.74 34.59 -10.41
C LEU A 1260 -2.96 35.53 -11.58
N SER A 1261 -1.87 36.15 -12.03
CA SER A 1261 -1.92 37.07 -13.16
C SER A 1261 -2.23 36.29 -14.45
N GLU A 1262 -3.03 36.92 -15.31
CA GLU A 1262 -3.34 36.30 -16.60
C GLU A 1262 -2.16 36.33 -17.55
N GLU A 1263 -1.16 37.17 -17.28
CA GLU A 1263 0.01 37.28 -18.15
C GLU A 1263 1.17 36.40 -17.69
N LEU A 1264 1.03 35.71 -16.56
CA LEU A 1264 2.05 34.73 -16.15
C LEU A 1264 1.85 33.40 -16.86
N LEU A 1265 0.59 33.01 -17.07
CA LEU A 1265 0.25 31.73 -17.69
C LEU A 1265 0.37 31.75 -19.21
N LYS A 1266 0.66 32.89 -19.81
CA LYS A 1266 0.63 32.99 -21.28
C LYS A 1266 1.88 32.38 -21.91
N GLY A 1267 3.06 32.89 -21.55
CA GLY A 1267 4.27 32.47 -22.21
C GLY A 1267 4.78 31.09 -21.82
N ARG A 1268 3.95 30.32 -21.12
CA ARG A 1268 4.34 29.01 -20.62
C ARG A 1268 3.52 27.92 -21.30
N ASP A 1269 3.84 27.70 -22.58
CA ASP A 1269 3.27 26.57 -23.33
C ASP A 1269 4.30 25.52 -23.69
N ARG A 1270 5.59 25.88 -23.69
CA ARG A 1270 6.65 24.87 -23.77
C ARG A 1270 6.58 23.90 -22.59
N GLU A 1271 5.96 24.32 -21.50
CA GLU A 1271 5.87 23.52 -20.27
C GLU A 1271 4.59 22.72 -20.15
N ARG A 1272 3.57 23.02 -20.96
CA ARG A 1272 2.34 22.24 -20.96
C ARG A 1272 2.43 21.03 -21.88
N THR A 1273 3.11 21.17 -23.02
CA THR A 1273 3.30 20.02 -23.90
C THR A 1273 4.13 18.93 -23.22
N PHE A 1274 5.02 19.32 -22.31
CA PHE A 1274 5.83 18.32 -21.60
C PHE A 1274 4.97 17.51 -20.64
N ILE A 1275 4.15 18.18 -19.83
CA ILE A 1275 3.33 17.48 -18.85
C ILE A 1275 2.30 16.60 -19.56
N ALA A 1276 1.75 17.07 -20.68
CA ALA A 1276 0.79 16.28 -21.43
C ALA A 1276 1.44 15.02 -21.98
N GLN A 1277 2.66 15.13 -22.50
CA GLN A 1277 3.35 13.98 -23.08
C GLN A 1277 3.84 13.02 -22.00
N LEU A 1278 4.11 13.53 -20.80
CA LEU A 1278 4.65 12.68 -19.74
C LEU A 1278 3.58 11.75 -19.19
N LEU A 1279 2.39 12.28 -18.91
CA LEU A 1279 1.29 11.45 -18.42
C LEU A 1279 0.92 10.40 -19.44
N ASP A 1280 0.50 10.82 -20.63
CA ASP A 1280 0.07 9.91 -21.67
C ASP A 1280 1.20 9.74 -22.69
N PRO A 1281 1.85 8.58 -22.77
CA PRO A 1281 2.93 8.41 -23.75
C PRO A 1281 2.46 8.31 -25.19
N LYS A 1282 1.15 8.28 -25.43
CA LYS A 1282 0.60 8.21 -26.77
C LYS A 1282 0.45 9.60 -27.41
N LYS A 1283 0.74 10.67 -26.68
CA LYS A 1283 0.66 12.02 -27.18
C LYS A 1283 2.04 12.61 -27.51
N ILE A 1284 3.03 11.76 -27.75
CA ILE A 1284 4.39 12.22 -28.00
C ILE A 1284 4.52 12.64 -29.46
N GLU A 1285 5.14 13.80 -29.68
CA GLU A 1285 5.26 14.33 -31.03
C GLU A 1285 6.10 13.40 -31.90
N PRO A 1286 5.70 13.19 -33.15
CA PRO A 1286 6.54 12.38 -34.06
C PRO A 1286 7.88 13.04 -34.30
N PHE A 1287 8.88 12.20 -34.55
CA PHE A 1287 10.26 12.65 -34.74
C PHE A 1287 10.75 12.21 -36.12
N LYS A 1288 10.94 13.18 -37.01
CA LYS A 1288 11.44 12.89 -38.34
C LYS A 1288 12.96 12.71 -38.27
N ILE A 1289 13.42 11.49 -38.53
CA ILE A 1289 14.84 11.15 -38.45
C ILE A 1289 15.61 11.94 -39.51
N PRO A 1290 16.59 12.75 -39.13
CA PRO A 1290 17.30 13.60 -40.09
C PRO A 1290 18.50 12.95 -40.76
N VAL A 1291 18.73 11.64 -40.60
CA VAL A 1291 19.87 10.97 -41.21
C VAL A 1291 19.36 9.87 -42.13
N ALA A 1292 20.18 9.55 -43.14
CA ALA A 1292 19.81 8.58 -44.17
C ALA A 1292 19.98 7.17 -43.63
N ILE A 1293 18.95 6.72 -42.90
CA ILE A 1293 18.93 5.37 -42.34
C ILE A 1293 18.21 4.45 -43.32
N LYS A 1294 18.82 3.30 -43.59
CA LYS A 1294 18.28 2.32 -44.53
C LYS A 1294 17.37 1.35 -43.75
N ALA A 1295 16.12 1.77 -43.57
CA ALA A 1295 15.19 0.96 -42.80
C ALA A 1295 13.76 1.35 -43.13
N GLU A 1296 12.87 0.36 -43.04
CA GLU A 1296 11.43 0.56 -43.08
C GLU A 1296 10.94 0.55 -41.64
N LEU A 1297 10.65 1.73 -41.10
CA LEU A 1297 10.25 1.86 -39.70
C LEU A 1297 8.76 1.59 -39.58
N ARG A 1298 8.40 0.58 -38.80
CA ARG A 1298 7.02 0.21 -38.59
C ARG A 1298 6.28 1.30 -37.81
N SER A 1299 4.98 1.08 -37.60
CA SER A 1299 4.19 2.01 -36.81
C SER A 1299 4.73 2.10 -35.39
N TYR A 1300 5.11 0.97 -34.81
CA TYR A 1300 5.59 0.95 -33.43
C TYR A 1300 7.08 1.30 -33.35
N GLN A 1301 7.87 0.93 -34.35
CA GLN A 1301 9.29 1.26 -34.32
C GLN A 1301 9.52 2.76 -34.36
N GLN A 1302 8.86 3.45 -35.29
CA GLN A 1302 8.89 4.91 -35.31
C GLN A 1302 8.26 5.47 -34.04
N GLU A 1303 7.21 4.83 -33.54
CA GLU A 1303 6.59 5.26 -32.29
C GLU A 1303 7.54 5.10 -31.11
N GLY A 1304 8.38 4.07 -31.13
CA GLY A 1304 9.37 3.91 -30.09
C GLY A 1304 10.50 4.90 -30.20
N VAL A 1305 10.88 5.28 -31.43
CA VAL A 1305 11.89 6.32 -31.61
C VAL A 1305 11.36 7.66 -31.14
N ASN A 1306 10.05 7.90 -31.29
CA ASN A 1306 9.45 9.11 -30.73
C ASN A 1306 9.66 9.17 -29.22
N TRP A 1307 9.58 8.01 -28.55
CA TRP A 1307 9.78 7.98 -27.11
C TRP A 1307 11.23 8.25 -26.75
N LEU A 1308 12.18 7.68 -27.50
CA LEU A 1308 13.59 7.92 -27.22
C LEU A 1308 13.97 9.36 -27.49
N ALA A 1309 13.32 10.00 -28.46
CA ALA A 1309 13.60 11.42 -28.74
C ALA A 1309 12.97 12.33 -27.70
N PHE A 1310 11.82 11.93 -27.15
CA PHE A 1310 11.22 12.69 -26.06
C PHE A 1310 12.12 12.69 -24.84
N LEU A 1311 12.73 11.55 -24.52
CA LEU A 1311 13.68 11.48 -23.42
C LEU A 1311 14.93 12.32 -23.70
N ASN A 1312 15.46 12.22 -24.92
CA ASN A 1312 16.63 13.01 -25.28
C ASN A 1312 16.33 14.50 -25.26
N LYS A 1313 15.09 14.88 -25.59
CA LYS A 1313 14.74 16.29 -25.68
C LYS A 1313 14.77 16.96 -24.30
N TYR A 1314 14.14 16.32 -23.31
CA TYR A 1314 14.02 16.89 -21.98
C TYR A 1314 15.02 16.30 -21.00
N HIS A 1315 16.13 15.75 -21.49
CA HIS A 1315 17.23 15.27 -20.65
C HIS A 1315 16.76 14.20 -19.67
N LEU A 1316 15.96 13.25 -20.16
CA LEU A 1316 15.50 12.13 -19.37
C LEU A 1316 16.20 10.86 -19.83
N HIS A 1317 16.00 9.79 -19.06
CA HIS A 1317 16.61 8.50 -19.35
C HIS A 1317 15.64 7.40 -18.92
N GLY A 1318 15.59 6.31 -19.68
CA GLY A 1318 14.61 5.28 -19.43
C GLY A 1318 15.08 3.91 -19.87
N ILE A 1319 14.18 2.93 -19.73
CA ILE A 1319 14.43 1.55 -20.08
C ILE A 1319 13.54 1.18 -21.26
N LEU A 1320 14.12 0.50 -22.24
CA LEU A 1320 13.38 0.02 -23.40
C LEU A 1320 13.11 -1.47 -23.21
N CYS A 1321 11.89 -1.78 -22.76
CA CYS A 1321 11.51 -3.14 -22.38
C CYS A 1321 10.78 -3.89 -23.50
N ASP A 1322 11.05 -3.55 -24.76
CA ASP A 1322 10.33 -4.18 -25.85
C ASP A 1322 10.61 -5.67 -25.91
N ASP A 1323 9.55 -6.45 -26.11
CA ASP A 1323 9.69 -7.90 -26.22
C ASP A 1323 10.51 -8.26 -27.45
N MSE A 1324 11.13 -9.44 -27.40
CA MSE A 1324 12.01 -9.89 -28.47
C MSE A 1324 11.28 -9.99 -29.80
O MSE A 1324 10.15 -10.48 -29.87
CB MSE A 1324 12.64 -11.24 -28.11
CG MSE A 1324 13.55 -11.82 -29.18
SE MSE A 1324 14.85 -10.55 -29.88
CE MSE A 1324 15.72 -11.69 -31.20
N GLY A 1325 11.93 -9.53 -30.87
CA GLY A 1325 11.37 -9.51 -32.20
C GLY A 1325 11.05 -8.11 -32.71
N LEU A 1326 10.71 -7.20 -31.80
CA LEU A 1326 10.34 -5.84 -32.19
C LEU A 1326 11.51 -5.02 -32.69
N GLY A 1327 12.74 -5.48 -32.48
CA GLY A 1327 13.91 -4.79 -33.01
C GLY A 1327 14.38 -3.62 -32.17
N LYS A 1328 14.79 -3.90 -30.93
CA LYS A 1328 15.30 -2.82 -30.07
C LYS A 1328 16.61 -2.26 -30.58
N THR A 1329 17.43 -3.08 -31.24
CA THR A 1329 18.73 -2.61 -31.71
C THR A 1329 18.58 -1.52 -32.75
N LEU A 1330 17.55 -1.62 -33.59
CA LEU A 1330 17.36 -0.62 -34.65
C LEU A 1330 16.90 0.71 -34.06
N GLN A 1331 15.94 0.68 -33.14
CA GLN A 1331 15.41 1.92 -32.56
C GLN A 1331 16.50 2.69 -31.83
N THR A 1332 17.52 2.01 -31.32
CA THR A 1332 18.61 2.69 -30.63
C THR A 1332 19.61 3.29 -31.61
N ILE A 1333 19.91 2.58 -32.69
CA ILE A 1333 20.81 3.13 -33.70
C ILE A 1333 20.20 4.37 -34.35
N CYS A 1334 18.87 4.40 -34.47
CA CYS A 1334 18.20 5.58 -35.04
C CYS A 1334 18.44 6.81 -34.17
N ILE A 1335 18.25 6.67 -32.86
CA ILE A 1335 18.28 7.85 -32.00
C ILE A 1335 19.71 8.32 -31.74
N VAL A 1336 20.68 7.42 -31.77
CA VAL A 1336 22.06 7.86 -31.54
C VAL A 1336 22.65 8.44 -32.82
N ALA A 1337 22.25 7.95 -33.99
CA ALA A 1337 22.71 8.57 -35.23
C ALA A 1337 22.08 9.94 -35.42
N SER A 1338 20.79 10.07 -35.11
CA SER A 1338 20.13 11.37 -35.23
C SER A 1338 20.68 12.37 -34.24
N ASP A 1339 21.04 11.91 -33.03
CA ASP A 1339 21.55 12.84 -32.02
C ASP A 1339 22.93 13.36 -32.40
N HIS A 1340 23.82 12.47 -32.85
CA HIS A 1340 25.13 12.91 -33.31
C HIS A 1340 25.02 13.93 -34.45
N HIS A 1341 24.00 13.79 -35.29
CA HIS A 1341 23.79 14.74 -36.38
C HIS A 1341 23.27 16.06 -35.85
N GLN A 1342 22.27 16.03 -34.97
CA GLN A 1342 21.65 17.26 -34.49
C GLN A 1342 22.60 18.06 -33.61
N ARG A 1343 23.44 17.39 -32.82
CA ARG A 1343 24.43 18.10 -32.01
C ARG A 1343 25.72 18.39 -32.77
N ALA A 1344 25.81 17.96 -34.03
CA ALA A 1344 26.86 18.43 -34.92
C ALA A 1344 26.48 19.75 -35.59
N GLU A 1345 25.17 20.00 -35.75
CA GLU A 1345 24.73 21.26 -36.33
C GLU A 1345 24.78 22.40 -35.31
N GLU A 1346 24.36 22.15 -34.07
CA GLU A 1346 24.34 23.21 -33.08
C GLU A 1346 25.72 23.55 -32.56
N PHE A 1347 26.65 22.58 -32.55
CA PHE A 1347 28.04 22.90 -32.23
C PHE A 1347 28.65 23.78 -33.32
N ALA A 1348 28.22 23.59 -34.57
CA ALA A 1348 28.65 24.49 -35.63
C ALA A 1348 28.01 25.87 -35.51
N ARG A 1349 26.81 25.94 -34.93
CA ARG A 1349 26.13 27.21 -34.76
C ARG A 1349 26.63 27.97 -33.53
N THR A 1350 26.73 27.28 -32.39
CA THR A 1350 27.02 27.94 -31.13
C THR A 1350 28.39 27.58 -30.54
N GLY A 1351 28.91 26.38 -30.82
CA GLY A 1351 30.16 25.98 -30.23
C GLY A 1351 30.11 25.75 -28.73
N ALA A 1352 28.91 25.62 -28.17
CA ALA A 1352 28.78 25.42 -26.73
C ALA A 1352 29.32 24.04 -26.34
N PRO A 1353 29.96 23.92 -25.18
CA PRO A 1353 30.57 22.63 -24.81
C PRO A 1353 29.57 21.49 -24.66
N GLU A 1354 28.29 21.79 -24.43
CA GLU A 1354 27.30 20.73 -24.20
C GLU A 1354 26.95 19.96 -25.46
N VAL A 1355 27.46 20.38 -26.62
CA VAL A 1355 27.11 19.72 -27.88
C VAL A 1355 28.38 19.43 -28.68
N ARG A 1356 29.54 19.52 -28.03
CA ARG A 1356 30.79 19.19 -28.70
C ARG A 1356 30.78 17.71 -29.12
N LYS A 1357 31.61 17.39 -30.10
CA LYS A 1357 31.65 16.03 -30.64
C LYS A 1357 32.19 15.07 -29.59
N LEU A 1358 31.37 14.09 -29.20
CA LEU A 1358 31.74 13.06 -28.24
C LEU A 1358 31.22 11.72 -28.75
N PRO A 1359 31.98 10.65 -28.55
CA PRO A 1359 31.53 9.34 -29.02
C PRO A 1359 30.53 8.69 -28.07
N SER A 1360 29.65 7.88 -28.65
CA SER A 1360 28.68 7.13 -27.86
C SER A 1360 29.21 5.74 -27.53
N LEU A 1361 28.67 5.17 -26.46
CA LEU A 1361 29.14 3.90 -25.92
C LEU A 1361 27.99 2.90 -25.86
N ILE A 1362 28.22 1.70 -26.38
CA ILE A 1362 27.24 0.62 -26.35
C ILE A 1362 27.89 -0.56 -25.62
N ILE A 1363 27.36 -0.90 -24.45
CA ILE A 1363 27.86 -2.01 -23.65
C ILE A 1363 26.89 -3.17 -23.79
N CYS A 1364 27.40 -4.32 -24.16
CA CYS A 1364 26.59 -5.51 -24.41
C CYS A 1364 27.32 -6.72 -23.85
N PRO A 1365 26.62 -7.83 -23.64
CA PRO A 1365 27.31 -9.07 -23.30
C PRO A 1365 28.31 -9.43 -24.38
N PRO A 1366 29.39 -10.13 -24.02
CA PRO A 1366 30.46 -10.39 -25.01
C PRO A 1366 29.99 -11.17 -26.23
N THR A 1367 28.87 -11.89 -26.14
CA THR A 1367 28.38 -12.62 -27.30
C THR A 1367 27.76 -11.69 -28.33
N LEU A 1368 27.07 -10.66 -27.88
CA LEU A 1368 26.37 -9.72 -28.74
C LEU A 1368 27.27 -8.62 -29.29
N SER A 1369 28.58 -8.70 -29.05
CA SER A 1369 29.50 -7.69 -29.58
C SER A 1369 29.41 -7.62 -31.10
N GLY A 1370 29.32 -8.78 -31.76
CA GLY A 1370 29.21 -8.79 -33.20
C GLY A 1370 27.83 -8.40 -33.70
N HIS A 1371 26.80 -8.69 -32.92
CA HIS A 1371 25.44 -8.36 -33.34
C HIS A 1371 25.26 -6.86 -33.49
N TRP A 1372 25.75 -6.07 -32.54
CA TRP A 1372 25.68 -4.62 -32.67
C TRP A 1372 26.56 -4.11 -33.80
N GLN A 1373 27.78 -4.63 -33.89
CA GLN A 1373 28.70 -4.21 -34.95
C GLN A 1373 28.14 -4.53 -36.32
N GLN A 1374 27.33 -5.58 -36.43
CA GLN A 1374 26.74 -5.95 -37.71
C GLN A 1374 25.61 -5.00 -38.10
N GLU A 1375 24.70 -4.72 -37.16
CA GLU A 1375 23.50 -3.95 -37.49
C GLU A 1375 23.80 -2.46 -37.64
N ILE A 1376 24.85 -1.95 -37.01
CA ILE A 1376 25.29 -0.59 -37.32
C ILE A 1376 25.83 -0.51 -38.74
N LYS A 1377 26.56 -1.56 -39.16
CA LYS A 1377 27.06 -1.63 -40.53
C LYS A 1377 25.91 -1.68 -41.54
N THR A 1378 24.79 -2.26 -41.16
CA THR A 1378 23.67 -2.43 -42.08
C THR A 1378 22.81 -1.17 -42.17
N TYR A 1379 22.36 -0.66 -41.02
CA TYR A 1379 21.39 0.43 -41.01
C TYR A 1379 22.03 1.82 -41.05
N ALA A 1380 23.15 2.01 -40.35
CA ALA A 1380 23.84 3.30 -40.29
C ALA A 1380 25.28 3.14 -40.74
N PRO A 1381 25.52 2.98 -42.05
CA PRO A 1381 26.89 2.79 -42.53
C PRO A 1381 27.75 4.04 -42.43
N PHE A 1382 27.18 5.18 -42.08
CA PHE A 1382 27.90 6.45 -42.00
C PHE A 1382 28.56 6.69 -40.66
N LEU A 1383 28.34 5.82 -39.67
CA LEU A 1383 28.91 5.97 -38.35
C LEU A 1383 30.15 5.08 -38.23
N THR A 1384 31.29 5.70 -37.94
CA THR A 1384 32.51 4.94 -37.71
C THR A 1384 32.45 4.27 -36.34
N VAL A 1385 32.80 2.99 -36.30
CA VAL A 1385 32.62 2.15 -35.11
C VAL A 1385 33.98 1.60 -34.69
N THR A 1386 34.27 1.69 -33.40
CA THR A 1386 35.41 1.03 -32.78
C THR A 1386 34.87 -0.10 -31.89
N ALA A 1387 35.44 -1.28 -32.04
CA ALA A 1387 35.04 -2.46 -31.26
C ALA A 1387 36.11 -2.71 -30.20
N TYR A 1388 35.95 -2.06 -29.05
CA TYR A 1388 36.92 -2.17 -27.95
C TYR A 1388 36.66 -3.47 -27.18
N VAL A 1389 36.98 -4.58 -27.83
CA VAL A 1389 36.83 -5.90 -27.24
C VAL A 1389 37.88 -6.82 -27.85
N GLY A 1390 38.56 -7.59 -27.01
CA GLY A 1390 39.59 -8.49 -27.48
C GLY A 1390 40.52 -8.88 -26.34
N SER A 1391 41.71 -9.33 -26.71
CA SER A 1391 42.71 -9.71 -25.73
C SER A 1391 43.28 -8.46 -25.06
N PRO A 1392 43.84 -8.60 -23.85
CA PRO A 1392 44.47 -7.44 -23.20
C PRO A 1392 45.54 -6.77 -24.03
N ALA A 1393 46.27 -7.54 -24.85
CA ALA A 1393 47.27 -6.94 -25.72
C ALA A 1393 46.61 -6.11 -26.82
N GLU A 1394 45.50 -6.60 -27.39
CA GLU A 1394 44.85 -5.88 -28.48
C GLU A 1394 44.16 -4.62 -28.00
N ARG A 1395 43.66 -4.61 -26.76
CA ARG A 1395 42.90 -3.47 -26.27
C ARG A 1395 43.75 -2.25 -26.00
N ARG A 1396 45.07 -2.42 -25.83
CA ARG A 1396 45.91 -1.30 -25.40
C ARG A 1396 46.27 -0.34 -26.54
N ALA A 1397 46.14 -0.76 -27.79
CA ALA A 1397 46.40 0.16 -28.90
C ALA A 1397 45.28 1.18 -29.04
N MSE A 1398 44.04 0.71 -29.08
CA MSE A 1398 42.88 1.59 -29.17
C MSE A 1398 42.51 2.14 -27.79
O MSE A 1398 41.59 2.94 -27.65
CB MSE A 1398 41.70 0.84 -29.80
CG MSE A 1398 41.31 -0.43 -29.05
SE MSE A 1398 40.21 -1.64 -30.12
CE MSE A 1398 41.63 -2.48 -31.16
N LYS A 1399 43.25 1.67 -26.78
CA LYS A 1399 43.07 2.17 -25.42
C LYS A 1399 43.26 3.68 -25.35
N ASP A 1400 44.23 4.21 -26.10
CA ASP A 1400 44.49 5.64 -26.13
C ASP A 1400 43.74 6.36 -27.25
N SER A 1401 43.05 5.64 -28.14
CA SER A 1401 42.38 6.24 -29.29
C SER A 1401 40.96 5.67 -29.41
N LEU A 1402 40.07 6.13 -28.55
CA LEU A 1402 38.66 5.75 -28.59
C LEU A 1402 37.75 6.88 -29.04
N ASP A 1403 38.15 8.14 -28.83
CA ASP A 1403 37.34 9.29 -29.20
C ASP A 1403 37.34 9.59 -30.69
N LYS A 1404 38.02 8.77 -31.50
CA LYS A 1404 38.19 9.03 -32.92
C LYS A 1404 37.13 8.36 -33.78
N THR A 1405 36.01 7.96 -33.19
CA THR A 1405 34.90 7.36 -33.93
C THR A 1405 33.58 7.87 -33.37
N ASP A 1406 32.48 7.43 -33.97
CA ASP A 1406 31.15 7.83 -33.53
C ASP A 1406 30.59 6.90 -32.46
N ILE A 1407 30.78 5.59 -32.63
CA ILE A 1407 30.27 4.59 -31.70
C ILE A 1407 31.44 3.75 -31.21
N VAL A 1408 31.37 3.33 -29.96
CA VAL A 1408 32.34 2.41 -29.37
C VAL A 1408 31.56 1.29 -28.69
N ILE A 1409 31.85 0.05 -29.06
CA ILE A 1409 31.17 -1.12 -28.53
C ILE A 1409 32.11 -1.83 -27.57
N THR A 1410 31.57 -2.31 -26.45
CA THR A 1410 32.36 -2.85 -25.37
C THR A 1410 31.56 -3.92 -24.64
N SER A 1411 32.22 -4.99 -24.24
CA SER A 1411 31.58 -6.01 -23.43
C SER A 1411 31.65 -5.65 -21.94
N TYR A 1412 30.73 -6.22 -21.17
CA TYR A 1412 30.70 -5.95 -19.74
C TYR A 1412 31.97 -6.45 -19.05
N ASP A 1413 32.58 -7.52 -19.56
CA ASP A 1413 33.78 -8.07 -18.94
C ASP A 1413 34.96 -7.12 -19.10
N VAL A 1414 35.25 -6.69 -20.34
CA VAL A 1414 36.38 -5.81 -20.57
C VAL A 1414 36.14 -4.39 -20.07
N CYS A 1415 34.94 -4.10 -19.59
CA CYS A 1415 34.68 -2.78 -19.00
C CYS A 1415 35.17 -2.71 -17.56
N ARG A 1416 35.18 -3.84 -16.85
CA ARG A 1416 35.74 -3.86 -15.50
C ARG A 1416 37.25 -3.69 -15.51
N ASN A 1417 37.94 -4.49 -16.35
CA ASN A 1417 39.40 -4.49 -16.34
C ASN A 1417 39.98 -3.19 -16.89
N ASP A 1418 39.25 -2.51 -17.78
CA ASP A 1418 39.73 -1.29 -18.41
C ASP A 1418 38.85 -0.09 -18.07
N ILE A 1419 38.31 -0.05 -16.85
CA ILE A 1419 37.46 1.07 -16.47
C ILE A 1419 38.29 2.34 -16.29
N ASP A 1420 39.51 2.20 -15.77
CA ASP A 1420 40.41 3.36 -15.64
C ASP A 1420 40.70 4.00 -16.99
N VAL A 1421 40.48 3.27 -18.08
CA VAL A 1421 40.68 3.79 -19.43
C VAL A 1421 39.41 4.45 -19.96
N ILE A 1422 38.26 3.79 -19.77
CA ILE A 1422 37.03 4.23 -20.41
C ILE A 1422 36.50 5.50 -19.75
N GLU A 1423 36.66 5.63 -18.43
CA GLU A 1423 36.19 6.83 -17.75
C GLU A 1423 37.09 8.05 -18.01
N LYS A 1424 38.28 7.84 -18.58
CA LYS A 1424 39.09 8.97 -19.01
C LYS A 1424 38.43 9.74 -20.14
N TYR A 1425 37.49 9.14 -20.85
CA TYR A 1425 36.76 9.77 -21.94
C TYR A 1425 35.42 10.30 -21.46
N ASN A 1426 34.86 11.20 -22.27
CA ASN A 1426 33.48 11.65 -22.10
C ASN A 1426 32.64 11.10 -23.23
N TRP A 1427 31.43 10.65 -22.90
CA TRP A 1427 30.58 9.93 -23.84
C TRP A 1427 29.28 10.68 -24.05
N ASN A 1428 28.78 10.64 -25.29
CA ASN A 1428 27.45 11.17 -25.59
C ASN A 1428 26.39 10.24 -25.04
N TYR A 1429 26.17 9.12 -25.71
CA TYR A 1429 25.21 8.12 -25.28
C TYR A 1429 25.91 7.02 -24.49
N CYS A 1430 25.09 6.21 -23.80
CA CYS A 1430 25.61 5.08 -23.04
C CYS A 1430 24.47 4.07 -22.92
N VAL A 1431 24.49 3.06 -23.77
CA VAL A 1431 23.42 2.07 -23.86
C VAL A 1431 23.89 0.76 -23.23
N LEU A 1432 23.02 0.11 -22.48
CA LEU A 1432 23.27 -1.19 -21.89
C LEU A 1432 22.34 -2.20 -22.55
N ASP A 1433 22.93 -3.18 -23.25
CA ASP A 1433 22.12 -4.04 -24.13
C ASP A 1433 21.32 -5.06 -23.34
N GLN A 1434 21.85 -5.54 -22.21
CA GLN A 1434 21.11 -6.40 -21.28
C GLN A 1434 21.37 -5.87 -19.87
N GLY A 1435 20.78 -4.71 -19.57
CA GLY A 1435 21.14 -3.92 -18.41
C GLY A 1435 20.82 -4.54 -17.07
N HIS A 1436 20.08 -5.66 -17.05
CA HIS A 1436 19.75 -6.29 -15.78
C HIS A 1436 20.97 -6.84 -15.05
N LEU A 1437 22.14 -6.85 -15.69
CA LEU A 1437 23.36 -7.25 -15.01
C LEU A 1437 23.83 -6.22 -14.00
N ILE A 1438 23.28 -4.99 -14.07
CA ILE A 1438 23.62 -3.93 -13.13
C ILE A 1438 22.81 -4.00 -11.84
N LYS A 1439 21.86 -4.95 -11.76
CA LYS A 1439 20.92 -4.96 -10.64
C LYS A 1439 21.60 -5.16 -9.29
N ASN A 1440 22.78 -5.76 -9.26
CA ASN A 1440 23.51 -5.90 -8.01
C ASN A 1440 24.21 -4.58 -7.67
N PRO A 1441 23.78 -3.88 -6.62
CA PRO A 1441 24.36 -2.57 -6.34
C PRO A 1441 25.84 -2.61 -5.95
N LYS A 1442 26.32 -3.74 -5.44
CA LYS A 1442 27.70 -3.86 -4.98
C LYS A 1442 28.61 -4.53 -6.00
N ALA A 1443 28.08 -4.96 -7.15
CA ALA A 1443 28.88 -5.64 -8.14
C ALA A 1443 29.93 -4.71 -8.74
N LYS A 1444 31.07 -5.30 -9.15
CA LYS A 1444 32.14 -4.50 -9.72
C LYS A 1444 31.76 -3.96 -11.09
N ILE A 1445 30.99 -4.72 -11.87
CA ILE A 1445 30.50 -4.21 -13.15
C ILE A 1445 29.54 -3.06 -12.94
N THR A 1446 28.74 -3.11 -11.87
CA THR A 1446 27.79 -2.04 -11.60
C THR A 1446 28.48 -0.74 -11.26
N LEU A 1447 29.52 -0.80 -10.40
CA LEU A 1447 30.22 0.42 -10.02
C LEU A 1447 31.04 1.00 -11.16
N ALA A 1448 31.59 0.14 -12.02
CA ALA A 1448 32.38 0.64 -13.15
C ALA A 1448 31.51 1.37 -14.15
N VAL A 1449 30.30 0.88 -14.40
CA VAL A 1449 29.41 1.53 -15.35
C VAL A 1449 28.95 2.89 -14.82
N LYS A 1450 28.79 3.02 -13.51
CA LYS A 1450 28.33 4.27 -12.91
C LYS A 1450 29.43 5.32 -12.79
N ARG A 1451 30.70 4.95 -13.03
CA ARG A 1451 31.78 5.92 -13.02
C ARG A 1451 31.92 6.68 -14.34
N LEU A 1452 31.08 6.38 -15.32
CA LEU A 1452 31.17 7.01 -16.63
C LEU A 1452 30.41 8.32 -16.66
N THR A 1453 30.91 9.27 -17.43
CA THR A 1453 30.28 10.57 -17.62
C THR A 1453 29.63 10.57 -19.00
N SER A 1454 28.32 10.33 -19.03
CA SER A 1454 27.56 10.31 -20.27
C SER A 1454 26.45 11.33 -20.23
N ASN A 1455 25.93 11.67 -21.40
CA ASN A 1455 24.86 12.65 -21.51
C ASN A 1455 23.48 12.00 -21.54
N HIS A 1456 23.29 10.99 -22.39
CA HIS A 1456 22.03 10.28 -22.50
C HIS A 1456 22.27 8.80 -22.28
N ARG A 1457 21.39 8.17 -21.51
CA ARG A 1457 21.54 6.78 -21.12
C ARG A 1457 20.30 5.98 -21.49
N LEU A 1458 20.51 4.70 -21.81
CA LEU A 1458 19.44 3.79 -22.14
C LEU A 1458 19.76 2.42 -21.54
N ILE A 1459 18.70 1.65 -21.30
CA ILE A 1459 18.82 0.27 -20.83
C ILE A 1459 17.84 -0.59 -21.62
N LEU A 1460 18.34 -1.70 -22.17
CA LEU A 1460 17.54 -2.61 -22.96
C LEU A 1460 17.43 -3.93 -22.22
N THR A 1461 16.20 -4.34 -21.89
CA THR A 1461 15.96 -5.61 -21.23
C THR A 1461 14.61 -6.16 -21.66
N GLY A 1462 14.47 -7.48 -21.54
CA GLY A 1462 13.17 -8.10 -21.70
C GLY A 1462 12.40 -8.06 -20.39
N THR A 1463 13.13 -8.17 -19.28
CA THR A 1463 12.55 -8.12 -17.94
C THR A 1463 13.11 -6.92 -17.20
N PRO A 1464 12.28 -6.00 -16.74
CA PRO A 1464 12.81 -4.83 -16.01
C PRO A 1464 13.07 -5.10 -14.54
N ILE A 1465 12.24 -5.91 -13.89
CA ILE A 1465 12.36 -6.15 -12.46
C ILE A 1465 12.00 -7.60 -12.15
N GLN A 1466 12.63 -8.14 -11.10
CA GLN A 1466 12.24 -9.43 -10.54
C GLN A 1466 11.42 -9.20 -9.27
N ASN A 1467 11.52 -10.11 -8.30
CA ASN A 1467 10.74 -9.95 -7.08
C ASN A 1467 11.31 -8.85 -6.20
N ASN A 1468 12.63 -8.75 -6.12
CA ASN A 1468 13.26 -7.73 -5.29
C ASN A 1468 13.06 -6.35 -5.90
N VAL A 1469 12.90 -5.35 -5.05
CA VAL A 1469 12.83 -3.97 -5.51
C VAL A 1469 14.21 -3.31 -5.56
N LEU A 1470 15.19 -3.86 -4.85
CA LEU A 1470 16.53 -3.28 -4.86
C LEU A 1470 17.22 -3.46 -6.20
N GLU A 1471 16.80 -4.46 -6.99
CA GLU A 1471 17.27 -4.57 -8.37
C GLU A 1471 16.87 -3.34 -9.17
N LEU A 1472 15.64 -2.85 -8.95
CA LEU A 1472 15.15 -1.70 -9.69
C LEU A 1472 15.87 -0.42 -9.29
N TRP A 1473 16.30 -0.30 -8.03
CA TRP A 1473 17.02 0.88 -7.60
C TRP A 1473 18.35 1.00 -8.31
N SER A 1474 19.07 -0.12 -8.46
CA SER A 1474 20.41 -0.06 -9.05
C SER A 1474 20.36 0.34 -10.51
N LEU A 1475 19.32 -0.08 -11.25
CA LEU A 1475 19.18 0.33 -12.64
C LEU A 1475 18.86 1.82 -12.73
N PHE A 1476 17.86 2.27 -11.97
CA PHE A 1476 17.49 3.69 -12.00
C PHE A 1476 18.53 4.58 -11.38
N ASP A 1477 19.41 4.03 -10.52
CA ASP A 1477 20.51 4.83 -10.01
C ASP A 1477 21.55 5.12 -11.08
N PHE A 1478 21.65 4.23 -12.08
CA PHE A 1478 22.53 4.48 -13.22
C PHE A 1478 21.93 5.50 -14.18
N LEU A 1479 20.63 5.41 -14.44
CA LEU A 1479 19.94 6.33 -15.34
C LEU A 1479 19.93 7.73 -14.74
N MSE A 1480 19.09 7.93 -13.73
CA MSE A 1480 18.98 9.23 -13.06
C MSE A 1480 19.38 9.07 -11.61
O MSE A 1480 18.58 8.60 -10.79
CB MSE A 1480 17.56 9.77 -13.20
CG MSE A 1480 17.17 10.09 -14.64
SE MSE A 1480 15.25 10.22 -14.93
CE MSE A 1480 14.75 8.38 -14.55
N PRO A 1481 20.61 9.49 -11.28
CA PRO A 1481 21.19 9.14 -9.96
C PRO A 1481 20.30 9.42 -8.76
N GLY A 1482 19.78 10.64 -8.63
CA GLY A 1482 18.98 10.98 -7.48
C GLY A 1482 17.52 10.58 -7.54
N PHE A 1483 17.10 9.88 -8.60
CA PHE A 1483 15.66 9.69 -8.83
C PHE A 1483 15.01 8.87 -7.73
N LEU A 1484 15.68 7.82 -7.27
CA LEU A 1484 15.19 7.02 -6.15
C LEU A 1484 15.97 7.29 -4.87
N GLY A 1485 16.84 8.30 -4.87
CA GLY A 1485 17.61 8.65 -3.69
C GLY A 1485 18.80 7.73 -3.49
N ALA A 1486 19.51 7.99 -2.39
CA ALA A 1486 20.62 7.13 -2.01
C ALA A 1486 20.09 5.75 -1.66
N GLU A 1487 21.01 4.78 -1.56
CA GLU A 1487 20.61 3.41 -1.27
C GLU A 1487 19.98 3.30 0.11
N LYS A 1488 20.49 4.07 1.08
CA LYS A 1488 19.97 3.96 2.45
C LYS A 1488 18.59 4.62 2.57
N VAL A 1489 18.36 5.71 1.85
CA VAL A 1489 17.04 6.34 1.90
C VAL A 1489 16.03 5.57 1.04
N PHE A 1490 16.50 4.75 0.10
CA PHE A 1490 15.59 3.90 -0.66
C PHE A 1490 15.19 2.67 0.13
N LEU A 1491 16.15 2.07 0.85
CA LEU A 1491 15.84 0.93 1.70
C LEU A 1491 14.86 1.29 2.81
N ASP A 1492 14.73 2.58 3.13
CA ASP A 1492 13.85 3.02 4.20
C ASP A 1492 12.41 3.23 3.72
N ARG A 1493 12.23 3.99 2.63
CA ARG A 1493 10.88 4.30 2.18
C ARG A 1493 10.23 3.17 1.40
N PHE A 1494 11.03 2.33 0.73
CA PHE A 1494 10.48 1.33 -0.17
C PHE A 1494 10.84 -0.09 0.24
N ALA A 1495 12.12 -0.40 0.44
CA ALA A 1495 12.51 -1.78 0.68
C ALA A 1495 12.15 -2.26 2.08
N LYS A 1496 12.20 -1.39 3.09
CA LYS A 1496 11.84 -1.82 4.44
C LYS A 1496 10.35 -2.14 4.57
N PRO A 1497 9.42 -1.27 4.17
CA PRO A 1497 8.00 -1.65 4.30
C PRO A 1497 7.59 -2.81 3.42
N ILE A 1498 8.18 -2.94 2.24
CA ILE A 1498 7.81 -4.04 1.34
C ILE A 1498 8.24 -5.38 1.94
N ALA A 1499 9.45 -5.45 2.48
CA ALA A 1499 9.92 -6.69 3.07
C ALA A 1499 9.19 -7.01 4.38
N ASN A 1500 8.67 -6.00 5.06
CA ASN A 1500 7.98 -6.23 6.32
C ASN A 1500 6.56 -6.76 6.09
N SER A 1501 5.86 -6.24 5.08
CA SER A 1501 4.52 -6.71 4.78
C SER A 1501 4.51 -8.15 4.28
N ARG A 1502 5.62 -8.62 3.72
CA ARG A 1502 5.73 -9.99 3.24
C ARG A 1502 6.07 -10.98 4.35
N TYR A 1503 6.21 -10.52 5.59
CA TYR A 1503 6.45 -11.41 6.71
C TYR A 1503 5.23 -12.30 6.95
N SER A 1504 5.50 -13.55 7.38
CA SER A 1504 4.42 -14.50 7.58
C SER A 1504 3.41 -14.01 8.61
N LYS A 1505 3.88 -13.39 9.68
CA LYS A 1505 3.01 -12.85 10.74
C LYS A 1505 3.26 -11.35 10.83
N ALA A 1506 2.74 -10.62 9.86
CA ALA A 1506 2.89 -9.17 9.79
C ALA A 1506 1.61 -8.47 10.24
N SER A 1507 1.77 -7.22 10.66
CA SER A 1507 0.65 -6.44 11.15
C SER A 1507 -0.25 -6.00 9.99
N SER A 1508 -1.52 -5.74 10.31
CA SER A 1508 -2.44 -5.20 9.32
C SER A 1508 -2.08 -3.78 8.92
N LYS A 1509 -1.34 -3.05 9.77
CA LYS A 1509 -0.81 -1.76 9.36
C LYS A 1509 0.44 -1.92 8.51
N GLU A 1510 1.31 -2.88 8.87
CA GLU A 1510 2.50 -3.14 8.07
C GLU A 1510 2.16 -3.67 6.69
N GLN A 1511 1.00 -4.32 6.54
CA GLN A 1511 0.61 -4.83 5.23
C GLN A 1511 0.26 -3.69 4.29
N GLU A 1512 -0.52 -2.71 4.77
CA GLU A 1512 -0.87 -1.59 3.90
C GLU A 1512 0.30 -0.63 3.72
N ALA A 1513 1.19 -0.55 4.72
CA ALA A 1513 2.40 0.24 4.55
C ALA A 1513 3.27 -0.34 3.45
N GLY A 1514 3.32 -1.68 3.35
CA GLY A 1514 4.06 -2.33 2.29
C GLY A 1514 3.35 -2.36 0.95
N ALA A 1515 2.02 -2.21 0.95
CA ALA A 1515 1.26 -2.14 -0.29
C ALA A 1515 1.21 -0.73 -0.88
N LEU A 1516 1.19 0.30 -0.02
CA LEU A 1516 1.25 1.66 -0.52
C LEU A 1516 2.60 1.98 -1.13
N ALA A 1517 3.66 1.32 -0.65
CA ALA A 1517 5.00 1.57 -1.18
C ALA A 1517 5.19 0.92 -2.55
N ILE A 1518 4.63 -0.27 -2.75
CA ILE A 1518 4.69 -0.89 -4.07
C ILE A 1518 3.97 -0.03 -5.10
N GLU A 1519 2.80 0.48 -4.73
CA GLU A 1519 2.00 1.28 -5.66
C GLU A 1519 2.67 2.62 -5.94
N ALA A 1520 3.34 3.20 -4.94
CA ALA A 1520 4.01 4.47 -5.15
C ALA A 1520 5.31 4.30 -5.94
N LEU A 1521 6.04 3.21 -5.69
CA LEU A 1521 7.26 2.95 -6.43
C LEU A 1521 6.98 2.70 -7.90
N HIS A 1522 5.89 1.98 -8.20
CA HIS A 1522 5.55 1.70 -9.58
C HIS A 1522 5.14 2.96 -10.35
N LYS A 1523 4.55 3.94 -9.65
CA LYS A 1523 4.12 5.16 -10.32
C LYS A 1523 5.30 6.06 -10.66
N GLN A 1524 6.33 6.09 -9.82
CA GLN A 1524 7.50 6.91 -10.11
C GLN A 1524 8.26 6.40 -11.32
N VAL A 1525 8.34 5.08 -11.49
CA VAL A 1525 9.17 4.49 -12.54
C VAL A 1525 8.40 4.16 -13.81
N LEU A 1526 7.08 4.26 -13.80
CA LEU A 1526 6.29 3.87 -14.97
C LEU A 1526 6.56 4.74 -16.20
N PRO A 1527 6.60 6.08 -16.11
CA PRO A 1527 6.81 6.88 -17.34
C PRO A 1527 8.18 6.73 -17.97
N PHE A 1528 9.09 5.96 -17.36
CA PHE A 1528 10.43 5.76 -17.91
C PHE A 1528 10.67 4.32 -18.36
N LEU A 1529 9.61 3.53 -18.50
CA LEU A 1529 9.68 2.17 -19.02
C LEU A 1529 8.75 2.08 -20.21
N LEU A 1530 9.32 1.82 -21.39
CA LEU A 1530 8.53 1.62 -22.61
C LEU A 1530 8.36 0.12 -22.79
N ARG A 1531 7.19 -0.40 -22.41
CA ARG A 1531 6.88 -1.82 -22.43
C ARG A 1531 5.69 -2.03 -23.35
N ARG A 1532 5.97 -2.30 -24.62
CA ARG A 1532 4.94 -2.57 -25.62
C ARG A 1532 4.98 -4.04 -25.98
N LEU A 1533 3.86 -4.73 -25.80
CA LEU A 1533 3.77 -6.15 -26.10
C LEU A 1533 3.83 -6.36 -27.62
N LYS A 1534 4.34 -7.53 -28.00
CA LYS A 1534 4.42 -7.90 -29.41
C LYS A 1534 3.09 -8.37 -29.98
N GLU A 1535 2.13 -8.72 -29.12
CA GLU A 1535 0.95 -9.46 -29.52
C GLU A 1535 -0.31 -8.61 -29.63
N GLU A 1536 -0.58 -7.77 -28.62
CA GLU A 1536 -1.88 -7.12 -28.54
C GLU A 1536 -2.03 -6.01 -29.57
N VAL A 1537 -1.15 -5.02 -29.52
CA VAL A 1537 -1.26 -3.89 -30.45
C VAL A 1537 -0.02 -3.79 -31.33
N PRO A 1543 0.62 -14.44 -39.46
CA PRO A 1543 1.49 -15.60 -39.74
C PRO A 1543 2.69 -15.65 -38.81
N LYS A 1544 3.16 -16.85 -38.48
CA LYS A 1544 4.31 -17.01 -37.62
C LYS A 1544 5.54 -16.33 -38.23
N ILE A 1545 6.31 -15.66 -37.39
CA ILE A 1545 7.40 -14.80 -37.83
C ILE A 1545 8.71 -15.60 -37.80
N LEU A 1546 9.30 -15.81 -38.96
CA LEU A 1546 10.63 -16.41 -39.03
C LEU A 1546 11.70 -15.34 -38.80
N GLN A 1547 12.87 -15.80 -38.36
CA GLN A 1547 13.94 -14.88 -38.01
C GLN A 1547 15.25 -15.67 -37.94
N ASN A 1548 16.35 -14.94 -38.08
CA ASN A 1548 17.70 -15.52 -38.04
C ASN A 1548 18.47 -14.87 -36.91
N TYR A 1549 18.99 -15.69 -36.01
CA TYR A 1549 19.87 -15.24 -34.93
C TYR A 1549 21.29 -15.59 -35.31
N TYR A 1550 22.13 -14.58 -35.49
CA TYR A 1550 23.48 -14.77 -36.00
C TYR A 1550 24.50 -14.78 -34.88
N CYS A 1551 25.49 -15.65 -35.00
CA CYS A 1551 26.61 -15.70 -34.07
C CYS A 1551 27.89 -15.94 -34.85
N ASP A 1552 29.02 -15.60 -34.23
CA ASP A 1552 30.32 -15.67 -34.89
C ASP A 1552 31.04 -16.98 -34.59
N LEU A 1553 31.89 -17.39 -35.51
CA LEU A 1553 32.72 -18.56 -35.31
C LEU A 1553 33.77 -18.31 -34.24
N SER A 1554 34.23 -19.40 -33.62
CA SER A 1554 35.24 -19.30 -32.59
C SER A 1554 36.64 -19.52 -33.19
N ASP A 1555 37.67 -19.34 -32.34
CA ASP A 1555 39.03 -19.59 -32.80
C ASP A 1555 39.24 -21.05 -33.15
N LEU A 1556 38.68 -21.97 -32.35
CA LEU A 1556 38.84 -23.38 -32.62
C LEU A 1556 38.09 -23.79 -33.90
N GLN A 1557 36.89 -23.24 -34.11
CA GLN A 1557 36.14 -23.58 -35.31
C GLN A 1557 36.86 -23.09 -36.57
N ARG A 1558 37.44 -21.89 -36.52
CA ARG A 1558 38.19 -21.40 -37.68
C ARG A 1558 39.43 -22.25 -37.92
N LYS A 1559 40.08 -22.71 -36.86
CA LYS A 1559 41.22 -23.61 -37.02
C LYS A 1559 40.79 -24.94 -37.63
N LEU A 1560 39.65 -25.48 -37.20
CA LEU A 1560 39.20 -26.77 -37.70
C LEU A 1560 38.61 -26.67 -39.10
N PHE A 1561 38.08 -25.51 -39.48
CA PHE A 1561 37.65 -25.30 -40.86
C PHE A 1561 38.85 -25.20 -41.79
N GLU A 1562 39.92 -24.54 -41.34
CA GLU A 1562 41.09 -24.36 -42.19
C GLU A 1562 41.85 -25.67 -42.36
N ASP A 1563 41.89 -26.50 -41.31
CA ASP A 1563 42.55 -27.78 -41.40
C ASP A 1563 41.79 -28.74 -42.31
N PHE A 1564 40.47 -28.60 -42.38
CA PHE A 1564 39.67 -29.44 -43.27
C PHE A 1564 39.96 -29.14 -44.73
N THR A 1565 39.93 -27.86 -45.10
CA THR A 1565 40.14 -27.46 -46.49
C THR A 1565 41.58 -27.67 -46.94
N LYS A 1566 42.51 -27.98 -46.04
CA LYS A 1566 43.88 -28.22 -46.46
C LYS A 1566 44.06 -29.64 -46.99
N ARG A 1567 43.39 -30.63 -46.38
CA ARG A 1567 43.44 -32.00 -46.86
C ARG A 1567 42.32 -32.26 -47.85
N GLU A 1568 41.08 -32.24 -47.36
CA GLU A 1568 39.93 -32.61 -48.18
C GLU A 1568 39.72 -31.64 -49.34
N GLY A 1569 40.14 -30.38 -49.16
CA GLY A 1569 39.94 -29.39 -50.21
C GLY A 1569 40.59 -29.76 -51.53
N LYS A 1570 41.65 -30.57 -51.48
CA LYS A 1570 42.30 -31.01 -52.71
C LYS A 1570 41.37 -31.91 -53.53
N LYS A 1571 40.73 -32.88 -52.87
CA LYS A 1571 39.85 -33.81 -53.57
C LYS A 1571 38.46 -33.24 -53.82
N ILE A 1572 38.05 -32.21 -53.07
CA ILE A 1572 36.73 -31.61 -53.29
C ILE A 1572 36.63 -31.02 -54.69
N THR A 1573 37.73 -30.51 -55.23
CA THR A 1573 37.72 -30.00 -56.60
C THR A 1573 37.49 -31.11 -57.61
N GLU A 1574 38.02 -32.32 -57.35
CA GLU A 1574 37.81 -33.43 -58.26
C GLU A 1574 36.34 -33.86 -58.28
N THR A 1575 35.79 -34.16 -57.11
CA THR A 1575 34.48 -34.79 -56.99
C THR A 1575 33.32 -33.81 -57.05
N ALA A 1576 33.58 -32.51 -57.22
CA ALA A 1576 32.52 -31.51 -57.17
C ALA A 1576 31.52 -31.69 -58.30
N GLY A 1577 31.92 -31.37 -59.53
CA GLY A 1577 30.99 -31.41 -60.65
C GLY A 1577 31.03 -32.70 -61.45
N ARG A 1578 31.28 -33.83 -60.78
CA ARG A 1578 31.33 -35.11 -61.48
C ARG A 1578 29.93 -35.59 -61.86
N ASP A 1579 28.95 -35.39 -60.97
CA ASP A 1579 27.66 -36.05 -61.02
C ASP A 1579 27.80 -37.57 -61.01
N ASP A 1580 28.90 -38.06 -60.44
CA ASP A 1580 29.23 -39.48 -60.42
C ASP A 1580 28.53 -40.15 -59.24
N LYS A 1581 28.73 -41.46 -59.11
CA LYS A 1581 28.13 -42.24 -58.03
C LYS A 1581 28.74 -41.86 -56.69
N GLU A 1582 29.95 -42.36 -56.41
CA GLU A 1582 30.60 -42.11 -55.13
C GLU A 1582 31.12 -40.69 -54.99
N ALA A 1583 31.19 -39.92 -56.08
CA ALA A 1583 31.61 -38.53 -55.98
C ALA A 1583 30.57 -37.70 -55.24
N LYS A 1584 29.30 -37.85 -55.61
CA LYS A 1584 28.22 -37.17 -54.89
C LYS A 1584 28.08 -37.68 -53.46
N GLN A 1585 28.61 -38.87 -53.17
CA GLN A 1585 28.61 -39.36 -51.79
C GLN A 1585 29.74 -38.76 -50.98
N HIS A 1586 30.89 -38.49 -51.61
CA HIS A 1586 32.00 -37.86 -50.89
C HIS A 1586 31.70 -36.40 -50.61
N ILE A 1587 31.02 -35.71 -51.53
CA ILE A 1587 30.71 -34.30 -51.34
C ILE A 1587 29.66 -34.13 -50.26
N PHE A 1588 28.68 -35.04 -50.19
CA PHE A 1588 27.61 -34.92 -49.22
C PHE A 1588 28.13 -35.11 -47.80
N GLN A 1589 28.86 -36.21 -47.56
CA GLN A 1589 29.40 -36.44 -46.22
C GLN A 1589 30.52 -35.46 -45.87
N ALA A 1590 31.10 -34.79 -46.86
CA ALA A 1590 31.99 -33.68 -46.55
C ALA A 1590 31.20 -32.45 -46.10
N LEU A 1591 29.99 -32.28 -46.63
CA LEU A 1591 29.12 -31.21 -46.14
C LEU A 1591 28.57 -31.53 -44.75
N GLN A 1592 28.36 -32.82 -44.46
CA GLN A 1592 27.90 -33.19 -43.12
C GLN A 1592 28.96 -32.88 -42.08
N TYR A 1593 30.24 -33.07 -42.42
CA TYR A 1593 31.31 -32.72 -41.50
C TYR A 1593 31.31 -31.23 -41.20
N MSE A 1594 30.96 -30.40 -42.17
CA MSE A 1594 30.97 -28.96 -41.98
C MSE A 1594 29.75 -28.48 -41.21
O MSE A 1594 29.87 -27.68 -40.29
CB MSE A 1594 31.06 -28.24 -43.32
CG MSE A 1594 32.47 -28.12 -43.86
SE MSE A 1594 32.58 -26.92 -45.39
CE MSE A 1594 34.51 -26.65 -45.40
N ARG A 1595 28.57 -28.97 -41.60
CA ARG A 1595 27.36 -28.57 -40.88
C ARG A 1595 27.41 -29.01 -39.42
N LYS A 1596 28.10 -30.12 -39.13
CA LYS A 1596 28.29 -30.52 -37.73
C LYS A 1596 29.30 -29.61 -37.05
N LEU A 1597 30.35 -29.19 -37.75
CA LEU A 1597 31.35 -28.32 -37.16
C LEU A 1597 30.79 -26.93 -36.87
N CYS A 1598 29.86 -26.46 -37.70
CA CYS A 1598 29.22 -25.17 -37.45
C CYS A 1598 28.43 -25.16 -36.16
N ASN A 1599 27.97 -26.32 -35.69
CA ASN A 1599 27.23 -26.42 -34.44
C ASN A 1599 28.16 -26.51 -33.23
N SER A 1600 29.08 -27.49 -33.22
CA SER A 1600 30.03 -27.59 -32.12
C SER A 1600 31.25 -28.35 -32.59
N PRO A 1601 32.46 -27.95 -32.20
CA PRO A 1601 33.65 -28.73 -32.56
C PRO A 1601 33.70 -30.10 -31.92
N ALA A 1602 32.99 -30.33 -30.82
CA ALA A 1602 32.97 -31.63 -30.16
C ALA A 1602 32.16 -32.66 -30.94
N LEU A 1603 31.38 -32.25 -31.94
CA LEU A 1603 30.66 -33.21 -32.76
C LEU A 1603 31.59 -33.89 -33.76
N VAL A 1604 32.61 -33.19 -34.23
CA VAL A 1604 33.51 -33.73 -35.24
C VAL A 1604 34.87 -34.14 -34.67
N MSE A 1605 35.30 -33.54 -33.56
CA MSE A 1605 36.59 -33.86 -32.99
C MSE A 1605 36.48 -35.04 -32.02
O MSE A 1605 36.50 -34.86 -30.80
CB MSE A 1605 37.20 -32.65 -32.29
CG MSE A 1605 38.69 -32.78 -32.01
SE MSE A 1605 39.70 -33.29 -33.60
CE MSE A 1605 39.08 -31.91 -34.83
N LYS A 1606 36.34 -36.24 -32.58
CA LYS A 1606 36.23 -37.46 -31.81
C LYS A 1606 37.47 -38.32 -32.01
N PRO A 1607 37.80 -39.19 -31.05
CA PRO A 1607 38.99 -40.03 -31.19
C PRO A 1607 38.97 -40.84 -32.47
N GLY A 1608 40.15 -40.99 -33.08
CA GLY A 1608 40.28 -41.59 -34.39
C GLY A 1608 40.47 -40.59 -35.51
N HIS A 1609 40.07 -39.35 -35.31
CA HIS A 1609 40.31 -38.30 -36.28
C HIS A 1609 41.81 -38.08 -36.44
N LYS A 1610 42.22 -37.68 -37.65
CA LYS A 1610 43.65 -37.53 -37.93
C LYS A 1610 44.27 -36.38 -37.15
N ALA A 1611 43.49 -35.35 -36.83
CA ALA A 1611 43.99 -34.17 -36.15
C ALA A 1611 43.67 -34.16 -34.66
N TYR A 1612 43.37 -35.32 -34.08
CA TYR A 1612 42.98 -35.37 -32.67
C TYR A 1612 44.17 -35.00 -31.77
N GLU A 1613 45.34 -35.60 -32.03
CA GLU A 1613 46.48 -35.34 -31.16
C GLU A 1613 47.01 -33.92 -31.34
N ASP A 1614 46.87 -33.34 -32.53
CA ASP A 1614 47.25 -31.95 -32.72
C ASP A 1614 46.27 -31.00 -32.05
N THR A 1615 44.98 -31.32 -32.11
CA THR A 1615 43.98 -30.44 -31.51
C THR A 1615 44.08 -30.43 -29.98
N GLN A 1616 44.36 -31.59 -29.38
CA GLN A 1616 44.53 -31.64 -27.94
C GLN A 1616 45.72 -30.82 -27.48
N LYS A 1617 46.76 -30.71 -28.33
CA LYS A 1617 47.87 -29.82 -28.01
C LYS A 1617 47.43 -28.37 -28.02
N TYR A 1618 46.66 -27.97 -29.05
CA TYR A 1618 46.17 -26.61 -29.13
C TYR A 1618 45.27 -26.27 -27.94
N LEU A 1619 44.36 -27.17 -27.58
CA LEU A 1619 43.49 -26.93 -26.44
C LEU A 1619 44.28 -26.89 -25.13
N ALA A 1620 45.39 -27.64 -25.06
CA ALA A 1620 46.19 -27.65 -23.84
C ALA A 1620 47.06 -26.40 -23.74
N LYS A 1621 47.64 -25.95 -24.85
CA LYS A 1621 48.48 -24.75 -24.82
C LYS A 1621 47.66 -23.53 -24.41
N HIS A 1622 46.40 -23.47 -24.81
CA HIS A 1622 45.51 -22.40 -24.40
C HIS A 1622 44.75 -22.72 -23.11
N GLY A 1623 44.92 -23.92 -22.57
CA GLY A 1623 44.32 -24.28 -21.30
C GLY A 1623 42.81 -24.35 -21.31
N THR A 1624 42.24 -25.06 -22.28
CA THR A 1624 40.80 -25.26 -22.37
C THR A 1624 40.53 -26.73 -22.69
N THR A 1625 39.25 -27.08 -22.72
CA THR A 1625 38.80 -28.41 -23.10
C THR A 1625 37.98 -28.32 -24.38
N LEU A 1626 37.72 -29.49 -24.97
CA LEU A 1626 36.94 -29.53 -26.21
C LEU A 1626 35.47 -29.23 -25.93
N GLU A 1627 34.93 -29.76 -24.84
CA GLU A 1627 33.54 -29.53 -24.46
C GLU A 1627 33.33 -28.18 -23.78
N ASP A 1628 34.33 -27.31 -23.80
CA ASP A 1628 34.17 -25.95 -23.28
C ASP A 1628 33.11 -25.24 -24.11
N PRO A 1629 32.07 -24.69 -23.49
CA PRO A 1629 30.98 -24.06 -24.27
C PRO A 1629 31.43 -22.88 -25.13
N ILE A 1630 32.60 -22.30 -24.88
CA ILE A 1630 33.03 -21.13 -25.65
C ILE A 1630 33.44 -21.50 -27.08
N HIS A 1631 33.69 -22.78 -27.35
CA HIS A 1631 34.03 -23.21 -28.70
C HIS A 1631 32.81 -23.48 -29.55
N ALA A 1632 31.64 -23.65 -28.94
CA ALA A 1632 30.36 -23.80 -29.64
C ALA A 1632 29.53 -22.54 -29.40
N PRO A 1633 29.65 -21.52 -30.27
CA PRO A 1633 28.97 -20.25 -30.02
C PRO A 1633 27.44 -20.34 -30.11
N LYS A 1634 26.89 -21.44 -30.63
CA LYS A 1634 25.44 -21.58 -30.63
C LYS A 1634 24.90 -21.78 -29.22
N LEU A 1635 25.71 -22.36 -28.33
CA LEU A 1635 25.28 -22.49 -26.94
C LEU A 1635 25.19 -21.13 -26.26
N GLY A 1636 26.17 -20.26 -26.50
CA GLY A 1636 26.11 -18.92 -25.93
C GLY A 1636 25.03 -18.06 -26.57
N ALA A 1637 24.81 -18.24 -27.88
CA ALA A 1637 23.74 -17.52 -28.55
C ALA A 1637 22.37 -18.00 -28.11
N LEU A 1638 22.27 -19.20 -27.54
CA LEU A 1638 20.98 -19.72 -27.10
C LEU A 1638 20.59 -19.17 -25.74
N ARG A 1639 21.57 -18.97 -24.84
CA ARG A 1639 21.24 -18.40 -23.54
C ARG A 1639 20.90 -16.93 -23.63
N ASP A 1640 21.49 -16.21 -24.59
CA ASP A 1640 21.14 -14.80 -24.78
C ASP A 1640 19.76 -14.67 -25.41
N LEU A 1641 19.42 -15.57 -26.33
CA LEU A 1641 18.08 -15.55 -26.91
C LEU A 1641 17.02 -15.93 -25.87
N LEU A 1642 17.40 -16.73 -24.87
CA LEU A 1642 16.44 -17.13 -23.85
C LEU A 1642 16.26 -16.06 -22.79
N VAL A 1643 17.29 -15.28 -22.48
CA VAL A 1643 17.14 -14.19 -21.51
C VAL A 1643 16.49 -12.97 -22.14
N ASP A 1644 16.47 -12.86 -23.46
CA ASP A 1644 15.76 -11.78 -24.12
C ASP A 1644 14.29 -12.08 -24.32
N CYS A 1645 13.85 -13.31 -24.03
CA CYS A 1645 12.45 -13.69 -24.05
C CYS A 1645 11.87 -13.80 -22.65
N GLY A 1646 12.60 -13.39 -21.63
CA GLY A 1646 12.14 -13.48 -20.26
C GLY A 1646 12.05 -14.88 -19.70
N ILE A 1647 12.46 -15.89 -20.46
CA ILE A 1647 12.41 -17.28 -19.99
C ILE A 1647 13.48 -17.49 -18.94
N GLY A 1648 14.74 -17.43 -19.34
CA GLY A 1648 15.84 -17.65 -18.44
C GLY A 1648 16.27 -16.36 -17.75
N VAL A 1649 16.63 -16.49 -16.48
CA VAL A 1649 17.18 -15.38 -15.71
C VAL A 1649 18.49 -15.85 -15.09
N GLU A 1650 19.39 -14.91 -14.85
CA GLU A 1650 20.69 -15.23 -14.29
C GLU A 1650 20.74 -14.98 -12.78
N ASP A 1656 10.75 -18.11 -5.64
CA ASP A 1656 9.38 -18.39 -5.26
C ASP A 1656 8.42 -17.99 -6.37
N PRO A 1657 7.31 -18.72 -6.51
CA PRO A 1657 6.30 -18.34 -7.52
C PRO A 1657 5.52 -17.11 -7.15
N LEU A 1658 5.59 -16.68 -5.89
CA LEU A 1658 4.74 -15.60 -5.39
C LEU A 1658 5.21 -14.24 -5.89
N TYR A 1659 6.35 -13.77 -5.38
CA TYR A 1659 6.78 -12.40 -5.63
C TYR A 1659 7.48 -12.22 -6.97
N THR A 1660 7.91 -13.31 -7.61
CA THR A 1660 8.54 -13.17 -8.92
C THR A 1660 7.48 -13.03 -10.01
N PRO A 1661 7.70 -12.17 -10.99
CA PRO A 1661 6.68 -11.93 -12.02
C PRO A 1661 6.49 -13.13 -12.93
N ILE A 1662 5.37 -13.10 -13.65
CA ILE A 1662 5.02 -14.18 -14.56
C ILE A 1662 5.88 -14.08 -15.81
N LYS A 1663 6.52 -15.18 -16.19
CA LYS A 1663 7.36 -15.18 -17.38
C LYS A 1663 6.48 -15.09 -18.62
N PRO A 1664 6.83 -14.25 -19.59
CA PRO A 1664 5.91 -13.95 -20.70
C PRO A 1664 5.89 -14.97 -21.82
N HIS A 1665 6.87 -15.87 -21.90
CA HIS A 1665 6.96 -16.77 -23.04
C HIS A 1665 7.36 -18.16 -22.60
N ARG A 1666 7.01 -19.14 -23.44
CA ARG A 1666 7.48 -20.50 -23.33
C ARG A 1666 8.02 -20.93 -24.68
N ALA A 1667 9.07 -21.76 -24.66
CA ALA A 1667 9.82 -22.04 -25.87
C ALA A 1667 9.89 -23.53 -26.18
N LEU A 1668 10.00 -23.82 -27.48
CA LEU A 1668 10.38 -25.12 -27.99
C LEU A 1668 11.77 -25.00 -28.61
N ILE A 1669 12.61 -26.00 -28.37
CA ILE A 1669 14.00 -25.99 -28.85
C ILE A 1669 14.24 -27.25 -29.66
N PHE A 1670 14.50 -27.10 -30.95
CA PHE A 1670 14.64 -28.21 -31.87
C PHE A 1670 16.10 -28.45 -32.22
N CYS A 1671 16.45 -29.73 -32.34
CA CYS A 1671 17.78 -30.14 -32.78
C CYS A 1671 17.65 -31.38 -33.64
N GLN A 1672 18.66 -31.63 -34.47
CA GLN A 1672 18.65 -32.80 -35.34
C GLN A 1672 19.23 -34.03 -34.66
N MSE A 1673 20.23 -33.86 -33.82
CA MSE A 1673 20.94 -34.98 -33.23
C MSE A 1673 20.73 -35.06 -31.72
O MSE A 1673 20.57 -34.05 -31.04
CB MSE A 1673 22.44 -34.88 -33.53
CG MSE A 1673 22.77 -34.87 -35.02
SE MSE A 1673 24.63 -34.44 -35.37
CE MSE A 1673 25.45 -35.75 -34.16
N LYS A 1674 20.73 -36.29 -31.20
CA LYS A 1674 20.65 -36.51 -29.76
C LYS A 1674 21.89 -36.01 -29.03
N GLU A 1675 23.04 -35.95 -29.70
CA GLU A 1675 24.25 -35.47 -29.04
C GLU A 1675 24.21 -33.96 -28.84
N MSE A 1676 23.54 -33.24 -29.73
CA MSE A 1676 23.41 -31.79 -29.60
C MSE A 1676 22.47 -31.42 -28.47
O MSE A 1676 22.72 -30.48 -27.72
CB MSE A 1676 22.94 -31.18 -30.93
CG MSE A 1676 22.82 -29.65 -30.91
SE MSE A 1676 24.47 -28.73 -30.44
CE MSE A 1676 25.69 -29.63 -31.65
N LEU A 1677 21.37 -32.17 -28.34
CA LEU A 1677 20.42 -31.93 -27.26
C LEU A 1677 21.06 -32.13 -25.89
N ASP A 1678 22.03 -33.05 -25.78
CA ASP A 1678 22.72 -33.23 -24.52
C ASP A 1678 23.52 -31.99 -24.14
N MSE A 1679 24.15 -31.35 -25.12
CA MSE A 1679 24.90 -30.12 -24.87
C MSE A 1679 23.94 -28.99 -24.50
O MSE A 1679 24.17 -28.28 -23.53
CB MSE A 1679 25.72 -29.74 -26.09
CG MSE A 1679 26.79 -30.75 -26.45
SE MSE A 1679 27.74 -30.29 -28.09
CE MSE A 1679 28.90 -31.86 -28.19
N VAL A 1680 22.89 -28.84 -25.29
CA VAL A 1680 21.89 -27.80 -25.01
C VAL A 1680 21.30 -28.00 -23.62
N GLN A 1681 21.13 -29.25 -23.20
CA GLN A 1681 20.58 -29.51 -21.88
C GLN A 1681 21.64 -29.34 -20.79
N ASN A 1682 22.77 -30.03 -20.92
CA ASN A 1682 23.75 -30.05 -19.84
C ASN A 1682 24.54 -28.75 -19.72
N THR A 1683 24.57 -27.93 -20.77
CA THR A 1683 25.32 -26.67 -20.73
C THR A 1683 24.41 -25.47 -20.54
N VAL A 1684 23.41 -25.29 -21.40
CA VAL A 1684 22.59 -24.09 -21.37
C VAL A 1684 21.64 -24.12 -20.17
N LEU A 1685 20.87 -25.19 -20.04
CA LEU A 1685 19.80 -25.25 -19.05
C LEU A 1685 20.26 -25.76 -17.68
N LYS A 1686 21.49 -26.24 -17.56
CA LYS A 1686 22.00 -26.74 -16.29
C LYS A 1686 23.12 -25.86 -15.72
N GLN A 1687 24.10 -25.48 -16.55
CA GLN A 1687 25.18 -24.63 -16.08
C GLN A 1687 24.85 -23.15 -16.20
N MSE A 1688 24.24 -22.74 -17.31
CA MSE A 1688 24.03 -21.32 -17.59
C MSE A 1688 22.72 -20.79 -17.05
O MSE A 1688 22.68 -19.74 -16.41
CB MSE A 1688 24.12 -21.08 -19.11
CG MSE A 1688 25.52 -21.29 -19.68
SE MSE A 1688 25.56 -21.30 -21.63
CE MSE A 1688 27.50 -21.32 -21.90
N LEU A 1689 21.62 -21.50 -17.31
CA LEU A 1689 20.27 -21.09 -16.90
C LEU A 1689 19.68 -22.18 -16.01
N PRO A 1690 20.10 -22.26 -14.74
CA PRO A 1690 19.60 -23.32 -13.87
C PRO A 1690 18.17 -23.10 -13.38
N SER A 1691 17.67 -21.86 -13.42
CA SER A 1691 16.34 -21.56 -12.93
C SER A 1691 15.24 -21.92 -13.91
N VAL A 1692 15.58 -22.44 -15.09
CA VAL A 1692 14.60 -22.74 -16.13
C VAL A 1692 14.08 -24.15 -15.93
N SER A 1693 12.76 -24.31 -15.97
CA SER A 1693 12.11 -25.61 -15.90
C SER A 1693 11.90 -26.14 -17.31
N TYR A 1694 12.32 -27.38 -17.55
CA TYR A 1694 12.31 -27.90 -18.91
C TYR A 1694 11.98 -29.39 -18.90
N LEU A 1695 11.62 -29.88 -20.10
CA LEU A 1695 11.42 -31.30 -20.35
C LEU A 1695 12.07 -31.63 -21.69
N ARG A 1696 12.56 -32.86 -21.81
CA ARG A 1696 13.23 -33.29 -23.02
C ARG A 1696 12.49 -34.45 -23.66
N LEU A 1697 12.59 -34.55 -24.99
CA LEU A 1697 11.89 -35.56 -25.77
C LEU A 1697 12.86 -36.13 -26.80
N ASP A 1698 13.20 -37.40 -26.65
CA ASP A 1698 14.05 -38.11 -27.60
C ASP A 1698 13.26 -39.24 -28.25
N GLY A 1699 13.77 -39.70 -29.39
CA GLY A 1699 13.31 -40.97 -29.92
C GLY A 1699 13.71 -42.14 -29.06
N SER A 1700 14.73 -41.97 -28.22
CA SER A 1700 15.13 -43.00 -27.27
C SER A 1700 14.08 -43.20 -26.18
N VAL A 1701 13.40 -42.13 -25.79
CA VAL A 1701 12.38 -42.23 -24.75
C VAL A 1701 11.21 -43.08 -25.26
N GLU A 1702 10.61 -43.84 -24.35
CA GLU A 1702 9.49 -44.70 -24.68
C GLU A 1702 8.37 -43.92 -25.34
N ALA A 1703 7.73 -44.53 -26.34
CA ALA A 1703 6.55 -43.92 -26.94
C ALA A 1703 5.39 -43.82 -25.97
N ASN A 1704 5.47 -44.52 -24.84
CA ASN A 1704 4.46 -44.44 -23.79
C ASN A 1704 4.79 -43.38 -22.74
N LYS A 1705 6.07 -43.26 -22.38
CA LYS A 1705 6.46 -42.23 -21.43
C LYS A 1705 6.54 -40.85 -22.09
N ARG A 1706 6.81 -40.79 -23.38
CA ARG A 1706 6.87 -39.49 -24.06
C ARG A 1706 5.49 -38.83 -24.08
N GLN A 1707 4.42 -39.62 -24.11
CA GLN A 1707 3.08 -39.06 -24.03
C GLN A 1707 2.79 -38.50 -22.64
N ASP A 1708 3.51 -38.97 -21.62
CA ASP A 1708 3.31 -38.45 -20.26
C ASP A 1708 3.82 -37.02 -20.15
N ILE A 1709 5.07 -36.78 -20.56
CA ILE A 1709 5.67 -35.46 -20.39
C ILE A 1709 5.11 -34.46 -21.40
N VAL A 1710 4.58 -34.93 -22.54
CA VAL A 1710 3.87 -34.02 -23.43
C VAL A 1710 2.58 -33.52 -22.77
N ASN A 1711 1.94 -34.37 -21.96
CA ASN A 1711 0.78 -33.92 -21.21
C ASN A 1711 1.15 -32.88 -20.17
N LYS A 1712 2.24 -33.12 -19.43
CA LYS A 1712 2.65 -32.18 -18.40
C LYS A 1712 3.01 -30.82 -18.98
N PHE A 1713 3.42 -30.78 -20.24
CA PHE A 1713 3.75 -29.49 -20.86
C PHE A 1713 2.48 -28.72 -21.24
N ASN A 1714 1.38 -29.42 -21.50
CA ASN A 1714 0.11 -28.76 -21.82
C ASN A 1714 -0.80 -28.58 -20.61
N SER A 1715 -0.57 -29.33 -19.53
CA SER A 1715 -1.39 -29.19 -18.32
C SER A 1715 -0.77 -28.24 -17.30
N ASP A 1716 0.55 -28.08 -17.30
CA ASP A 1716 1.24 -27.21 -16.37
C ASP A 1716 1.96 -26.12 -17.14
N PRO A 1717 1.46 -24.88 -17.13
CA PRO A 1717 2.09 -23.81 -17.92
C PRO A 1717 3.36 -23.26 -17.33
N SER A 1718 3.86 -23.81 -16.23
CA SER A 1718 5.08 -23.33 -15.60
C SER A 1718 6.33 -24.03 -16.12
N TYR A 1719 6.20 -24.89 -17.14
CA TYR A 1719 7.35 -25.46 -17.82
C TYR A 1719 7.80 -24.48 -18.89
N ASP A 1720 8.98 -23.89 -18.69
CA ASP A 1720 9.43 -22.80 -19.56
C ASP A 1720 9.77 -23.31 -20.96
N VAL A 1721 10.60 -24.34 -21.04
CA VAL A 1721 11.13 -24.81 -22.31
C VAL A 1721 10.84 -26.30 -22.45
N LEU A 1722 10.63 -26.74 -23.70
CA LEU A 1722 10.51 -28.16 -24.03
C LEU A 1722 11.58 -28.49 -25.06
N LEU A 1723 12.63 -29.18 -24.62
CA LEU A 1723 13.65 -29.67 -25.54
C LEU A 1723 13.16 -30.90 -26.28
N LEU A 1724 13.47 -30.98 -27.57
CA LEU A 1724 13.08 -32.12 -28.37
C LEU A 1724 13.83 -32.08 -29.69
N THR A 1725 13.90 -33.24 -30.34
CA THR A 1725 14.50 -33.36 -31.66
C THR A 1725 13.42 -33.37 -32.73
N THR A 1726 13.81 -33.01 -33.96
CA THR A 1726 12.86 -32.94 -35.06
C THR A 1726 12.31 -34.32 -35.46
N SER A 1727 12.87 -35.40 -34.93
CA SER A 1727 12.35 -36.73 -35.24
C SER A 1727 11.04 -36.98 -34.51
N VAL A 1728 11.00 -36.66 -33.21
CA VAL A 1728 9.78 -36.88 -32.44
C VAL A 1728 8.75 -35.80 -32.70
N GLY A 1729 9.15 -34.64 -33.21
CA GLY A 1729 8.18 -33.59 -33.52
C GLY A 1729 7.24 -33.96 -34.63
N GLY A 1730 7.65 -34.86 -35.52
CA GLY A 1730 6.82 -35.29 -36.62
C GLY A 1730 5.92 -36.46 -36.28
N LEU A 1731 5.73 -36.72 -34.99
CA LEU A 1731 4.90 -37.83 -34.52
C LEU A 1731 3.46 -37.43 -34.25
N GLY A 1732 3.05 -36.24 -34.66
CA GLY A 1732 1.67 -35.82 -34.54
C GLY A 1732 1.25 -35.33 -33.17
N LEU A 1733 2.13 -35.39 -32.17
CA LEU A 1733 1.81 -34.83 -30.86
C LEU A 1733 1.52 -33.34 -30.99
N ASN A 1734 0.46 -32.89 -30.34
CA ASN A 1734 0.00 -31.51 -30.48
C ASN A 1734 0.22 -30.75 -29.17
N LEU A 1735 0.85 -29.58 -29.28
CA LEU A 1735 1.13 -28.71 -28.15
C LEU A 1735 0.43 -27.37 -28.36
N THR A 1736 0.06 -26.74 -27.26
CA THR A 1736 -0.64 -25.45 -27.31
C THR A 1736 0.04 -24.34 -26.53
N GLY A 1737 0.68 -24.66 -25.41
CA GLY A 1737 1.32 -23.64 -24.59
C GLY A 1737 2.56 -23.03 -25.17
N ALA A 1738 2.99 -23.45 -26.36
CA ALA A 1738 4.20 -22.93 -26.96
C ALA A 1738 3.97 -21.55 -27.55
N ASP A 1739 4.91 -20.64 -27.31
CA ASP A 1739 4.86 -19.28 -27.83
C ASP A 1739 6.08 -18.92 -28.68
N THR A 1740 7.21 -19.58 -28.48
CA THR A 1740 8.44 -19.32 -29.21
C THR A 1740 9.06 -20.65 -29.59
N VAL A 1741 9.64 -20.71 -30.79
CA VAL A 1741 10.32 -21.92 -31.27
C VAL A 1741 11.71 -21.53 -31.75
N ILE A 1742 12.72 -22.24 -31.25
CA ILE A 1742 14.11 -21.98 -31.59
C ILE A 1742 14.70 -23.20 -32.27
N PHE A 1743 15.44 -22.98 -33.34
CA PHE A 1743 16.11 -24.04 -34.09
C PHE A 1743 17.62 -23.88 -33.94
N VAL A 1744 18.26 -24.86 -33.32
CA VAL A 1744 19.71 -24.83 -33.17
C VAL A 1744 20.40 -25.55 -34.33
N GLU A 1745 19.90 -26.72 -34.73
CA GLU A 1745 20.38 -27.43 -35.89
C GLU A 1745 19.33 -27.40 -36.99
N HIS A 1746 19.79 -27.47 -38.24
CA HIS A 1746 18.91 -27.32 -39.39
C HIS A 1746 19.08 -28.49 -40.34
N ASP A 1747 17.98 -28.86 -40.99
CA ASP A 1747 18.00 -29.87 -42.04
C ASP A 1747 18.31 -29.22 -43.38
N TRP A 1748 18.86 -30.02 -44.30
CA TRP A 1748 19.19 -29.48 -45.62
C TRP A 1748 17.95 -29.02 -46.36
N ASN A 1749 16.81 -29.67 -46.13
CA ASN A 1749 15.54 -29.22 -46.67
C ASN A 1749 14.86 -28.33 -45.64
N PRO A 1750 14.88 -27.01 -45.85
CA PRO A 1750 14.41 -26.09 -44.79
C PRO A 1750 12.93 -26.22 -44.45
N GLN A 1751 12.15 -26.94 -45.25
CA GLN A 1751 10.74 -27.13 -44.93
C GLN A 1751 10.50 -28.37 -44.08
N LYS A 1752 11.48 -29.27 -43.98
CA LYS A 1752 11.36 -30.38 -43.03
C LYS A 1752 11.41 -29.86 -41.60
N ASP A 1753 12.07 -28.74 -41.36
CA ASP A 1753 11.99 -28.08 -40.06
C ASP A 1753 10.65 -27.39 -39.87
N LEU A 1754 10.06 -26.87 -40.94
CA LEU A 1754 8.74 -26.29 -40.86
C LEU A 1754 7.66 -27.35 -40.63
N GLN A 1755 7.86 -28.55 -41.17
CA GLN A 1755 6.90 -29.63 -40.97
C GLN A 1755 6.85 -30.07 -39.52
N ALA A 1756 8.01 -30.48 -38.98
CA ALA A 1756 8.05 -31.03 -37.62
C ALA A 1756 7.60 -30.02 -36.58
N MSE A 1757 7.77 -28.73 -36.85
CA MSE A 1757 7.31 -27.69 -35.95
C MSE A 1757 5.78 -27.61 -35.94
O MSE A 1757 5.14 -27.71 -34.89
CB MSE A 1757 7.90 -26.33 -36.34
CG MSE A 1757 7.28 -25.15 -35.60
SE MSE A 1757 7.88 -23.45 -36.31
CE MSE A 1757 7.34 -23.69 -38.17
N ASP A 1758 5.20 -27.44 -37.14
CA ASP A 1758 3.75 -27.36 -37.24
C ASP A 1758 3.08 -28.69 -36.91
N ARG A 1759 3.77 -29.81 -37.17
CA ARG A 1759 3.22 -31.11 -36.82
C ARG A 1759 3.18 -31.31 -35.32
N ALA A 1760 4.11 -30.70 -34.58
CA ALA A 1760 4.15 -30.79 -33.13
C ALA A 1760 3.42 -29.64 -32.44
N HIS A 1761 2.58 -28.91 -33.18
CA HIS A 1761 1.91 -27.75 -32.62
C HIS A 1761 0.40 -27.80 -32.86
N GLN A 1765 -4.35 -21.29 -34.08
CA GLN A 1765 -3.70 -20.76 -32.88
C GLN A 1765 -4.11 -19.31 -32.61
N LYS A 1766 -4.15 -18.95 -31.33
CA LYS A 1766 -4.58 -17.62 -30.93
C LYS A 1766 -3.45 -16.60 -31.10
N LYS A 1767 -2.27 -16.90 -30.57
CA LYS A 1767 -1.17 -15.96 -30.53
C LYS A 1767 -0.33 -16.04 -31.80
N VAL A 1768 0.74 -15.24 -31.83
CA VAL A 1768 1.74 -15.27 -32.89
C VAL A 1768 2.93 -16.07 -32.39
N VAL A 1769 3.54 -16.85 -33.27
CA VAL A 1769 4.66 -17.73 -32.94
C VAL A 1769 5.94 -17.11 -33.48
N ASN A 1770 6.97 -17.06 -32.65
CA ASN A 1770 8.28 -16.57 -33.04
C ASN A 1770 9.20 -17.73 -33.35
N VAL A 1771 9.78 -17.73 -34.54
CA VAL A 1771 10.71 -18.77 -34.98
C VAL A 1771 12.08 -18.15 -35.15
N TYR A 1772 13.08 -18.73 -34.49
CA TYR A 1772 14.44 -18.23 -34.52
C TYR A 1772 15.37 -19.32 -35.04
N ARG A 1773 16.17 -18.97 -36.05
CA ARG A 1773 17.23 -19.83 -36.57
C ARG A 1773 18.57 -19.30 -36.07
N ILE A 1774 19.30 -20.13 -35.32
CA ILE A 1774 20.63 -19.78 -34.86
C ILE A 1774 21.62 -20.19 -35.94
N ILE A 1775 22.30 -19.20 -36.53
CA ILE A 1775 23.13 -19.42 -37.71
C ILE A 1775 24.49 -18.76 -37.48
N THR A 1776 25.56 -19.52 -37.72
CA THR A 1776 26.90 -18.96 -37.69
C THR A 1776 27.18 -18.21 -38.98
N ARG A 1777 27.60 -16.95 -38.85
CA ARG A 1777 27.83 -16.14 -40.03
C ARG A 1777 29.08 -16.58 -40.78
N GLY A 1778 29.02 -16.48 -42.11
CA GLY A 1778 30.16 -16.80 -42.96
C GLY A 1778 30.29 -18.26 -43.35
N THR A 1779 29.48 -19.15 -42.78
CA THR A 1779 29.56 -20.57 -43.06
C THR A 1779 28.55 -20.94 -44.14
N LEU A 1780 28.38 -22.25 -44.37
CA LEU A 1780 27.40 -22.70 -45.37
C LEU A 1780 25.97 -22.52 -44.88
N GLU A 1781 25.76 -22.39 -43.57
CA GLU A 1781 24.40 -22.14 -43.07
C GLU A 1781 23.87 -20.81 -43.57
N GLU A 1782 24.69 -19.77 -43.54
CA GLU A 1782 24.29 -18.48 -44.08
C GLU A 1782 24.14 -18.52 -45.59
N LYS A 1783 24.77 -19.48 -46.26
CA LYS A 1783 24.70 -19.61 -47.71
C LYS A 1783 23.58 -20.54 -48.16
N ILE A 1784 23.37 -21.66 -47.44
CA ILE A 1784 22.29 -22.57 -47.80
C ILE A 1784 20.94 -21.90 -47.61
N LEU A 1785 20.73 -21.28 -46.45
CA LEU A 1785 19.46 -20.65 -46.14
C LEU A 1785 19.20 -19.43 -47.01
N SER A 1786 20.23 -18.87 -47.62
CA SER A 1786 20.03 -17.74 -48.53
C SER A 1786 19.56 -18.20 -49.91
N LEU A 1787 19.94 -19.41 -50.32
CA LEU A 1787 19.75 -19.86 -51.71
C LEU A 1787 18.37 -20.48 -51.89
N GLN A 1788 17.38 -19.62 -52.10
CA GLN A 1788 16.07 -20.02 -52.59
C GLN A 1788 15.56 -19.01 -53.62
N MSE A 1809 22.31 -28.44 -58.19
CA MSE A 1809 22.95 -27.17 -57.90
C MSE A 1809 24.16 -26.96 -58.82
O MSE A 1809 24.83 -27.90 -59.22
CB MSE A 1809 23.37 -27.10 -56.43
CG MSE A 1809 23.87 -25.74 -55.97
SE MSE A 1809 24.44 -25.68 -54.11
CE MSE A 1809 22.72 -26.06 -53.26
N ASP A 1810 24.43 -25.68 -59.13
CA ASP A 1810 25.57 -25.35 -59.98
C ASP A 1810 26.87 -25.72 -59.29
N THR A 1811 27.87 -26.12 -60.09
CA THR A 1811 29.10 -26.70 -59.55
C THR A 1811 29.88 -25.67 -58.74
N ASP A 1812 30.15 -24.50 -59.32
CA ASP A 1812 30.92 -23.49 -58.60
C ASP A 1812 30.16 -22.93 -57.40
N GLN A 1813 28.83 -22.99 -57.42
CA GLN A 1813 28.06 -22.64 -56.23
C GLN A 1813 28.24 -23.69 -55.13
N ILE A 1814 28.48 -24.95 -55.51
CA ILE A 1814 28.80 -25.98 -54.53
C ILE A 1814 30.19 -25.73 -53.94
N LEU A 1815 31.16 -25.38 -54.79
CA LEU A 1815 32.52 -25.16 -54.32
C LEU A 1815 32.65 -23.94 -53.43
N ASP A 1816 31.68 -23.01 -53.48
CA ASP A 1816 31.72 -21.86 -52.59
C ASP A 1816 31.18 -22.18 -51.20
N LEU A 1817 30.54 -23.34 -51.01
CA LEU A 1817 30.12 -23.75 -49.68
C LEU A 1817 31.29 -24.11 -48.79
N PHE A 1818 32.47 -24.33 -49.37
CA PHE A 1818 33.66 -24.67 -48.61
C PHE A 1818 34.56 -23.46 -48.37
N ASN A 1819 34.02 -22.25 -48.47
CA ASN A 1819 34.77 -21.02 -48.27
C ASN A 1819 34.04 -20.16 -47.24
N LEU A 1820 34.78 -19.62 -46.28
CA LEU A 1820 34.23 -18.78 -45.24
C LEU A 1820 34.19 -17.32 -45.69
N GLY A 1821 33.10 -16.64 -45.38
CA GLY A 1821 32.95 -15.23 -45.71
C GLY A 1821 31.70 -14.92 -46.51
#